data_2JQ4
#
_entry.id   2JQ4
#
_entity_poly.entity_id   1
_entity_poly.type   'polypeptide(L)'
_entity_poly.pdbx_seq_one_letter_code
;MGSSHHHHHHSSGRENLYFQGHMNATIREILAKFGQLPTPVDTIADEADLYAAGLSSFASVQLMLGIEEAFDIEFPDNLL
NRKSFASIKAIEDTVKLILDGKEAA
;
_entity_poly.pdbx_strand_id   A
#
# COMPACT_ATOMS: atom_id res chain seq x y z
N MET A 23 -5.64 1.61 -8.72
CA MET A 23 -4.66 0.99 -7.79
C MET A 23 -4.71 1.63 -6.41
N ASN A 24 -4.75 2.95 -6.36
CA ASN A 24 -4.66 3.69 -5.09
C ASN A 24 -5.75 3.28 -4.09
N ALA A 25 -6.99 3.20 -4.56
CA ALA A 25 -8.10 2.79 -3.71
C ALA A 25 -7.95 1.32 -3.32
N THR A 26 -7.46 0.53 -4.28
CA THR A 26 -7.22 -0.90 -4.08
C THR A 26 -6.16 -1.13 -3.00
N ILE A 27 -5.13 -0.29 -3.00
CA ILE A 27 -4.01 -0.41 -2.08
C ILE A 27 -4.47 -0.24 -0.64
N ARG A 28 -5.30 0.77 -0.37
CA ARG A 28 -5.82 0.99 0.98
C ARG A 28 -6.90 -0.06 1.29
N GLU A 29 -7.56 -0.54 0.26
CA GLU A 29 -8.66 -1.50 0.39
C GLU A 29 -8.17 -2.85 0.91
N ILE A 30 -7.03 -3.31 0.38
CA ILE A 30 -6.53 -4.65 0.72
C ILE A 30 -6.35 -4.81 2.23
N LEU A 31 -6.00 -3.72 2.92
CA LEU A 31 -5.80 -3.76 4.37
C LEU A 31 -7.02 -4.36 5.08
N ALA A 32 -8.18 -4.26 4.44
CA ALA A 32 -9.42 -4.81 5.00
C ALA A 32 -9.41 -6.34 4.99
N LYS A 33 -8.91 -6.93 3.91
CA LYS A 33 -9.02 -8.38 3.70
C LYS A 33 -7.70 -9.12 4.01
N PHE A 34 -6.57 -8.48 3.75
CA PHE A 34 -5.25 -9.10 4.01
C PHE A 34 -4.52 -8.39 5.14
N GLY A 35 -4.66 -7.08 5.22
CA GLY A 35 -3.91 -6.31 6.19
C GLY A 35 -4.38 -6.52 7.61
N GLN A 36 -3.45 -6.84 8.49
CA GLN A 36 -3.75 -6.99 9.92
C GLN A 36 -3.89 -5.61 10.57
N LEU A 37 -4.90 -4.87 10.15
CA LEU A 37 -5.18 -3.55 10.71
C LEU A 37 -6.23 -3.69 11.81
N PRO A 38 -5.93 -3.23 13.04
CA PRO A 38 -6.84 -3.37 14.19
C PRO A 38 -7.96 -2.32 14.17
N THR A 39 -8.20 -1.77 12.99
CA THR A 39 -9.18 -0.72 12.80
C THR A 39 -9.74 -0.79 11.38
N PRO A 40 -11.06 -0.58 11.21
CA PRO A 40 -11.71 -0.66 9.90
C PRO A 40 -11.15 0.37 8.92
N VAL A 41 -10.81 -0.10 7.71
CA VAL A 41 -10.22 0.75 6.68
C VAL A 41 -11.15 1.90 6.30
N ASP A 42 -12.43 1.75 6.64
CA ASP A 42 -13.44 2.78 6.38
C ASP A 42 -13.03 4.14 6.95
N THR A 43 -12.32 4.13 8.07
CA THR A 43 -11.99 5.37 8.76
C THR A 43 -10.77 6.06 8.13
N ILE A 44 -9.97 5.31 7.39
CA ILE A 44 -8.74 5.86 6.80
C ILE A 44 -8.90 6.10 5.30
N ALA A 45 -7.99 6.88 4.74
CA ALA A 45 -8.03 7.28 3.34
C ALA A 45 -6.63 7.59 2.83
N ASP A 46 -6.54 7.99 1.57
CA ASP A 46 -5.26 8.31 0.94
C ASP A 46 -4.69 9.62 1.48
N GLU A 47 -5.59 10.49 1.96
CA GLU A 47 -5.21 11.75 2.56
C GLU A 47 -5.05 11.62 4.08
N ALA A 48 -5.12 10.39 4.58
CA ALA A 48 -4.99 10.12 6.01
C ALA A 48 -3.76 9.26 6.29
N ASP A 49 -3.22 9.38 7.49
CA ASP A 49 -2.06 8.60 7.92
C ASP A 49 -2.51 7.24 8.47
N LEU A 50 -2.28 6.20 7.68
CA LEU A 50 -2.77 4.85 7.99
C LEU A 50 -2.22 4.33 9.32
N TYR A 51 -1.03 4.79 9.71
CA TYR A 51 -0.42 4.33 10.96
C TYR A 51 -1.24 4.77 12.17
N ALA A 52 -2.06 5.80 11.98
CA ALA A 52 -2.98 6.26 13.03
C ALA A 52 -4.04 5.20 13.32
N ALA A 53 -4.36 4.39 12.30
CA ALA A 53 -5.33 3.31 12.44
C ALA A 53 -4.69 2.08 13.06
N GLY A 54 -3.37 2.11 13.18
CA GLY A 54 -2.64 1.01 13.80
C GLY A 54 -1.93 0.15 12.78
N LEU A 55 -1.54 0.77 11.65
CA LEU A 55 -0.81 0.07 10.61
C LEU A 55 0.53 -0.41 11.14
N SER A 56 0.66 -1.73 11.28
CA SER A 56 1.89 -2.35 11.73
C SER A 56 2.65 -2.93 10.56
N SER A 57 3.93 -3.24 10.77
CA SER A 57 4.76 -3.87 9.73
C SER A 57 4.15 -5.21 9.33
N PHE A 58 3.41 -5.81 10.26
CA PHE A 58 2.69 -7.06 9.98
C PHE A 58 1.57 -6.79 8.99
N ALA A 59 0.83 -5.72 9.20
CA ALA A 59 -0.28 -5.35 8.33
C ALA A 59 0.23 -4.97 6.94
N SER A 60 1.35 -4.25 6.90
CA SER A 60 1.90 -3.77 5.65
C SER A 60 2.48 -4.90 4.80
N VAL A 61 3.11 -5.88 5.45
CA VAL A 61 3.70 -7.00 4.70
C VAL A 61 2.61 -7.88 4.09
N GLN A 62 1.51 -8.06 4.81
CA GLN A 62 0.36 -8.81 4.28
C GLN A 62 -0.23 -8.05 3.11
N LEU A 63 -0.22 -6.72 3.23
CA LEU A 63 -0.64 -5.83 2.16
C LEU A 63 0.15 -6.12 0.88
N MET A 64 1.46 -6.30 1.02
CA MET A 64 2.34 -6.57 -0.12
C MET A 64 1.90 -7.84 -0.84
N LEU A 65 1.83 -8.93 -0.08
CA LEU A 65 1.56 -10.26 -0.63
C LEU A 65 0.29 -10.28 -1.47
N GLY A 66 -0.77 -9.66 -0.94
CA GLY A 66 -2.04 -9.66 -1.63
C GLY A 66 -2.10 -8.66 -2.77
N ILE A 67 -1.51 -7.48 -2.56
CA ILE A 67 -1.55 -6.41 -3.55
C ILE A 67 -0.80 -6.80 -4.82
N GLU A 68 0.23 -7.64 -4.67
CA GLU A 68 0.98 -8.12 -5.82
C GLU A 68 0.05 -8.86 -6.78
N GLU A 69 -0.63 -9.87 -6.27
CA GLU A 69 -1.55 -10.66 -7.09
C GLU A 69 -2.76 -9.81 -7.49
N ALA A 70 -3.12 -8.86 -6.63
CA ALA A 70 -4.29 -8.02 -6.84
C ALA A 70 -4.26 -7.30 -8.20
N PHE A 71 -3.14 -6.63 -8.53
CA PHE A 71 -3.05 -5.93 -9.82
C PHE A 71 -1.81 -6.30 -10.63
N ASP A 72 -0.67 -6.55 -9.97
CA ASP A 72 0.58 -6.84 -10.69
C ASP A 72 1.76 -7.13 -9.75
N ILE A 73 2.28 -6.08 -9.09
CA ILE A 73 3.45 -6.23 -8.20
C ILE A 73 3.21 -5.62 -6.84
N GLU A 74 4.12 -5.90 -5.90
CA GLU A 74 4.06 -5.34 -4.55
C GLU A 74 5.10 -4.23 -4.37
N PHE A 75 4.99 -3.51 -3.26
CA PHE A 75 5.83 -2.33 -2.99
C PHE A 75 7.30 -2.71 -2.75
N PRO A 76 8.22 -2.18 -3.58
CA PRO A 76 9.65 -2.43 -3.44
C PRO A 76 10.28 -1.66 -2.28
N ASP A 77 11.42 -2.14 -1.81
CA ASP A 77 12.13 -1.54 -0.65
C ASP A 77 12.35 -0.04 -0.84
N ASN A 78 12.62 0.35 -2.07
CA ASN A 78 12.95 1.74 -2.40
C ASN A 78 11.91 2.73 -1.84
N LEU A 79 10.66 2.29 -1.78
CA LEU A 79 9.58 3.13 -1.26
C LEU A 79 8.99 2.55 0.02
N LEU A 80 9.41 1.34 0.36
CA LEU A 80 8.90 0.64 1.55
C LEU A 80 9.34 1.40 2.80
N ASN A 81 10.64 1.48 3.02
CA ASN A 81 11.19 2.23 4.14
C ASN A 81 11.23 3.71 3.77
N ARG A 82 10.05 4.34 3.77
CA ARG A 82 9.91 5.72 3.30
C ARG A 82 8.58 6.31 3.79
N LYS A 83 8.49 7.64 3.73
CA LYS A 83 7.28 8.38 4.14
C LYS A 83 6.07 8.03 3.26
N SER A 84 6.30 7.29 2.19
CA SER A 84 5.28 6.98 1.19
C SER A 84 3.95 6.50 1.81
N PHE A 85 4.03 5.57 2.76
CA PHE A 85 2.83 4.99 3.37
C PHE A 85 2.00 6.02 4.14
N ALA A 86 2.59 7.18 4.41
CA ALA A 86 1.87 8.24 5.12
C ALA A 86 0.88 8.95 4.19
N SER A 87 0.94 8.61 2.91
CA SER A 87 0.04 9.18 1.91
C SER A 87 -0.11 8.24 0.70
N ILE A 88 -1.24 7.54 0.65
CA ILE A 88 -1.50 6.56 -0.40
C ILE A 88 -1.37 7.17 -1.81
N LYS A 89 -1.96 8.34 -2.01
CA LYS A 89 -1.92 8.99 -3.33
C LYS A 89 -0.47 9.25 -3.77
N ALA A 90 0.42 9.41 -2.81
CA ALA A 90 1.84 9.65 -3.11
C ALA A 90 2.54 8.35 -3.50
N ILE A 91 2.32 7.30 -2.70
CA ILE A 91 2.97 6.01 -2.93
C ILE A 91 2.42 5.34 -4.19
N GLU A 92 1.14 5.57 -4.49
CA GLU A 92 0.49 4.95 -5.63
C GLU A 92 1.12 5.45 -6.93
N ASP A 93 1.53 6.71 -6.95
CA ASP A 93 2.22 7.27 -8.11
C ASP A 93 3.57 6.59 -8.28
N THR A 94 4.23 6.31 -7.15
CA THR A 94 5.54 5.69 -7.16
C THR A 94 5.47 4.24 -7.62
N VAL A 95 4.38 3.54 -7.30
CA VAL A 95 4.19 2.18 -7.81
C VAL A 95 3.79 2.22 -9.28
N LYS A 96 3.11 3.30 -9.69
CA LYS A 96 2.72 3.48 -11.10
C LYS A 96 3.94 3.60 -12.02
N LEU A 97 4.97 4.33 -11.56
CA LEU A 97 6.17 4.51 -12.37
C LEU A 97 6.87 3.16 -12.59
N ILE A 98 6.70 2.25 -11.63
CA ILE A 98 7.21 0.88 -11.78
C ILE A 98 6.64 0.27 -13.07
N LEU A 99 5.32 0.33 -13.20
CA LEU A 99 4.63 -0.20 -14.38
C LEU A 99 5.18 0.41 -15.66
N ASP A 100 5.65 1.65 -15.57
CA ASP A 100 6.15 2.38 -16.74
C ASP A 100 7.37 1.70 -17.34
N GLY A 101 8.16 1.02 -16.49
CA GLY A 101 9.36 0.35 -16.96
C GLY A 101 9.81 -0.76 -16.02
N LYS A 102 8.90 -1.69 -15.74
CA LYS A 102 9.20 -2.83 -14.87
C LYS A 102 10.45 -3.56 -15.32
N GLU A 103 10.44 -4.01 -16.57
CA GLU A 103 11.54 -4.78 -17.14
C GLU A 103 12.81 -3.93 -17.32
N ALA A 104 12.67 -2.62 -17.11
CA ALA A 104 13.79 -1.69 -17.25
C ALA A 104 14.39 -1.36 -15.89
N ALA A 105 13.83 -1.96 -14.84
CA ALA A 105 14.33 -1.75 -13.48
C ALA A 105 15.40 -2.80 -13.14
N MET A 23 -5.62 0.50 -9.22
CA MET A 23 -4.46 0.39 -8.31
C MET A 23 -4.70 1.13 -6.99
N ASN A 24 -4.80 2.46 -7.03
CA ASN A 24 -4.92 3.25 -5.79
C ASN A 24 -6.06 2.73 -4.91
N ALA A 25 -7.27 2.67 -5.47
CA ALA A 25 -8.43 2.19 -4.74
C ALA A 25 -8.23 0.74 -4.32
N THR A 26 -7.65 -0.05 -5.22
CA THR A 26 -7.32 -1.45 -4.96
C THR A 26 -6.44 -1.58 -3.72
N ILE A 27 -5.47 -0.67 -3.60
CA ILE A 27 -4.51 -0.69 -2.51
C ILE A 27 -5.19 -0.39 -1.17
N ARG A 28 -5.89 0.74 -1.08
CA ARG A 28 -6.57 1.10 0.16
C ARG A 28 -7.67 0.10 0.49
N GLU A 29 -8.17 -0.59 -0.54
CA GLU A 29 -9.18 -1.62 -0.37
C GLU A 29 -8.60 -2.87 0.29
N ILE A 30 -7.39 -3.27 -0.14
CA ILE A 30 -6.80 -4.51 0.34
C ILE A 30 -6.62 -4.48 1.86
N LEU A 31 -6.38 -3.29 2.41
CA LEU A 31 -6.23 -3.11 3.86
C LEU A 31 -7.41 -3.74 4.62
N ALA A 32 -8.58 -3.76 3.99
CA ALA A 32 -9.79 -4.28 4.62
C ALA A 32 -9.82 -5.81 4.61
N LYS A 33 -9.20 -6.42 3.61
CA LYS A 33 -9.33 -7.86 3.37
C LYS A 33 -8.03 -8.62 3.66
N PHE A 34 -6.91 -7.90 3.73
CA PHE A 34 -5.62 -8.50 4.06
C PHE A 34 -4.95 -7.76 5.20
N GLY A 35 -5.14 -6.43 5.25
CA GLY A 35 -4.53 -5.62 6.28
C GLY A 35 -4.91 -6.07 7.68
N GLN A 36 -3.89 -6.31 8.50
CA GLN A 36 -4.11 -6.77 9.89
C GLN A 36 -4.36 -5.57 10.81
N LEU A 37 -5.04 -4.55 10.27
CA LEU A 37 -5.31 -3.32 11.00
C LEU A 37 -6.39 -3.56 12.06
N PRO A 38 -6.09 -3.28 13.35
CA PRO A 38 -7.05 -3.49 14.46
C PRO A 38 -8.13 -2.41 14.46
N THR A 39 -7.97 -1.45 13.57
CA THR A 39 -8.87 -0.33 13.43
C THR A 39 -9.52 -0.37 12.05
N PRO A 40 -10.81 0.00 11.95
CA PRO A 40 -11.54 -0.05 10.67
C PRO A 40 -10.92 0.86 9.61
N VAL A 41 -10.88 0.38 8.36
CA VAL A 41 -10.33 1.16 7.25
C VAL A 41 -11.26 2.32 6.91
N ASP A 42 -12.45 2.31 7.51
CA ASP A 42 -13.45 3.35 7.32
C ASP A 42 -13.09 4.55 8.18
N THR A 43 -12.23 4.29 9.14
CA THR A 43 -11.73 5.28 10.07
C THR A 43 -10.58 6.09 9.45
N ILE A 44 -9.92 5.50 8.46
CA ILE A 44 -8.80 6.15 7.76
C ILE A 44 -9.22 6.55 6.35
N ALA A 45 -8.23 6.95 5.53
CA ALA A 45 -8.49 7.40 4.16
C ALA A 45 -7.21 7.37 3.35
N ASP A 46 -7.33 7.59 2.04
CA ASP A 46 -6.19 7.56 1.11
C ASP A 46 -5.13 8.58 1.53
N GLU A 47 -5.56 9.64 2.19
CA GLU A 47 -4.69 10.74 2.58
C GLU A 47 -4.36 10.70 4.07
N ALA A 48 -4.76 9.63 4.74
CA ALA A 48 -4.56 9.51 6.18
C ALA A 48 -3.32 8.69 6.50
N ASP A 49 -2.59 9.11 7.54
CA ASP A 49 -1.43 8.37 8.01
C ASP A 49 -1.87 7.00 8.54
N LEU A 50 -1.80 6.00 7.67
CA LEU A 50 -2.29 4.65 7.97
C LEU A 50 -1.73 4.12 9.28
N TYR A 51 -0.44 4.34 9.52
CA TYR A 51 0.23 3.83 10.71
C TYR A 51 -0.37 4.44 11.99
N ALA A 52 -0.94 5.65 11.87
CA ALA A 52 -1.52 6.34 13.00
C ALA A 52 -2.77 5.61 13.52
N ALA A 53 -3.41 4.85 12.63
CA ALA A 53 -4.57 4.04 13.00
C ALA A 53 -4.13 2.80 13.75
N GLY A 54 -2.87 2.41 13.56
CA GLY A 54 -2.32 1.24 14.22
C GLY A 54 -1.76 0.24 13.23
N LEU A 55 -1.54 0.69 12.00
CA LEU A 55 -0.97 -0.17 10.96
C LEU A 55 0.45 -0.57 11.34
N SER A 56 0.62 -1.83 11.73
CA SER A 56 1.89 -2.33 12.22
C SER A 56 2.68 -2.96 11.08
N SER A 57 3.92 -3.37 11.37
CA SER A 57 4.83 -3.93 10.38
C SER A 57 4.16 -5.03 9.56
N PHE A 58 3.86 -6.15 10.21
CA PHE A 58 3.25 -7.30 9.55
C PHE A 58 1.92 -6.92 8.88
N ALA A 59 1.19 -6.01 9.52
CA ALA A 59 -0.08 -5.53 8.98
C ALA A 59 0.13 -4.83 7.64
N SER A 60 1.22 -4.09 7.53
CA SER A 60 1.56 -3.37 6.31
C SER A 60 2.06 -4.35 5.25
N VAL A 61 3.02 -5.20 5.64
CA VAL A 61 3.59 -6.18 4.73
C VAL A 61 2.50 -7.08 4.13
N GLN A 62 1.50 -7.38 4.94
CA GLN A 62 0.44 -8.30 4.54
C GLN A 62 -0.35 -7.73 3.35
N LEU A 63 -0.58 -6.42 3.36
CA LEU A 63 -1.33 -5.77 2.29
C LEU A 63 -0.53 -5.82 1.00
N MET A 64 0.79 -5.84 1.14
CA MET A 64 1.71 -5.84 0.00
C MET A 64 1.66 -7.20 -0.70
N LEU A 65 1.74 -8.26 0.10
CA LEU A 65 1.77 -9.63 -0.41
C LEU A 65 0.58 -9.90 -1.34
N GLY A 66 -0.60 -9.47 -0.89
CA GLY A 66 -1.79 -9.65 -1.69
C GLY A 66 -1.84 -8.69 -2.87
N ILE A 67 -1.44 -7.45 -2.63
CA ILE A 67 -1.47 -6.42 -3.66
C ILE A 67 -0.57 -6.79 -4.85
N GLU A 68 0.47 -7.58 -4.57
CA GLU A 68 1.37 -8.05 -5.63
C GLU A 68 0.58 -8.77 -6.71
N GLU A 69 -0.18 -9.79 -6.32
CA GLU A 69 -0.95 -10.59 -7.27
C GLU A 69 -2.11 -9.78 -7.82
N ALA A 70 -2.61 -8.85 -7.01
CA ALA A 70 -3.79 -8.07 -7.35
C ALA A 70 -3.67 -7.41 -8.72
N PHE A 71 -2.56 -6.70 -8.99
CA PHE A 71 -2.41 -6.03 -10.28
C PHE A 71 -1.09 -6.34 -10.99
N ASP A 72 0.00 -6.53 -10.24
CA ASP A 72 1.32 -6.73 -10.87
C ASP A 72 2.42 -6.99 -9.84
N ILE A 73 2.76 -5.97 -9.05
CA ILE A 73 3.82 -6.09 -8.04
C ILE A 73 3.42 -5.41 -6.73
N GLU A 74 4.27 -5.59 -5.72
CA GLU A 74 4.11 -4.91 -4.44
C GLU A 74 5.17 -3.81 -4.28
N PHE A 75 4.99 -2.97 -3.28
CA PHE A 75 5.86 -1.81 -3.07
C PHE A 75 7.32 -2.25 -2.85
N PRO A 76 8.25 -1.82 -3.72
CA PRO A 76 9.65 -2.23 -3.69
C PRO A 76 10.35 -1.88 -2.38
N ASP A 77 11.30 -2.74 -2.00
CA ASP A 77 12.07 -2.59 -0.76
C ASP A 77 12.74 -1.22 -0.68
N ASN A 78 13.05 -0.65 -1.84
CA ASN A 78 13.72 0.65 -1.93
C ASN A 78 12.97 1.72 -1.11
N LEU A 79 11.64 1.67 -1.17
CA LEU A 79 10.80 2.67 -0.50
C LEU A 79 10.02 2.05 0.66
N LEU A 80 10.15 0.74 0.84
CA LEU A 80 9.41 0.02 1.86
C LEU A 80 9.93 0.38 3.25
N ASN A 81 9.47 1.54 3.75
CA ASN A 81 9.82 2.06 5.08
C ASN A 81 9.47 3.53 5.17
N ARG A 82 9.62 4.24 4.05
CA ARG A 82 9.45 5.68 3.99
C ARG A 82 7.98 6.10 4.10
N LYS A 83 7.76 7.37 4.43
CA LYS A 83 6.44 7.92 4.72
C LYS A 83 5.46 7.82 3.54
N SER A 84 5.97 7.43 2.36
CA SER A 84 5.15 7.34 1.15
C SER A 84 3.84 6.57 1.40
N PHE A 85 3.90 5.56 2.26
CA PHE A 85 2.72 4.73 2.56
C PHE A 85 1.62 5.53 3.24
N ALA A 86 2.00 6.60 3.93
CA ALA A 86 1.04 7.46 4.63
C ALA A 86 0.16 8.20 3.64
N SER A 87 0.68 8.43 2.44
CA SER A 87 -0.06 9.11 1.39
C SER A 87 -0.27 8.17 0.20
N ILE A 88 -1.36 7.40 0.25
CA ILE A 88 -1.64 6.39 -0.76
C ILE A 88 -1.69 7.02 -2.16
N LYS A 89 -2.37 8.15 -2.27
CA LYS A 89 -2.49 8.86 -3.55
C LYS A 89 -1.12 9.23 -4.11
N ALA A 90 -0.13 9.40 -3.23
CA ALA A 90 1.22 9.74 -3.65
C ALA A 90 1.99 8.48 -4.06
N ILE A 91 1.99 7.48 -3.20
CA ILE A 91 2.78 6.27 -3.41
C ILE A 91 2.25 5.48 -4.62
N GLU A 92 0.95 5.54 -4.86
CA GLU A 92 0.34 4.85 -6.00
C GLU A 92 0.95 5.34 -7.32
N ASP A 93 1.38 6.59 -7.33
CA ASP A 93 2.06 7.15 -8.48
C ASP A 93 3.46 6.55 -8.61
N THR A 94 4.11 6.40 -7.47
CA THR A 94 5.46 5.84 -7.42
C THR A 94 5.47 4.38 -7.90
N VAL A 95 4.43 3.63 -7.54
CA VAL A 95 4.33 2.22 -7.95
C VAL A 95 3.95 2.14 -9.45
N LYS A 96 3.22 3.14 -9.94
CA LYS A 96 2.93 3.23 -11.39
C LYS A 96 4.22 3.24 -12.19
N LEU A 97 5.21 3.96 -11.67
CA LEU A 97 6.53 4.05 -12.30
C LEU A 97 7.11 2.65 -12.59
N ILE A 98 6.74 1.68 -11.75
CA ILE A 98 7.18 0.30 -11.95
C ILE A 98 6.53 -0.29 -13.20
N LEU A 99 5.23 -0.03 -13.35
CA LEU A 99 4.48 -0.44 -14.54
C LEU A 99 5.05 0.26 -15.78
N ASP A 100 5.55 1.47 -15.57
CA ASP A 100 6.17 2.25 -16.63
C ASP A 100 7.53 1.66 -17.00
N GLY A 101 8.24 1.18 -15.99
CA GLY A 101 9.58 0.65 -16.19
C GLY A 101 9.67 -0.83 -15.91
N LYS A 102 8.71 -1.59 -16.43
CA LYS A 102 8.70 -3.05 -16.31
C LYS A 102 10.00 -3.61 -16.86
N GLU A 103 10.37 -3.11 -18.03
CA GLU A 103 11.59 -3.51 -18.71
C GLU A 103 12.84 -3.18 -17.89
N ALA A 104 12.67 -2.37 -16.84
CA ALA A 104 13.77 -1.98 -15.98
C ALA A 104 13.70 -2.72 -14.64
N ALA A 105 12.50 -3.15 -14.27
CA ALA A 105 12.27 -3.84 -13.00
C ALA A 105 11.97 -5.32 -13.23
N MET A 23 -5.76 0.23 -9.46
CA MET A 23 -4.53 0.05 -8.65
C MET A 23 -4.60 0.83 -7.34
N ASN A 24 -4.67 2.15 -7.41
CA ASN A 24 -4.63 2.99 -6.20
C ASN A 24 -5.74 2.61 -5.21
N ALA A 25 -6.95 2.42 -5.71
CA ALA A 25 -8.08 2.01 -4.88
C ALA A 25 -7.84 0.59 -4.35
N THR A 26 -7.35 -0.25 -5.24
CA THR A 26 -6.99 -1.63 -4.89
C THR A 26 -6.03 -1.67 -3.71
N ILE A 27 -5.04 -0.78 -3.74
CA ILE A 27 -3.99 -0.71 -2.73
C ILE A 27 -4.55 -0.29 -1.38
N ARG A 28 -5.37 0.75 -1.35
CA ARG A 28 -5.96 1.22 -0.10
C ARG A 28 -7.01 0.22 0.40
N GLU A 29 -7.63 -0.47 -0.53
CA GLU A 29 -8.69 -1.42 -0.22
C GLU A 29 -8.13 -2.70 0.39
N ILE A 30 -6.97 -3.15 -0.08
CA ILE A 30 -6.42 -4.43 0.35
C ILE A 30 -6.21 -4.46 1.86
N LEU A 31 -5.90 -3.31 2.46
CA LEU A 31 -5.69 -3.22 3.91
C LEU A 31 -6.87 -3.77 4.69
N ALA A 32 -8.06 -3.73 4.08
CA ALA A 32 -9.28 -4.21 4.72
C ALA A 32 -9.32 -5.73 4.77
N LYS A 33 -8.71 -6.39 3.78
CA LYS A 33 -8.82 -7.84 3.61
C LYS A 33 -7.51 -8.58 3.90
N PHE A 34 -6.37 -7.89 3.77
CA PHE A 34 -5.06 -8.49 4.00
C PHE A 34 -4.24 -7.68 5.00
N GLY A 35 -4.80 -6.57 5.47
CA GLY A 35 -4.11 -5.76 6.45
C GLY A 35 -4.59 -6.07 7.85
N GLN A 36 -3.68 -6.43 8.74
CA GLN A 36 -4.02 -6.74 10.13
C GLN A 36 -4.25 -5.45 10.92
N LEU A 37 -5.13 -4.60 10.39
CA LEU A 37 -5.50 -3.35 11.04
C LEU A 37 -6.67 -3.60 12.00
N PRO A 38 -6.50 -3.28 13.30
CA PRO A 38 -7.54 -3.53 14.32
C PRO A 38 -8.62 -2.45 14.32
N THR A 39 -8.75 -1.77 13.20
CA THR A 39 -9.67 -0.66 13.05
C THR A 39 -10.15 -0.60 11.60
N PRO A 40 -11.45 -0.31 11.37
CA PRO A 40 -12.03 -0.28 10.03
C PRO A 40 -11.37 0.77 9.13
N VAL A 41 -10.88 0.34 7.97
CA VAL A 41 -10.23 1.22 7.01
C VAL A 41 -11.18 2.33 6.56
N ASP A 42 -12.47 2.07 6.72
CA ASP A 42 -13.51 3.05 6.40
C ASP A 42 -13.33 4.35 7.17
N THR A 43 -12.81 4.28 8.40
CA THR A 43 -12.69 5.45 9.25
C THR A 43 -11.48 6.29 8.86
N ILE A 44 -10.51 5.67 8.21
CA ILE A 44 -9.31 6.37 7.75
C ILE A 44 -9.44 6.67 6.26
N ALA A 45 -8.38 7.21 5.67
CA ALA A 45 -8.39 7.60 4.27
C ALA A 45 -6.98 7.61 3.70
N ASP A 46 -6.89 7.74 2.38
CA ASP A 46 -5.60 7.75 1.69
C ASP A 46 -4.78 8.97 2.06
N GLU A 47 -5.47 10.04 2.46
CA GLU A 47 -4.83 11.27 2.90
C GLU A 47 -4.75 11.36 4.42
N ALA A 48 -5.11 10.28 5.10
CA ALA A 48 -5.16 10.27 6.56
C ALA A 48 -4.08 9.37 7.15
N ASP A 49 -3.83 9.54 8.44
CA ASP A 49 -2.79 8.78 9.14
C ASP A 49 -3.22 7.33 9.33
N LEU A 50 -2.79 6.47 8.40
CA LEU A 50 -3.10 5.05 8.46
C LEU A 50 -2.58 4.42 9.75
N TYR A 51 -1.31 4.68 10.05
CA TYR A 51 -0.65 4.11 11.22
C TYR A 51 -1.32 4.52 12.52
N ALA A 52 -2.06 5.63 12.49
CA ALA A 52 -2.78 6.11 13.67
C ALA A 52 -3.92 5.15 14.03
N ALA A 53 -4.50 4.52 13.01
CA ALA A 53 -5.57 3.54 13.20
C ALA A 53 -5.00 2.25 13.80
N GLY A 54 -3.67 2.14 13.77
CA GLY A 54 -3.00 1.00 14.38
C GLY A 54 -2.25 0.15 13.37
N LEU A 55 -2.10 0.66 12.15
CA LEU A 55 -1.41 -0.07 11.09
C LEU A 55 0.04 -0.36 11.51
N SER A 56 0.33 -1.63 11.74
CA SER A 56 1.65 -2.04 12.21
C SER A 56 2.54 -2.46 11.05
N SER A 57 3.82 -2.64 11.32
CA SER A 57 4.80 -3.04 10.32
C SER A 57 4.36 -4.31 9.60
N PHE A 58 4.08 -5.36 10.37
CA PHE A 58 3.65 -6.64 9.83
C PHE A 58 2.35 -6.48 9.02
N ALA A 59 1.42 -5.70 9.57
CA ALA A 59 0.12 -5.49 8.92
C ALA A 59 0.28 -4.80 7.56
N SER A 60 1.24 -3.89 7.47
CA SER A 60 1.47 -3.14 6.24
C SER A 60 2.21 -3.99 5.20
N VAL A 61 3.34 -4.59 5.59
CA VAL A 61 4.12 -5.40 4.65
C VAL A 61 3.28 -6.54 4.07
N GLN A 62 2.31 -7.01 4.85
CA GLN A 62 1.44 -8.11 4.42
C GLN A 62 0.55 -7.68 3.25
N LEU A 63 0.19 -6.39 3.21
CA LEU A 63 -0.69 -5.86 2.15
C LEU A 63 -0.01 -6.02 0.79
N MET A 64 1.32 -5.98 0.79
CA MET A 64 2.09 -6.05 -0.45
C MET A 64 1.94 -7.42 -1.11
N LEU A 65 1.96 -8.46 -0.28
CA LEU A 65 1.91 -9.84 -0.76
C LEU A 65 0.63 -10.07 -1.57
N GLY A 66 -0.49 -9.57 -1.07
CA GLY A 66 -1.75 -9.71 -1.78
C GLY A 66 -1.87 -8.75 -2.95
N ILE A 67 -1.28 -7.57 -2.79
CA ILE A 67 -1.33 -6.55 -3.83
C ILE A 67 -0.50 -6.98 -5.05
N GLU A 68 0.50 -7.82 -4.82
CA GLU A 68 1.30 -8.38 -5.92
C GLU A 68 0.40 -9.12 -6.91
N GLU A 69 -0.37 -10.08 -6.40
CA GLU A 69 -1.26 -10.86 -7.23
C GLU A 69 -2.43 -9.99 -7.71
N ALA A 70 -2.79 -9.00 -6.90
CA ALA A 70 -3.94 -8.15 -7.18
C ALA A 70 -3.88 -7.53 -8.58
N PHE A 71 -2.75 -6.90 -8.95
CA PHE A 71 -2.65 -6.30 -10.28
C PHE A 71 -1.39 -6.73 -11.05
N ASP A 72 -0.26 -6.95 -10.36
CA ASP A 72 0.99 -7.33 -11.05
C ASP A 72 2.14 -7.55 -10.07
N ILE A 73 2.59 -6.47 -9.40
CA ILE A 73 3.73 -6.56 -8.47
C ILE A 73 3.44 -5.84 -7.16
N GLU A 74 4.34 -6.01 -6.21
CA GLU A 74 4.28 -5.34 -4.92
C GLU A 74 5.36 -4.27 -4.80
N PHE A 75 5.25 -3.44 -3.77
CA PHE A 75 6.19 -2.34 -3.55
C PHE A 75 7.63 -2.88 -3.42
N PRO A 76 8.55 -2.36 -4.24
CA PRO A 76 9.95 -2.84 -4.26
C PRO A 76 10.72 -2.44 -2.99
N ASP A 77 11.69 -3.27 -2.62
CA ASP A 77 12.52 -3.07 -1.43
C ASP A 77 13.06 -1.63 -1.37
N ASN A 78 13.28 -1.06 -2.54
CA ASN A 78 13.83 0.29 -2.67
C ASN A 78 13.05 1.30 -1.83
N LEU A 79 11.71 1.20 -1.85
CA LEU A 79 10.87 2.20 -1.20
C LEU A 79 10.15 1.65 0.02
N LEU A 80 10.49 0.44 0.44
CA LEU A 80 9.85 -0.16 1.63
C LEU A 80 10.26 0.63 2.87
N ASN A 81 9.31 0.79 3.81
CA ASN A 81 9.49 1.64 4.99
C ASN A 81 9.86 3.05 4.57
N ARG A 82 8.86 3.82 4.16
CA ARG A 82 9.06 5.13 3.56
C ARG A 82 7.84 6.00 3.80
N LYS A 83 8.02 7.32 3.69
CA LYS A 83 6.94 8.28 3.86
C LYS A 83 5.75 7.93 2.96
N SER A 84 6.05 7.31 1.82
CA SER A 84 5.04 6.91 0.86
C SER A 84 3.93 6.07 1.50
N PHE A 85 4.31 5.21 2.45
CA PHE A 85 3.34 4.35 3.15
C PHE A 85 2.43 5.18 4.07
N ALA A 86 2.92 6.35 4.49
CA ALA A 86 2.14 7.24 5.34
C ALA A 86 1.24 8.14 4.51
N SER A 87 1.28 7.96 3.19
CA SER A 87 0.48 8.76 2.26
C SER A 87 0.14 7.93 1.02
N ILE A 88 -1.02 7.29 1.03
CA ILE A 88 -1.42 6.41 -0.08
C ILE A 88 -1.43 7.18 -1.40
N LYS A 89 -2.00 8.37 -1.39
CA LYS A 89 -2.05 9.22 -2.59
C LYS A 89 -0.64 9.47 -3.16
N ALA A 90 0.36 9.43 -2.29
CA ALA A 90 1.74 9.66 -2.70
C ALA A 90 2.35 8.39 -3.29
N ILE A 91 2.14 7.26 -2.60
CA ILE A 91 2.74 6.00 -3.01
C ILE A 91 2.08 5.44 -4.27
N GLU A 92 0.78 5.71 -4.43
CA GLU A 92 0.04 5.22 -5.58
C GLU A 92 0.59 5.83 -6.86
N ASP A 93 1.10 7.05 -6.76
CA ASP A 93 1.71 7.73 -7.91
C ASP A 93 3.02 7.04 -8.27
N THR A 94 3.70 6.53 -7.25
CA THR A 94 4.97 5.86 -7.42
C THR A 94 4.81 4.46 -8.02
N VAL A 95 3.69 3.80 -7.70
CA VAL A 95 3.49 2.42 -8.19
C VAL A 95 3.27 2.40 -9.71
N LYS A 96 2.71 3.48 -10.27
CA LYS A 96 2.49 3.56 -11.72
C LYS A 96 3.83 3.52 -12.49
N LEU A 97 4.80 4.33 -12.06
CA LEU A 97 6.09 4.40 -12.75
C LEU A 97 6.77 3.03 -12.77
N ILE A 98 6.49 2.21 -11.75
CA ILE A 98 6.99 0.84 -11.71
C ILE A 98 6.56 0.09 -12.97
N LEU A 99 5.28 0.21 -13.32
CA LEU A 99 4.74 -0.44 -14.52
C LEU A 99 5.27 0.23 -15.78
N ASP A 100 5.53 1.53 -15.68
CA ASP A 100 6.01 2.33 -16.81
C ASP A 100 7.35 1.80 -17.33
N GLY A 101 8.23 1.45 -16.38
CA GLY A 101 9.52 0.87 -16.73
C GLY A 101 9.69 -0.49 -16.08
N LYS A 102 8.64 -1.29 -16.17
CA LYS A 102 8.58 -2.59 -15.52
C LYS A 102 9.50 -3.60 -16.19
N GLU A 103 9.43 -3.67 -17.51
CA GLU A 103 10.28 -4.59 -18.28
C GLU A 103 11.75 -4.17 -18.19
N ALA A 104 12.00 -2.88 -18.39
CA ALA A 104 13.36 -2.36 -18.33
C ALA A 104 13.74 -2.03 -16.89
N ALA A 105 14.00 -3.08 -16.10
CA ALA A 105 14.36 -2.94 -14.70
C ALA A 105 15.42 -3.97 -14.31
N MET A 23 -5.56 -0.03 -9.31
CA MET A 23 -4.32 0.04 -8.48
C MET A 23 -4.57 0.84 -7.21
N ASN A 24 -4.80 2.15 -7.31
CA ASN A 24 -4.92 3.01 -6.12
C ASN A 24 -6.06 2.55 -5.20
N ALA A 25 -7.22 2.29 -5.78
CA ALA A 25 -8.37 1.81 -5.02
C ALA A 25 -8.11 0.38 -4.56
N THR A 26 -7.50 -0.39 -5.46
CA THR A 26 -7.11 -1.76 -5.18
C THR A 26 -6.28 -1.85 -3.89
N ILE A 27 -5.30 -0.97 -3.78
CA ILE A 27 -4.36 -0.94 -2.67
C ILE A 27 -5.07 -0.59 -1.36
N ARG A 28 -5.75 0.56 -1.33
CA ARG A 28 -6.44 1.00 -0.12
C ARG A 28 -7.53 0.01 0.28
N GLU A 29 -8.03 -0.74 -0.70
CA GLU A 29 -9.06 -1.74 -0.47
C GLU A 29 -8.47 -2.95 0.25
N ILE A 30 -7.24 -3.34 -0.11
CA ILE A 30 -6.65 -4.57 0.42
C ILE A 30 -6.51 -4.50 1.94
N LEU A 31 -6.30 -3.30 2.46
CA LEU A 31 -6.17 -3.09 3.91
C LEU A 31 -7.37 -3.64 4.66
N ALA A 32 -8.52 -3.71 3.99
CA ALA A 32 -9.74 -4.22 4.60
C ALA A 32 -9.69 -5.74 4.76
N LYS A 33 -8.97 -6.41 3.85
CA LYS A 33 -8.93 -7.87 3.79
C LYS A 33 -7.58 -8.43 4.25
N PHE A 34 -6.51 -8.17 3.50
CA PHE A 34 -5.17 -8.65 3.86
C PHE A 34 -4.57 -7.79 4.96
N GLY A 35 -4.91 -6.50 4.94
CA GLY A 35 -4.38 -5.56 5.90
C GLY A 35 -4.74 -5.95 7.32
N GLN A 36 -3.72 -6.31 8.11
CA GLN A 36 -3.91 -6.70 9.50
C GLN A 36 -4.09 -5.47 10.40
N LEU A 37 -4.89 -4.52 9.92
CA LEU A 37 -5.17 -3.29 10.64
C LEU A 37 -6.20 -3.56 11.73
N PRO A 38 -5.93 -3.14 12.99
CA PRO A 38 -6.83 -3.37 14.12
C PRO A 38 -8.01 -2.39 14.15
N THR A 39 -8.04 -1.52 13.16
CA THR A 39 -9.03 -0.46 13.07
C THR A 39 -9.64 -0.44 11.67
N PRO A 40 -10.96 -0.20 11.55
CA PRO A 40 -11.67 -0.22 10.26
C PRO A 40 -11.08 0.79 9.26
N VAL A 41 -10.96 0.37 8.01
CA VAL A 41 -10.41 1.20 6.95
C VAL A 41 -11.34 2.38 6.64
N ASP A 42 -12.56 2.27 7.12
CA ASP A 42 -13.58 3.31 6.93
C ASP A 42 -13.13 4.65 7.53
N THR A 43 -12.29 4.60 8.57
CA THR A 43 -11.90 5.81 9.30
C THR A 43 -10.61 6.44 8.73
N ILE A 44 -9.92 5.71 7.86
CA ILE A 44 -8.69 6.23 7.26
C ILE A 44 -8.94 6.66 5.81
N ALA A 45 -7.96 7.34 5.22
CA ALA A 45 -8.09 7.88 3.87
C ALA A 45 -6.73 8.02 3.22
N ASP A 46 -6.71 8.41 1.94
CA ASP A 46 -5.49 8.49 1.16
C ASP A 46 -4.53 9.56 1.70
N GLU A 47 -5.08 10.61 2.27
CA GLU A 47 -4.27 11.70 2.83
C GLU A 47 -4.17 11.60 4.36
N ALA A 48 -4.58 10.45 4.90
CA ALA A 48 -4.54 10.23 6.34
C ALA A 48 -3.47 9.20 6.68
N ASP A 49 -2.66 9.49 7.69
CA ASP A 49 -1.58 8.60 8.10
C ASP A 49 -2.15 7.29 8.66
N LEU A 50 -2.04 6.23 7.88
CA LEU A 50 -2.64 4.94 8.21
C LEU A 50 -2.08 4.36 9.51
N TYR A 51 -0.80 4.66 9.79
CA TYR A 51 -0.16 4.11 10.98
C TYR A 51 -0.83 4.62 12.26
N ALA A 52 -1.53 5.75 12.16
CA ALA A 52 -2.30 6.28 13.28
C ALA A 52 -3.41 5.30 13.68
N ALA A 53 -4.00 4.64 12.67
CA ALA A 53 -5.04 3.66 12.89
C ALA A 53 -4.45 2.37 13.45
N GLY A 54 -3.13 2.24 13.36
CA GLY A 54 -2.44 1.08 13.91
C GLY A 54 -1.81 0.20 12.84
N LEU A 55 -1.49 0.80 11.69
CA LEU A 55 -0.81 0.07 10.63
C LEU A 55 0.60 -0.31 11.10
N SER A 56 0.79 -1.59 11.39
CA SER A 56 2.06 -2.08 11.91
C SER A 56 2.95 -2.60 10.79
N SER A 57 4.18 -2.95 11.14
CA SER A 57 5.12 -3.56 10.20
C SER A 57 4.49 -4.77 9.52
N PHE A 58 3.99 -5.69 10.33
CA PHE A 58 3.33 -6.90 9.82
C PHE A 58 2.13 -6.54 8.96
N ALA A 59 1.30 -5.61 9.45
CA ALA A 59 0.08 -5.22 8.75
C ALA A 59 0.39 -4.62 7.38
N SER A 60 1.47 -3.84 7.30
CA SER A 60 1.85 -3.19 6.06
C SER A 60 2.46 -4.19 5.08
N VAL A 61 3.37 -5.02 5.57
CA VAL A 61 4.00 -6.05 4.74
C VAL A 61 2.95 -7.04 4.23
N GLN A 62 1.94 -7.31 5.05
CA GLN A 62 0.91 -8.27 4.72
C GLN A 62 0.07 -7.80 3.54
N LEU A 63 -0.17 -6.49 3.46
CA LEU A 63 -0.97 -5.93 2.37
C LEU A 63 -0.18 -6.01 1.05
N MET A 64 1.14 -6.10 1.17
CA MET A 64 2.02 -6.15 0.01
C MET A 64 1.84 -7.44 -0.75
N LEU A 65 2.00 -8.57 -0.06
CA LEU A 65 1.96 -9.89 -0.69
C LEU A 65 0.61 -10.13 -1.37
N GLY A 66 -0.45 -9.55 -0.82
CA GLY A 66 -1.77 -9.65 -1.42
C GLY A 66 -1.93 -8.73 -2.60
N ILE A 67 -1.32 -7.55 -2.51
CA ILE A 67 -1.40 -6.56 -3.58
C ILE A 67 -0.55 -7.00 -4.78
N GLU A 68 0.49 -7.78 -4.51
CA GLU A 68 1.32 -8.33 -5.58
C GLU A 68 0.47 -9.10 -6.58
N GLU A 69 -0.29 -10.06 -6.07
CA GLU A 69 -1.18 -10.87 -6.91
C GLU A 69 -2.34 -10.02 -7.43
N ALA A 70 -2.72 -9.01 -6.66
CA ALA A 70 -3.90 -8.20 -6.97
C ALA A 70 -3.83 -7.55 -8.36
N PHE A 71 -2.72 -6.88 -8.68
CA PHE A 71 -2.61 -6.23 -9.99
C PHE A 71 -1.33 -6.61 -10.74
N ASP A 72 -0.22 -6.82 -10.02
CA ASP A 72 1.06 -7.12 -10.69
C ASP A 72 2.19 -7.39 -9.70
N ILE A 73 2.65 -6.35 -9.01
CA ILE A 73 3.74 -6.48 -8.04
C ILE A 73 3.44 -5.75 -6.74
N GLU A 74 4.31 -5.92 -5.76
CA GLU A 74 4.21 -5.22 -4.49
C GLU A 74 5.23 -4.09 -4.40
N PHE A 75 5.08 -3.23 -3.41
CA PHE A 75 5.90 -2.04 -3.27
C PHE A 75 7.37 -2.41 -3.00
N PRO A 76 8.29 -1.89 -3.81
CA PRO A 76 9.73 -2.22 -3.72
C PRO A 76 10.38 -1.64 -2.47
N ASP A 77 11.49 -2.27 -2.07
CA ASP A 77 12.22 -1.91 -0.85
C ASP A 77 12.62 -0.44 -0.86
N ASN A 78 12.93 0.08 -2.05
CA ASN A 78 13.37 1.47 -2.21
C ASN A 78 12.37 2.45 -1.60
N LEU A 79 11.08 2.16 -1.73
CA LEU A 79 10.04 3.06 -1.24
C LEU A 79 9.27 2.45 -0.08
N LEU A 80 9.65 1.24 0.32
CA LEU A 80 8.97 0.53 1.40
C LEU A 80 9.23 1.24 2.73
N ASN A 81 8.49 2.32 2.96
CA ASN A 81 8.62 3.13 4.17
C ASN A 81 7.24 3.50 4.69
N ARG A 82 7.14 3.68 6.01
CA ARG A 82 5.87 4.02 6.66
C ARG A 82 5.24 5.25 6.00
N LYS A 83 6.11 6.19 5.60
CA LYS A 83 5.70 7.40 4.90
C LYS A 83 4.85 7.07 3.69
N SER A 84 5.39 6.22 2.82
CA SER A 84 4.74 5.90 1.56
C SER A 84 3.38 5.25 1.80
N PHE A 85 3.35 4.26 2.69
CA PHE A 85 2.10 3.57 3.02
C PHE A 85 1.11 4.52 3.68
N ALA A 86 1.62 5.53 4.40
CA ALA A 86 0.77 6.52 5.06
C ALA A 86 0.04 7.38 4.03
N SER A 87 0.79 7.91 3.06
CA SER A 87 0.22 8.74 2.02
C SER A 87 -0.14 7.90 0.80
N ILE A 88 -1.34 7.34 0.81
CA ILE A 88 -1.79 6.43 -0.24
C ILE A 88 -1.72 7.08 -1.62
N LYS A 89 -2.20 8.32 -1.72
CA LYS A 89 -2.21 9.03 -3.00
C LYS A 89 -0.80 9.15 -3.57
N ALA A 90 0.20 9.18 -2.69
CA ALA A 90 1.59 9.31 -3.11
C ALA A 90 2.14 7.95 -3.57
N ILE A 91 1.94 6.93 -2.75
CA ILE A 91 2.47 5.61 -3.02
C ILE A 91 1.81 4.99 -4.28
N GLU A 92 0.55 5.32 -4.50
CA GLU A 92 -0.18 4.81 -5.66
C GLU A 92 0.41 5.41 -6.94
N ASP A 93 0.94 6.61 -6.83
CA ASP A 93 1.57 7.28 -7.97
C ASP A 93 2.99 6.76 -8.17
N THR A 94 3.69 6.53 -7.06
CA THR A 94 5.07 6.06 -7.11
C THR A 94 5.16 4.62 -7.67
N VAL A 95 4.12 3.81 -7.45
CA VAL A 95 4.11 2.44 -7.97
C VAL A 95 3.89 2.44 -9.50
N LYS A 96 3.21 3.48 -10.01
CA LYS A 96 2.92 3.59 -11.44
C LYS A 96 4.20 3.64 -12.28
N LEU A 97 5.18 4.42 -11.83
CA LEU A 97 6.44 4.57 -12.57
C LEU A 97 7.15 3.22 -12.72
N ILE A 98 6.92 2.31 -11.78
CA ILE A 98 7.47 0.95 -11.87
C ILE A 98 6.97 0.28 -13.14
N LEU A 99 5.66 0.26 -13.32
CA LEU A 99 5.03 -0.35 -14.50
C LEU A 99 5.46 0.39 -15.76
N ASP A 100 5.74 1.67 -15.62
CA ASP A 100 6.21 2.50 -16.73
C ASP A 100 7.63 2.11 -17.12
N GLY A 101 8.46 1.86 -16.11
CA GLY A 101 9.86 1.53 -16.33
C GLY A 101 10.05 0.17 -16.98
N LYS A 102 9.03 -0.69 -16.84
CA LYS A 102 9.05 -2.00 -17.50
C LYS A 102 9.13 -1.83 -19.01
N GLU A 103 8.34 -0.90 -19.53
CA GLU A 103 8.34 -0.58 -20.95
C GLU A 103 9.53 0.30 -21.30
N ALA A 104 9.76 1.32 -20.47
CA ALA A 104 10.85 2.26 -20.67
C ALA A 104 12.18 1.64 -20.28
N ALA A 105 12.70 0.78 -21.16
CA ALA A 105 13.96 0.09 -20.93
C ALA A 105 14.38 -0.64 -22.20
N MET A 23 -6.38 -0.01 -9.15
CA MET A 23 -5.07 -0.30 -8.53
C MET A 23 -4.78 0.64 -7.36
N ASN A 24 -4.94 1.96 -7.60
CA ASN A 24 -4.66 2.97 -6.58
C ASN A 24 -5.55 2.76 -5.34
N ALA A 25 -6.85 2.53 -5.58
CA ALA A 25 -7.79 2.27 -4.50
C ALA A 25 -7.63 0.84 -4.00
N THR A 26 -7.24 -0.05 -4.92
CA THR A 26 -6.98 -1.45 -4.59
C THR A 26 -5.98 -1.55 -3.43
N ILE A 27 -4.98 -0.67 -3.45
CA ILE A 27 -3.98 -0.59 -2.39
C ILE A 27 -4.63 -0.42 -1.02
N ARG A 28 -5.39 0.66 -0.84
CA ARG A 28 -6.05 0.94 0.45
C ARG A 28 -7.16 -0.09 0.69
N GLU A 29 -7.67 -0.67 -0.38
CA GLU A 29 -8.73 -1.66 -0.30
C GLU A 29 -8.22 -2.95 0.34
N ILE A 30 -6.98 -3.34 0.01
CA ILE A 30 -6.44 -4.59 0.51
C ILE A 30 -6.25 -4.54 2.03
N LEU A 31 -5.93 -3.36 2.55
CA LEU A 31 -5.74 -3.16 3.99
C LEU A 31 -7.03 -3.49 4.75
N ALA A 32 -8.16 -3.34 4.08
CA ALA A 32 -9.47 -3.59 4.71
C ALA A 32 -9.76 -5.08 4.85
N LYS A 33 -9.20 -5.88 3.93
CA LYS A 33 -9.47 -7.32 3.90
C LYS A 33 -8.25 -8.16 4.32
N PHE A 34 -7.10 -7.93 3.70
CA PHE A 34 -5.88 -8.66 4.04
C PHE A 34 -5.10 -7.95 5.14
N GLY A 35 -5.13 -6.63 5.12
CA GLY A 35 -4.39 -5.85 6.10
C GLY A 35 -4.91 -6.06 7.51
N GLN A 36 -4.10 -6.66 8.37
CA GLN A 36 -4.49 -6.89 9.75
C GLN A 36 -4.42 -5.59 10.55
N LEU A 37 -5.35 -4.70 10.27
CA LEU A 37 -5.42 -3.40 10.93
C LEU A 37 -6.46 -3.47 12.05
N PRO A 38 -6.12 -3.00 13.27
CA PRO A 38 -7.03 -3.09 14.42
C PRO A 38 -8.18 -2.11 14.29
N THR A 39 -7.98 -1.15 13.41
CA THR A 39 -8.92 -0.10 13.12
C THR A 39 -9.49 -0.31 11.70
N PRO A 40 -10.82 -0.11 11.51
CA PRO A 40 -11.44 -0.26 10.19
C PRO A 40 -10.94 0.79 9.20
N VAL A 41 -10.40 0.34 8.07
CA VAL A 41 -9.86 1.23 7.05
C VAL A 41 -10.91 2.23 6.58
N ASP A 42 -12.18 1.86 6.71
CA ASP A 42 -13.29 2.70 6.30
C ASP A 42 -13.23 4.10 6.95
N THR A 43 -12.64 4.18 8.14
CA THR A 43 -12.59 5.46 8.88
C THR A 43 -11.37 6.29 8.47
N ILE A 44 -10.34 5.63 7.94
CA ILE A 44 -9.14 6.33 7.46
C ILE A 44 -9.21 6.53 5.95
N ALA A 45 -8.15 7.07 5.37
CA ALA A 45 -8.12 7.34 3.93
C ALA A 45 -6.68 7.50 3.46
N ASP A 46 -6.51 7.67 2.16
CA ASP A 46 -5.18 7.80 1.56
C ASP A 46 -4.48 9.07 2.02
N GLU A 47 -5.28 10.05 2.44
CA GLU A 47 -4.77 11.34 2.90
C GLU A 47 -4.57 11.33 4.42
N ALA A 48 -4.99 10.25 5.07
CA ALA A 48 -4.96 10.15 6.52
C ALA A 48 -3.72 9.41 6.99
N ASP A 49 -3.36 9.60 8.26
CA ASP A 49 -2.19 8.94 8.86
C ASP A 49 -2.52 7.49 9.18
N LEU A 50 -2.27 6.61 8.21
CA LEU A 50 -2.54 5.17 8.36
C LEU A 50 -1.87 4.62 9.61
N TYR A 51 -0.61 5.02 9.82
CA TYR A 51 0.18 4.54 10.95
C TYR A 51 -0.44 4.98 12.28
N ALA A 52 -1.22 6.06 12.26
CA ALA A 52 -1.89 6.55 13.47
C ALA A 52 -3.07 5.65 13.81
N ALA A 53 -3.71 5.09 12.77
CA ALA A 53 -4.83 4.18 12.97
C ALA A 53 -4.35 2.85 13.54
N GLY A 54 -3.08 2.57 13.30
CA GLY A 54 -2.45 1.38 13.88
C GLY A 54 -1.81 0.48 12.84
N LEU A 55 -1.28 1.08 11.77
CA LEU A 55 -0.59 0.31 10.74
C LEU A 55 0.63 -0.37 11.34
N SER A 56 0.56 -1.70 11.42
CA SER A 56 1.63 -2.49 12.00
C SER A 56 2.22 -3.45 10.96
N SER A 57 3.42 -3.96 11.25
CA SER A 57 4.17 -4.82 10.33
C SER A 57 3.28 -5.94 9.76
N PHE A 58 2.57 -6.64 10.65
CA PHE A 58 1.75 -7.78 10.24
C PHE A 58 0.69 -7.36 9.20
N ALA A 59 0.22 -6.12 9.32
CA ALA A 59 -0.79 -5.59 8.41
C ALA A 59 -0.16 -5.17 7.09
N SER A 60 0.99 -4.51 7.16
CA SER A 60 1.65 -3.96 6.00
C SER A 60 2.24 -5.06 5.12
N VAL A 61 2.92 -6.02 5.75
CA VAL A 61 3.55 -7.12 5.02
C VAL A 61 2.52 -7.89 4.19
N GLN A 62 1.43 -8.28 4.83
CA GLN A 62 0.39 -9.05 4.17
C GLN A 62 -0.21 -8.26 3.00
N LEU A 63 -0.30 -6.95 3.18
CA LEU A 63 -0.78 -6.05 2.13
C LEU A 63 0.09 -6.19 0.89
N MET A 64 1.40 -6.32 1.09
CA MET A 64 2.35 -6.39 -0.01
C MET A 64 2.14 -7.65 -0.84
N LEU A 65 2.12 -8.80 -0.15
CA LEU A 65 1.98 -10.09 -0.81
C LEU A 65 0.67 -10.17 -1.60
N GLY A 66 -0.42 -9.73 -0.98
CA GLY A 66 -1.71 -9.78 -1.63
C GLY A 66 -1.79 -8.85 -2.82
N ILE A 67 -1.28 -7.64 -2.65
CA ILE A 67 -1.28 -6.64 -3.72
C ILE A 67 -0.38 -7.07 -4.88
N GLU A 68 0.70 -7.78 -4.55
CA GLU A 68 1.63 -8.30 -5.55
C GLU A 68 0.90 -9.23 -6.53
N GLU A 69 0.23 -10.23 -5.98
CA GLU A 69 -0.53 -11.18 -6.79
C GLU A 69 -1.76 -10.51 -7.40
N ALA A 70 -2.28 -9.51 -6.69
CA ALA A 70 -3.52 -8.84 -7.08
C ALA A 70 -3.44 -8.21 -8.48
N PHE A 71 -2.41 -7.41 -8.76
CA PHE A 71 -2.35 -6.73 -10.06
C PHE A 71 -1.03 -6.94 -10.82
N ASP A 72 0.10 -7.07 -10.10
CA ASP A 72 1.39 -7.26 -10.78
C ASP A 72 2.53 -7.44 -9.77
N ILE A 73 2.86 -6.36 -9.05
CA ILE A 73 3.98 -6.37 -8.10
C ILE A 73 3.61 -5.68 -6.79
N GLU A 74 4.48 -5.83 -5.80
CA GLU A 74 4.34 -5.14 -4.52
C GLU A 74 5.29 -3.93 -4.47
N PHE A 75 5.10 -3.09 -3.46
CA PHE A 75 5.89 -1.88 -3.31
C PHE A 75 7.35 -2.22 -3.00
N PRO A 76 8.29 -1.70 -3.82
CA PRO A 76 9.71 -2.02 -3.70
C PRO A 76 10.34 -1.52 -2.40
N ASP A 77 11.36 -2.24 -1.93
CA ASP A 77 12.04 -1.95 -0.66
C ASP A 77 12.53 -0.51 -0.60
N ASN A 78 12.88 0.04 -1.76
CA ASN A 78 13.39 1.41 -1.88
C ASN A 78 12.49 2.42 -1.16
N LEU A 79 11.18 2.29 -1.38
CA LEU A 79 10.21 3.24 -0.81
C LEU A 79 9.40 2.59 0.32
N LEU A 80 9.64 1.30 0.58
CA LEU A 80 8.87 0.54 1.55
C LEU A 80 8.98 1.19 2.94
N ASN A 81 10.18 1.62 3.30
CA ASN A 81 10.44 2.16 4.64
C ASN A 81 10.30 3.69 4.65
N ARG A 82 9.68 4.24 3.62
CA ARG A 82 9.60 5.70 3.45
C ARG A 82 8.16 6.21 3.59
N LYS A 83 8.01 7.52 3.51
CA LYS A 83 6.72 8.20 3.71
C LYS A 83 5.65 7.74 2.72
N SER A 84 6.05 6.97 1.72
CA SER A 84 5.13 6.44 0.73
C SER A 84 3.97 5.69 1.39
N PHE A 85 4.25 4.99 2.49
CA PHE A 85 3.22 4.25 3.22
C PHE A 85 2.47 5.17 4.19
N ALA A 86 2.97 6.39 4.36
CA ALA A 86 2.33 7.38 5.22
C ALA A 86 1.38 8.27 4.41
N SER A 87 1.41 8.09 3.09
CA SER A 87 0.57 8.86 2.18
C SER A 87 0.32 8.07 0.89
N ILE A 88 -0.84 7.42 0.82
CA ILE A 88 -1.14 6.53 -0.31
C ILE A 88 -1.17 7.28 -1.64
N LYS A 89 -1.77 8.48 -1.64
CA LYS A 89 -1.84 9.30 -2.85
C LYS A 89 -0.45 9.53 -3.44
N ALA A 90 0.57 9.52 -2.58
CA ALA A 90 1.95 9.72 -3.01
C ALA A 90 2.55 8.44 -3.58
N ILE A 91 2.27 7.31 -2.92
CA ILE A 91 2.85 6.03 -3.31
C ILE A 91 2.20 5.49 -4.59
N GLU A 92 0.89 5.72 -4.76
CA GLU A 92 0.17 5.21 -5.91
C GLU A 92 0.71 5.84 -7.20
N ASP A 93 1.07 7.12 -7.11
CA ASP A 93 1.72 7.82 -8.22
C ASP A 93 2.98 7.09 -8.66
N THR A 94 3.73 6.60 -7.68
CA THR A 94 5.00 5.93 -7.96
C THR A 94 4.78 4.53 -8.54
N VAL A 95 3.79 3.80 -8.00
CA VAL A 95 3.55 2.43 -8.45
C VAL A 95 3.05 2.42 -9.90
N LYS A 96 2.35 3.49 -10.29
CA LYS A 96 1.92 3.67 -11.69
C LYS A 96 3.16 3.77 -12.58
N LEU A 97 4.18 4.47 -12.07
CA LEU A 97 5.44 4.64 -12.79
C LEU A 97 6.19 3.31 -12.89
N ILE A 98 6.03 2.46 -11.86
CA ILE A 98 6.62 1.12 -11.89
C ILE A 98 6.07 0.33 -13.07
N LEU A 99 4.76 0.41 -13.27
CA LEU A 99 4.10 -0.28 -14.37
C LEU A 99 4.48 0.33 -15.71
N ASP A 100 4.73 1.64 -15.73
CA ASP A 100 5.21 2.30 -16.94
C ASP A 100 6.66 1.87 -17.23
N GLY A 101 7.33 1.40 -16.19
CA GLY A 101 8.71 0.94 -16.32
C GLY A 101 8.82 -0.53 -16.67
N LYS A 102 7.68 -1.17 -16.96
CA LYS A 102 7.68 -2.56 -17.41
C LYS A 102 8.15 -2.62 -18.87
N GLU A 103 7.52 -1.80 -19.71
CA GLU A 103 7.85 -1.69 -21.12
C GLU A 103 7.70 -3.04 -21.83
N ALA A 104 6.74 -3.83 -21.36
CA ALA A 104 6.44 -5.12 -21.97
C ALA A 104 5.63 -4.90 -23.25
N ALA A 105 6.30 -4.41 -24.29
CA ALA A 105 5.66 -4.08 -25.55
C ALA A 105 5.48 -5.34 -26.40
N MET A 23 -5.66 0.17 -9.09
CA MET A 23 -4.39 0.28 -8.33
C MET A 23 -4.55 1.23 -7.14
N ASN A 24 -4.75 2.52 -7.40
CA ASN A 24 -4.78 3.54 -6.35
C ASN A 24 -5.78 3.17 -5.24
N ALA A 25 -6.99 2.79 -5.63
CA ALA A 25 -8.02 2.39 -4.67
C ALA A 25 -7.75 0.97 -4.18
N THR A 26 -7.27 0.13 -5.09
CA THR A 26 -6.93 -1.26 -4.78
C THR A 26 -5.98 -1.35 -3.58
N ILE A 27 -4.96 -0.49 -3.61
CA ILE A 27 -3.90 -0.48 -2.60
C ILE A 27 -4.46 -0.15 -1.21
N ARG A 28 -5.28 0.88 -1.12
CA ARG A 28 -5.86 1.27 0.17
C ARG A 28 -6.94 0.27 0.60
N GLU A 29 -7.55 -0.37 -0.40
CA GLU A 29 -8.63 -1.32 -0.15
C GLU A 29 -8.12 -2.61 0.48
N ILE A 30 -6.96 -3.10 0.03
CA ILE A 30 -6.46 -4.39 0.48
C ILE A 30 -6.34 -4.47 2.00
N LEU A 31 -6.04 -3.33 2.62
CA LEU A 31 -5.91 -3.24 4.07
C LEU A 31 -7.18 -3.72 4.78
N ALA A 32 -8.33 -3.50 4.14
CA ALA A 32 -9.62 -3.88 4.72
C ALA A 32 -9.73 -5.39 4.91
N LYS A 33 -9.07 -6.16 4.05
CA LYS A 33 -9.14 -7.62 4.11
C LYS A 33 -7.80 -8.23 4.55
N PHE A 34 -6.75 -8.01 3.78
CA PHE A 34 -5.43 -8.60 4.08
C PHE A 34 -4.72 -7.83 5.20
N GLY A 35 -5.07 -6.57 5.36
CA GLY A 35 -4.44 -5.74 6.37
C GLY A 35 -4.94 -6.07 7.76
N GLN A 36 -4.02 -6.46 8.64
CA GLN A 36 -4.36 -6.76 10.03
C GLN A 36 -4.39 -5.48 10.85
N LEU A 37 -5.34 -4.61 10.52
CA LEU A 37 -5.54 -3.34 11.22
C LEU A 37 -6.61 -3.51 12.30
N PRO A 38 -6.35 -3.03 13.54
CA PRO A 38 -7.29 -3.17 14.66
C PRO A 38 -8.46 -2.21 14.51
N THR A 39 -8.27 -1.23 13.63
CA THR A 39 -9.26 -0.22 13.35
C THR A 39 -9.82 -0.43 11.95
N PRO A 40 -11.14 -0.23 11.75
CA PRO A 40 -11.77 -0.42 10.44
C PRO A 40 -11.19 0.54 9.39
N VAL A 41 -10.63 -0.03 8.32
CA VAL A 41 -10.02 0.76 7.25
C VAL A 41 -11.04 1.71 6.63
N ASP A 42 -12.31 1.38 6.78
CA ASP A 42 -13.41 2.20 6.28
C ASP A 42 -13.36 3.62 6.85
N THR A 43 -12.79 3.78 8.04
CA THR A 43 -12.74 5.08 8.71
C THR A 43 -11.53 5.89 8.27
N ILE A 44 -10.48 5.20 7.81
CA ILE A 44 -9.27 5.87 7.33
C ILE A 44 -9.34 6.04 5.81
N ALA A 45 -8.26 6.55 5.23
CA ALA A 45 -8.21 6.80 3.80
C ALA A 45 -6.76 7.00 3.36
N ASP A 46 -6.57 7.10 2.05
CA ASP A 46 -5.23 7.30 1.48
C ASP A 46 -4.67 8.67 1.87
N GLU A 47 -5.57 9.60 2.19
CA GLU A 47 -5.19 10.92 2.67
C GLU A 47 -4.93 10.91 4.17
N ALA A 48 -5.32 9.83 4.83
CA ALA A 48 -5.21 9.74 6.29
C ALA A 48 -4.00 8.89 6.68
N ASP A 49 -3.47 9.15 7.87
CA ASP A 49 -2.32 8.42 8.38
C ASP A 49 -2.75 7.03 8.85
N LEU A 50 -2.52 6.03 8.00
CA LEU A 50 -2.92 4.65 8.33
C LEU A 50 -2.30 4.20 9.64
N TYR A 51 -1.05 4.59 9.89
CA TYR A 51 -0.35 4.20 11.11
C TYR A 51 -1.02 4.79 12.35
N ALA A 52 -1.70 5.92 12.18
CA ALA A 52 -2.41 6.58 13.27
C ALA A 52 -3.61 5.74 13.72
N ALA A 53 -4.11 4.92 12.80
CA ALA A 53 -5.21 4.00 13.11
C ALA A 53 -4.67 2.79 13.87
N GLY A 54 -3.38 2.52 13.67
CA GLY A 54 -2.73 1.42 14.36
C GLY A 54 -2.15 0.41 13.39
N LEU A 55 -1.44 0.90 12.38
CA LEU A 55 -0.84 0.04 11.36
C LEU A 55 0.48 -0.53 11.87
N SER A 56 0.59 -1.85 11.88
CA SER A 56 1.79 -2.54 12.33
C SER A 56 2.51 -3.17 11.13
N SER A 57 3.74 -3.63 11.36
CA SER A 57 4.55 -4.26 10.31
C SER A 57 3.81 -5.44 9.68
N PHE A 58 3.15 -6.24 10.50
CA PHE A 58 2.45 -7.44 10.03
C PHE A 58 1.35 -7.07 9.03
N ALA A 59 0.64 -5.98 9.31
CA ALA A 59 -0.45 -5.54 8.45
C ALA A 59 0.06 -4.88 7.18
N SER A 60 1.12 -4.09 7.31
CA SER A 60 1.68 -3.33 6.19
C SER A 60 2.37 -4.26 5.19
N VAL A 61 3.27 -5.10 5.68
CA VAL A 61 4.01 -6.02 4.82
C VAL A 61 3.05 -6.93 4.04
N GLN A 62 2.02 -7.43 4.73
CA GLN A 62 1.06 -8.33 4.10
C GLN A 62 0.27 -7.62 3.01
N LEU A 63 0.00 -6.33 3.20
CA LEU A 63 -0.76 -5.56 2.21
C LEU A 63 -0.01 -5.59 0.87
N MET A 64 1.32 -5.61 0.94
CA MET A 64 2.14 -5.63 -0.25
C MET A 64 2.07 -7.00 -0.90
N LEU A 65 2.27 -8.02 -0.07
CA LEU A 65 2.30 -9.41 -0.51
C LEU A 65 1.03 -9.74 -1.31
N GLY A 66 -0.12 -9.28 -0.80
CA GLY A 66 -1.39 -9.52 -1.47
C GLY A 66 -1.60 -8.58 -2.65
N ILE A 67 -1.12 -7.35 -2.53
CA ILE A 67 -1.28 -6.34 -3.57
C ILE A 67 -0.54 -6.75 -4.85
N GLU A 68 0.51 -7.54 -4.70
CA GLU A 68 1.25 -8.04 -5.86
C GLU A 68 0.33 -8.82 -6.79
N GLU A 69 -0.33 -9.84 -6.26
CA GLU A 69 -1.25 -10.66 -7.04
C GLU A 69 -2.47 -9.85 -7.45
N ALA A 70 -2.83 -8.87 -6.61
CA ALA A 70 -4.01 -8.06 -6.83
C ALA A 70 -4.00 -7.37 -8.20
N PHE A 71 -2.90 -6.71 -8.57
CA PHE A 71 -2.86 -6.04 -9.87
C PHE A 71 -1.63 -6.41 -10.71
N ASP A 72 -0.47 -6.67 -10.09
CA ASP A 72 0.75 -6.95 -10.87
C ASP A 72 1.95 -7.25 -9.96
N ILE A 73 2.48 -6.22 -9.29
CA ILE A 73 3.65 -6.38 -8.41
C ILE A 73 3.44 -5.63 -7.10
N GLU A 74 4.31 -5.89 -6.13
CA GLU A 74 4.27 -5.20 -4.84
C GLU A 74 5.36 -4.15 -4.75
N PHE A 75 5.27 -3.31 -3.72
CA PHE A 75 6.17 -2.18 -3.56
C PHE A 75 7.59 -2.64 -3.30
N PRO A 76 8.57 -2.14 -4.08
CA PRO A 76 9.98 -2.53 -3.98
C PRO A 76 10.64 -1.98 -2.70
N ASP A 77 11.62 -2.71 -2.19
CA ASP A 77 12.27 -2.38 -0.91
C ASP A 77 12.83 -0.97 -0.90
N ASN A 78 13.24 -0.48 -2.07
CA ASN A 78 13.84 0.85 -2.19
C ASN A 78 12.93 1.96 -1.67
N LEU A 79 11.61 1.72 -1.65
CA LEU A 79 10.67 2.76 -1.23
C LEU A 79 9.78 2.33 -0.07
N LEU A 80 10.02 1.14 0.49
CA LEU A 80 9.21 0.63 1.60
C LEU A 80 9.33 1.52 2.82
N ASN A 81 10.56 1.69 3.30
CA ASN A 81 10.80 2.55 4.45
C ASN A 81 10.78 4.01 3.99
N ARG A 82 9.58 4.55 3.86
CA ARG A 82 9.39 5.90 3.34
C ARG A 82 8.03 6.45 3.78
N LYS A 83 7.80 7.73 3.56
CA LYS A 83 6.49 8.36 3.79
C LYS A 83 5.44 7.82 2.81
N SER A 84 5.91 7.08 1.83
CA SER A 84 5.07 6.49 0.77
C SER A 84 3.78 5.87 1.34
N PHE A 85 3.92 4.90 2.24
CA PHE A 85 2.76 4.23 2.84
C PHE A 85 1.92 5.19 3.68
N ALA A 86 2.59 6.16 4.31
CA ALA A 86 1.90 7.17 5.12
C ALA A 86 1.02 8.05 4.24
N SER A 87 1.36 8.13 2.96
CA SER A 87 0.61 8.91 1.99
C SER A 87 0.34 8.07 0.74
N ILE A 88 -0.70 7.24 0.80
CA ILE A 88 -1.01 6.31 -0.28
C ILE A 88 -1.20 7.06 -1.61
N LYS A 89 -1.81 8.23 -1.55
CA LYS A 89 -2.01 9.05 -2.76
C LYS A 89 -0.67 9.33 -3.45
N ALA A 90 0.41 9.35 -2.68
CA ALA A 90 1.75 9.56 -3.23
C ALA A 90 2.32 8.25 -3.79
N ILE A 91 2.21 7.18 -3.00
CA ILE A 91 2.81 5.89 -3.35
C ILE A 91 2.16 5.30 -4.61
N GLU A 92 0.86 5.57 -4.79
CA GLU A 92 0.13 5.05 -5.95
C GLU A 92 0.76 5.58 -7.24
N ASP A 93 1.26 6.80 -7.19
CA ASP A 93 1.94 7.41 -8.32
C ASP A 93 3.32 6.79 -8.49
N THR A 94 3.98 6.52 -7.38
CA THR A 94 5.32 5.95 -7.38
C THR A 94 5.31 4.53 -7.95
N VAL A 95 4.25 3.77 -7.66
CA VAL A 95 4.13 2.40 -8.16
C VAL A 95 3.75 2.39 -9.64
N LYS A 96 3.02 3.41 -10.08
CA LYS A 96 2.67 3.56 -11.48
C LYS A 96 3.93 3.70 -12.33
N LEU A 97 4.94 4.37 -11.77
CA LEU A 97 6.24 4.50 -12.42
C LEU A 97 6.86 3.13 -12.69
N ILE A 98 6.55 2.17 -11.82
CA ILE A 98 7.04 0.81 -11.98
C ILE A 98 6.38 0.17 -13.20
N LEU A 99 5.05 0.26 -13.27
CA LEU A 99 4.28 -0.28 -14.38
C LEU A 99 4.77 0.28 -15.72
N ASP A 100 5.25 1.53 -15.67
CA ASP A 100 5.81 2.19 -16.85
C ASP A 100 7.18 1.61 -17.21
N GLY A 101 8.00 1.39 -16.19
CA GLY A 101 9.39 0.97 -16.41
C GLY A 101 9.61 -0.51 -16.26
N LYS A 102 8.56 -1.31 -16.43
CA LYS A 102 8.68 -2.77 -16.33
C LYS A 102 9.44 -3.34 -17.52
N GLU A 103 8.89 -3.09 -18.71
CA GLU A 103 9.36 -3.75 -19.93
C GLU A 103 9.10 -5.25 -19.85
N ALA A 104 7.90 -5.65 -20.25
CA ALA A 104 7.47 -7.03 -20.20
C ALA A 104 6.33 -7.24 -21.19
N ALA A 105 6.68 -7.69 -22.38
CA ALA A 105 5.71 -7.89 -23.45
C ALA A 105 5.72 -9.35 -23.92
N MET A 23 -5.84 0.71 -10.18
CA MET A 23 -4.70 -0.03 -9.62
C MET A 23 -4.34 0.49 -8.24
N ASN A 24 -4.37 1.80 -8.07
CA ASN A 24 -4.07 2.44 -6.79
C ASN A 24 -5.18 2.18 -5.77
N ALA A 25 -6.43 2.28 -6.23
CA ALA A 25 -7.58 2.02 -5.37
C ALA A 25 -7.52 0.58 -4.85
N THR A 26 -7.04 -0.31 -5.69
CA THR A 26 -6.82 -1.71 -5.34
C THR A 26 -5.89 -1.83 -4.13
N ILE A 27 -4.88 -0.96 -4.09
CA ILE A 27 -3.89 -0.97 -3.03
C ILE A 27 -4.52 -0.59 -1.69
N ARG A 28 -5.18 0.56 -1.64
CA ARG A 28 -5.82 1.01 -0.42
C ARG A 28 -6.94 0.04 -0.03
N GLU A 29 -7.52 -0.62 -1.04
CA GLU A 29 -8.60 -1.57 -0.83
C GLU A 29 -8.10 -2.82 -0.10
N ILE A 30 -6.88 -3.26 -0.44
CA ILE A 30 -6.36 -4.49 0.13
C ILE A 30 -6.27 -4.41 1.66
N LEU A 31 -6.02 -3.20 2.17
CA LEU A 31 -5.94 -2.98 3.62
C LEU A 31 -7.25 -3.36 4.31
N ALA A 32 -8.36 -3.29 3.57
CA ALA A 32 -9.66 -3.65 4.11
C ALA A 32 -9.83 -5.16 4.20
N LYS A 33 -9.18 -5.89 3.29
CA LYS A 33 -9.33 -7.35 3.20
C LYS A 33 -8.12 -8.07 3.82
N PHE A 34 -6.93 -7.83 3.30
CA PHE A 34 -5.71 -8.49 3.80
C PHE A 34 -5.01 -7.66 4.87
N GLY A 35 -5.26 -6.36 4.87
CA GLY A 35 -4.63 -5.48 5.85
C GLY A 35 -5.09 -5.78 7.26
N GLN A 36 -4.22 -6.38 8.06
CA GLN A 36 -4.55 -6.75 9.44
C GLN A 36 -4.50 -5.51 10.34
N LEU A 37 -5.45 -4.62 10.16
CA LEU A 37 -5.54 -3.40 10.95
C LEU A 37 -6.49 -3.61 12.13
N PRO A 38 -6.09 -3.20 13.36
CA PRO A 38 -6.92 -3.36 14.56
C PRO A 38 -8.07 -2.36 14.58
N THR A 39 -7.97 -1.40 13.68
CA THR A 39 -8.94 -0.33 13.54
C THR A 39 -9.66 -0.49 12.20
N PRO A 40 -10.98 -0.22 12.14
CA PRO A 40 -11.74 -0.34 10.89
C PRO A 40 -11.20 0.59 9.80
N VAL A 41 -10.81 0.00 8.67
CA VAL A 41 -10.25 0.76 7.54
C VAL A 41 -11.25 1.81 7.06
N ASP A 42 -12.53 1.55 7.34
CA ASP A 42 -13.62 2.46 7.00
C ASP A 42 -13.38 3.88 7.52
N THR A 43 -12.61 4.00 8.60
CA THR A 43 -12.37 5.31 9.24
C THR A 43 -11.18 6.05 8.62
N ILE A 44 -10.33 5.33 7.87
CA ILE A 44 -9.15 5.93 7.27
C ILE A 44 -9.34 6.13 5.76
N ALA A 45 -8.34 6.70 5.11
CA ALA A 45 -8.42 7.04 3.68
C ALA A 45 -7.03 7.32 3.12
N ASP A 46 -6.98 7.62 1.83
CA ASP A 46 -5.72 7.86 1.11
C ASP A 46 -4.89 8.95 1.78
N GLU A 47 -5.57 9.97 2.29
CA GLU A 47 -4.90 11.14 2.87
C GLU A 47 -4.71 10.99 4.38
N ALA A 48 -5.35 9.98 4.97
CA ALA A 48 -5.29 9.79 6.42
C ALA A 48 -4.00 9.09 6.82
N ASP A 49 -3.50 9.44 8.01
CA ASP A 49 -2.26 8.84 8.51
C ASP A 49 -2.55 7.43 9.04
N LEU A 50 -2.25 6.44 8.20
CA LEU A 50 -2.54 5.03 8.51
C LEU A 50 -1.96 4.62 9.86
N TYR A 51 -0.71 5.02 10.12
CA TYR A 51 -0.03 4.65 11.35
C TYR A 51 -0.74 5.23 12.57
N ALA A 52 -1.46 6.33 12.38
CA ALA A 52 -2.22 6.96 13.46
C ALA A 52 -3.42 6.08 13.83
N ALA A 53 -3.94 5.35 12.84
CA ALA A 53 -5.03 4.40 13.07
C ALA A 53 -4.50 3.14 13.76
N GLY A 54 -3.21 2.89 13.57
CA GLY A 54 -2.57 1.75 14.22
C GLY A 54 -2.00 0.75 13.23
N LEU A 55 -1.61 1.24 12.05
CA LEU A 55 -1.01 0.39 11.03
C LEU A 55 0.28 -0.24 11.57
N SER A 56 0.22 -1.54 11.85
CA SER A 56 1.37 -2.27 12.38
C SER A 56 2.11 -2.95 11.24
N SER A 57 3.37 -3.32 11.50
CA SER A 57 4.23 -3.94 10.50
C SER A 57 3.55 -5.14 9.83
N PHE A 58 2.88 -5.95 10.64
CA PHE A 58 2.20 -7.15 10.14
C PHE A 58 1.24 -6.81 9.00
N ALA A 59 0.37 -5.84 9.25
CA ALA A 59 -0.63 -5.41 8.26
C ALA A 59 0.05 -4.84 7.01
N SER A 60 1.04 -3.97 7.23
CA SER A 60 1.70 -3.28 6.13
C SER A 60 2.47 -4.25 5.23
N VAL A 61 2.99 -5.32 5.82
CA VAL A 61 3.74 -6.33 5.06
C VAL A 61 2.77 -7.23 4.31
N GLN A 62 1.69 -7.63 4.99
CA GLN A 62 0.69 -8.52 4.42
C GLN A 62 0.09 -7.91 3.15
N LEU A 63 -0.15 -6.60 3.19
CA LEU A 63 -0.76 -5.89 2.06
C LEU A 63 0.13 -6.01 0.81
N MET A 64 1.44 -6.14 1.03
CA MET A 64 2.40 -6.23 -0.07
C MET A 64 2.20 -7.54 -0.82
N LEU A 65 2.26 -8.65 -0.07
CA LEU A 65 2.14 -9.99 -0.64
C LEU A 65 0.85 -10.13 -1.42
N GLY A 66 -0.24 -9.62 -0.85
CA GLY A 66 -1.53 -9.72 -1.49
C GLY A 66 -1.64 -8.83 -2.72
N ILE A 67 -1.05 -7.64 -2.64
CA ILE A 67 -1.10 -6.68 -3.74
C ILE A 67 -0.27 -7.15 -4.92
N GLU A 68 0.79 -7.92 -4.64
CA GLU A 68 1.65 -8.46 -5.69
C GLU A 68 0.81 -9.22 -6.72
N GLU A 69 0.05 -10.19 -6.24
CA GLU A 69 -0.82 -10.98 -7.10
C GLU A 69 -2.02 -10.16 -7.58
N ALA A 70 -2.44 -9.20 -6.76
CA ALA A 70 -3.66 -8.43 -7.02
C ALA A 70 -3.67 -7.81 -8.41
N PHE A 71 -2.59 -7.10 -8.79
CA PHE A 71 -2.54 -6.49 -10.12
C PHE A 71 -1.25 -6.80 -10.89
N ASP A 72 -0.12 -6.94 -10.20
CA ASP A 72 1.16 -7.15 -10.89
C ASP A 72 2.31 -7.42 -9.93
N ILE A 73 2.75 -6.38 -9.20
CA ILE A 73 3.88 -6.51 -8.28
C ILE A 73 3.59 -5.79 -6.96
N GLU A 74 4.47 -6.00 -5.97
CA GLU A 74 4.40 -5.29 -4.70
C GLU A 74 5.45 -4.19 -4.64
N PHE A 75 5.33 -3.33 -3.63
CA PHE A 75 6.18 -2.15 -3.50
C PHE A 75 7.66 -2.54 -3.37
N PRO A 76 8.54 -1.95 -4.21
CA PRO A 76 9.98 -2.21 -4.17
C PRO A 76 10.65 -1.60 -2.95
N ASP A 77 11.80 -2.15 -2.58
CA ASP A 77 12.56 -1.69 -1.41
C ASP A 77 12.80 -0.19 -1.46
N ASN A 78 13.03 0.31 -2.67
CA ASN A 78 13.38 1.72 -2.89
C ASN A 78 12.27 2.68 -2.45
N LEU A 79 11.12 2.16 -2.04
CA LEU A 79 10.05 3.00 -1.50
C LEU A 79 9.31 2.32 -0.34
N LEU A 80 9.90 1.27 0.21
CA LEU A 80 9.30 0.56 1.37
C LEU A 80 9.52 1.35 2.67
N ASN A 81 9.58 2.68 2.56
CA ASN A 81 9.78 3.53 3.73
C ASN A 81 8.44 3.82 4.40
N ARG A 82 8.46 3.93 5.73
CA ARG A 82 7.23 4.15 6.51
C ARG A 82 6.56 5.46 6.10
N LYS A 83 7.35 6.41 5.60
CA LYS A 83 6.81 7.70 5.15
C LYS A 83 5.95 7.52 3.91
N SER A 84 6.35 6.59 3.04
CA SER A 84 5.66 6.34 1.78
C SER A 84 4.28 5.76 2.05
N PHE A 85 4.24 4.68 2.83
CA PHE A 85 2.98 4.05 3.23
C PHE A 85 2.10 5.03 4.01
N ALA A 86 2.73 5.87 4.83
CA ALA A 86 2.02 6.90 5.58
C ALA A 86 1.27 7.85 4.63
N SER A 87 1.80 7.97 3.43
CA SER A 87 1.25 8.88 2.44
C SER A 87 0.72 8.09 1.24
N ILE A 88 -0.44 7.44 1.40
CA ILE A 88 -1.06 6.68 0.31
C ILE A 88 -1.12 7.52 -0.95
N LYS A 89 -1.65 8.73 -0.83
CA LYS A 89 -1.80 9.65 -1.95
C LYS A 89 -0.50 9.78 -2.77
N ALA A 90 0.63 9.69 -2.07
CA ALA A 90 1.94 9.81 -2.71
C ALA A 90 2.40 8.48 -3.33
N ILE A 91 2.38 7.42 -2.52
CA ILE A 91 2.91 6.12 -2.91
C ILE A 91 2.07 5.46 -4.00
N GLU A 92 0.76 5.70 -3.95
CA GLU A 92 -0.17 5.10 -4.90
C GLU A 92 0.15 5.53 -6.34
N ASP A 93 0.70 6.72 -6.47
CA ASP A 93 1.08 7.24 -7.78
C ASP A 93 2.47 6.73 -8.18
N THR A 94 3.27 6.38 -7.18
CA THR A 94 4.64 5.93 -7.41
C THR A 94 4.66 4.54 -8.06
N VAL A 95 3.76 3.66 -7.60
CA VAL A 95 3.70 2.29 -8.12
C VAL A 95 3.41 2.30 -9.64
N LYS A 96 2.69 3.33 -10.09
CA LYS A 96 2.33 3.47 -11.50
C LYS A 96 3.58 3.54 -12.38
N LEU A 97 4.66 4.08 -11.82
CA LEU A 97 5.91 4.23 -12.54
C LEU A 97 6.49 2.87 -12.91
N ILE A 98 6.26 1.89 -12.04
CA ILE A 98 6.75 0.53 -12.26
C ILE A 98 6.10 -0.09 -13.49
N LEU A 99 4.82 0.23 -13.68
CA LEU A 99 4.07 -0.26 -14.83
C LEU A 99 4.51 0.44 -16.11
N ASP A 100 4.97 1.68 -15.99
CA ASP A 100 5.47 2.44 -17.14
C ASP A 100 6.87 1.97 -17.53
N GLY A 101 7.70 1.70 -16.52
CA GLY A 101 9.06 1.24 -16.76
C GLY A 101 9.23 -0.21 -16.36
N LYS A 102 8.29 -1.05 -16.78
CA LYS A 102 8.26 -2.47 -16.43
C LYS A 102 9.64 -3.12 -16.57
N GLU A 103 10.12 -3.20 -17.79
CA GLU A 103 11.40 -3.83 -18.09
C GLU A 103 12.37 -2.84 -18.73
N ALA A 104 12.26 -1.58 -18.29
CA ALA A 104 13.13 -0.51 -18.78
C ALA A 104 14.11 -0.06 -17.69
N ALA A 105 14.08 -0.77 -16.56
CA ALA A 105 14.89 -0.42 -15.40
C ALA A 105 16.31 -1.00 -15.56
N MET A 23 -5.42 -0.06 -8.83
CA MET A 23 -4.19 0.15 -8.04
C MET A 23 -4.47 1.05 -6.83
N ASN A 24 -4.65 2.36 -7.06
CA ASN A 24 -4.81 3.32 -5.96
C ASN A 24 -5.89 2.89 -4.96
N ALA A 25 -7.05 2.47 -5.48
CA ALA A 25 -8.13 1.99 -4.64
C ALA A 25 -7.87 0.55 -4.21
N THR A 26 -7.37 -0.24 -5.15
CA THR A 26 -7.04 -1.65 -4.93
C THR A 26 -6.16 -1.83 -3.68
N ILE A 27 -5.16 -0.97 -3.56
CA ILE A 27 -4.20 -1.02 -2.48
C ILE A 27 -4.88 -0.81 -1.13
N ARG A 28 -5.60 0.30 -0.95
CA ARG A 28 -6.30 0.54 0.31
C ARG A 28 -7.38 -0.52 0.53
N GLU A 29 -7.86 -1.09 -0.57
CA GLU A 29 -8.92 -2.09 -0.53
C GLU A 29 -8.40 -3.43 0.00
N ILE A 30 -7.09 -3.68 -0.13
CA ILE A 30 -6.52 -4.91 0.37
C ILE A 30 -6.36 -4.85 1.90
N LEU A 31 -6.09 -3.65 2.42
CA LEU A 31 -5.96 -3.46 3.87
C LEU A 31 -7.21 -3.93 4.60
N ALA A 32 -8.37 -3.76 3.95
CA ALA A 32 -9.65 -4.15 4.52
C ALA A 32 -9.70 -5.66 4.79
N LYS A 33 -8.99 -6.44 3.99
CA LYS A 33 -9.02 -7.90 4.10
C LYS A 33 -7.68 -8.48 4.59
N PHE A 34 -6.60 -8.22 3.86
CA PHE A 34 -5.27 -8.75 4.21
C PHE A 34 -4.63 -7.96 5.33
N GLY A 35 -4.92 -6.66 5.39
CA GLY A 35 -4.30 -5.80 6.39
C GLY A 35 -4.85 -6.06 7.78
N GLN A 36 -3.97 -6.48 8.70
CA GLN A 36 -4.36 -6.74 10.08
C GLN A 36 -4.43 -5.42 10.87
N LEU A 37 -5.22 -4.49 10.37
CA LEU A 37 -5.44 -3.22 11.04
C LEU A 37 -6.52 -3.39 12.12
N PRO A 38 -6.24 -2.98 13.38
CA PRO A 38 -7.17 -3.16 14.49
C PRO A 38 -8.32 -2.16 14.45
N THR A 39 -8.18 -1.20 13.56
CA THR A 39 -9.14 -0.13 13.40
C THR A 39 -9.72 -0.19 11.97
N PRO A 40 -11.04 0.02 11.81
CA PRO A 40 -11.70 -0.08 10.51
C PRO A 40 -11.11 0.89 9.49
N VAL A 41 -10.66 0.35 8.35
CA VAL A 41 -10.09 1.16 7.27
C VAL A 41 -11.10 2.23 6.83
N ASP A 42 -12.36 1.93 7.08
CA ASP A 42 -13.47 2.83 6.77
C ASP A 42 -13.30 4.21 7.42
N THR A 43 -12.54 4.27 8.52
CA THR A 43 -12.38 5.51 9.26
C THR A 43 -11.18 6.32 8.75
N ILE A 44 -10.28 5.67 8.02
CA ILE A 44 -9.09 6.33 7.49
C ILE A 44 -9.21 6.55 5.98
N ALA A 45 -8.20 7.17 5.38
CA ALA A 45 -8.20 7.49 3.96
C ALA A 45 -6.79 7.84 3.50
N ASP A 46 -6.62 8.07 2.20
CA ASP A 46 -5.32 8.43 1.63
C ASP A 46 -4.88 9.81 2.12
N GLU A 47 -5.87 10.67 2.38
CA GLU A 47 -5.63 12.00 2.93
C GLU A 47 -5.43 11.95 4.44
N ALA A 48 -5.51 10.75 5.01
CA ALA A 48 -5.32 10.54 6.44
C ALA A 48 -4.08 9.69 6.69
N ASP A 49 -3.59 9.70 7.92
CA ASP A 49 -2.42 8.92 8.28
C ASP A 49 -2.84 7.51 8.71
N LEU A 50 -2.80 6.58 7.76
CA LEU A 50 -3.28 5.21 7.98
C LEU A 50 -2.65 4.58 9.22
N TYR A 51 -1.35 4.79 9.39
CA TYR A 51 -0.61 4.18 10.50
C TYR A 51 -1.13 4.64 11.86
N ALA A 52 -1.74 5.83 11.90
CA ALA A 52 -2.29 6.37 13.14
C ALA A 52 -3.42 5.48 13.66
N ALA A 53 -4.09 4.79 12.74
CA ALA A 53 -5.16 3.86 13.09
C ALA A 53 -4.60 2.63 13.80
N GLY A 54 -3.29 2.45 13.68
CA GLY A 54 -2.60 1.36 14.34
C GLY A 54 -2.07 0.33 13.37
N LEU A 55 -1.50 0.80 12.27
CA LEU A 55 -0.96 -0.08 11.24
C LEU A 55 0.45 -0.53 11.59
N SER A 56 0.61 -1.82 11.83
CA SER A 56 1.90 -2.39 12.17
C SER A 56 2.58 -2.91 10.90
N SER A 57 3.91 -2.98 10.93
CA SER A 57 4.68 -3.38 9.76
C SER A 57 4.33 -4.81 9.33
N PHE A 58 3.79 -5.60 10.25
CA PHE A 58 3.36 -6.96 9.94
C PHE A 58 2.16 -6.92 9.01
N ALA A 59 1.19 -6.06 9.34
CA ALA A 59 -0.01 -5.91 8.53
C ALA A 59 0.31 -5.34 7.15
N SER A 60 1.32 -4.48 7.09
CA SER A 60 1.72 -3.87 5.83
C SER A 60 2.40 -4.88 4.92
N VAL A 61 3.29 -5.70 5.48
CA VAL A 61 3.95 -6.76 4.73
C VAL A 61 2.90 -7.70 4.12
N GLN A 62 1.88 -8.02 4.91
CA GLN A 62 0.81 -8.90 4.47
C GLN A 62 0.06 -8.33 3.27
N LEU A 63 -0.13 -7.01 3.26
CA LEU A 63 -0.87 -6.35 2.18
C LEU A 63 -0.10 -6.46 0.86
N MET A 64 1.22 -6.61 0.96
CA MET A 64 2.08 -6.66 -0.22
C MET A 64 1.87 -7.99 -0.93
N LEU A 65 1.70 -9.03 -0.12
CA LEU A 65 1.56 -10.39 -0.59
C LEU A 65 0.41 -10.50 -1.60
N GLY A 66 -0.76 -9.99 -1.22
CA GLY A 66 -1.93 -10.05 -2.07
C GLY A 66 -1.91 -9.00 -3.17
N ILE A 67 -1.31 -7.85 -2.88
CA ILE A 67 -1.26 -6.75 -3.84
C ILE A 67 -0.34 -7.08 -5.02
N GLU A 68 0.68 -7.91 -4.77
CA GLU A 68 1.59 -8.33 -5.82
C GLU A 68 0.82 -8.95 -6.98
N GLU A 69 0.01 -9.95 -6.67
CA GLU A 69 -0.79 -10.65 -7.67
C GLU A 69 -1.94 -9.77 -8.15
N ALA A 70 -2.40 -8.87 -7.28
CA ALA A 70 -3.58 -8.05 -7.56
C ALA A 70 -3.51 -7.35 -8.92
N PHE A 71 -2.40 -6.67 -9.21
CA PHE A 71 -2.30 -5.93 -10.49
C PHE A 71 -1.03 -6.27 -11.28
N ASP A 72 0.10 -6.54 -10.60
CA ASP A 72 1.37 -6.81 -11.30
C ASP A 72 2.49 -7.12 -10.31
N ILE A 73 2.82 -6.15 -9.44
CA ILE A 73 3.88 -6.32 -8.45
C ILE A 73 3.49 -5.66 -7.12
N GLU A 74 4.36 -5.81 -6.12
CA GLU A 74 4.16 -5.19 -4.82
C GLU A 74 5.20 -4.08 -4.60
N PHE A 75 4.99 -3.28 -3.56
CA PHE A 75 5.88 -2.16 -3.28
C PHE A 75 7.31 -2.64 -3.03
N PRO A 76 8.28 -2.08 -3.79
CA PRO A 76 9.69 -2.47 -3.70
C PRO A 76 10.32 -2.11 -2.35
N ASP A 77 11.30 -2.93 -1.93
CA ASP A 77 11.93 -2.79 -0.61
C ASP A 77 12.54 -1.41 -0.38
N ASN A 78 12.86 -0.72 -1.48
CA ASN A 78 13.45 0.62 -1.40
C ASN A 78 12.53 1.61 -0.69
N LEU A 79 11.21 1.46 -0.85
CA LEU A 79 10.26 2.42 -0.30
C LEU A 79 9.38 1.82 0.79
N LEU A 80 9.67 0.58 1.18
CA LEU A 80 8.92 -0.05 2.27
C LEU A 80 9.25 0.62 3.61
N ASN A 81 8.21 0.87 4.40
CA ASN A 81 8.34 1.53 5.71
C ASN A 81 8.86 2.96 5.55
N ARG A 82 8.55 3.58 4.41
CA ARG A 82 8.97 4.94 4.12
C ARG A 82 7.75 5.88 4.21
N LYS A 83 7.98 7.20 4.09
CA LYS A 83 6.89 8.18 4.14
C LYS A 83 5.85 7.92 3.05
N SER A 84 6.19 7.10 2.06
CA SER A 84 5.28 6.71 1.00
C SER A 84 3.98 6.16 1.59
N PHE A 85 4.10 5.41 2.68
CA PHE A 85 2.95 4.81 3.37
C PHE A 85 2.07 5.89 4.00
N ALA A 86 2.68 7.02 4.33
CA ALA A 86 1.97 8.14 4.96
C ALA A 86 1.08 8.86 3.95
N SER A 87 1.35 8.66 2.67
CA SER A 87 0.59 9.30 1.61
C SER A 87 0.27 8.30 0.50
N ILE A 88 -0.88 7.63 0.63
CA ILE A 88 -1.30 6.63 -0.35
C ILE A 88 -1.39 7.25 -1.75
N LYS A 89 -1.92 8.46 -1.83
CA LYS A 89 -2.03 9.18 -3.10
C LYS A 89 -0.65 9.40 -3.73
N ALA A 90 0.38 9.50 -2.89
CA ALA A 90 1.74 9.70 -3.38
C ALA A 90 2.38 8.38 -3.80
N ILE A 91 2.16 7.32 -3.02
CA ILE A 91 2.78 6.03 -3.27
C ILE A 91 2.16 5.37 -4.51
N GLU A 92 0.86 5.62 -4.76
CA GLU A 92 0.20 5.06 -5.92
C GLU A 92 0.85 5.61 -7.19
N ASP A 93 1.26 6.88 -7.14
CA ASP A 93 1.97 7.52 -8.23
C ASP A 93 3.31 6.81 -8.48
N THR A 94 4.03 6.56 -7.39
CA THR A 94 5.33 5.92 -7.45
C THR A 94 5.23 4.51 -8.03
N VAL A 95 4.24 3.74 -7.58
CA VAL A 95 4.06 2.37 -8.06
C VAL A 95 3.61 2.37 -9.52
N LYS A 96 2.84 3.41 -9.92
CA LYS A 96 2.44 3.58 -11.32
C LYS A 96 3.67 3.82 -12.19
N LEU A 97 4.68 4.51 -11.64
CA LEU A 97 5.94 4.72 -12.33
C LEU A 97 6.68 3.39 -12.50
N ILE A 98 6.51 2.50 -11.52
CA ILE A 98 7.08 1.15 -11.61
C ILE A 98 6.50 0.42 -12.82
N LEU A 99 5.17 0.48 -12.96
CA LEU A 99 4.48 -0.17 -14.07
C LEU A 99 5.03 0.28 -15.42
N ASP A 100 5.52 1.52 -15.48
CA ASP A 100 6.09 2.05 -16.71
C ASP A 100 7.41 1.37 -17.06
N GLY A 101 8.15 0.97 -16.03
CA GLY A 101 9.43 0.34 -16.23
C GLY A 101 9.79 -0.55 -15.05
N LYS A 102 9.06 -1.65 -14.90
CA LYS A 102 9.31 -2.58 -13.80
C LYS A 102 10.72 -3.14 -13.89
N GLU A 103 11.07 -3.64 -15.08
CA GLU A 103 12.37 -4.26 -15.34
C GLU A 103 12.57 -5.49 -14.45
N ALA A 104 11.48 -5.98 -13.86
CA ALA A 104 11.53 -7.17 -13.03
C ALA A 104 11.50 -8.42 -13.90
N ALA A 105 12.61 -8.67 -14.58
CA ALA A 105 12.74 -9.79 -15.50
C ALA A 105 14.21 -10.17 -15.68
N MET A 23 -5.66 -0.53 -8.90
CA MET A 23 -4.42 -0.23 -8.15
C MET A 23 -4.71 0.66 -6.94
N ASN A 24 -4.99 1.95 -7.19
CA ASN A 24 -5.16 2.91 -6.10
C ASN A 24 -6.18 2.44 -5.06
N ALA A 25 -7.31 1.92 -5.54
CA ALA A 25 -8.34 1.39 -4.67
C ALA A 25 -7.98 -0.02 -4.19
N THR A 26 -7.41 -0.79 -5.11
CA THR A 26 -6.97 -2.16 -4.85
C THR A 26 -6.05 -2.23 -3.61
N ILE A 27 -5.15 -1.25 -3.54
CA ILE A 27 -4.14 -1.20 -2.49
C ILE A 27 -4.79 -0.92 -1.15
N ARG A 28 -5.65 0.08 -1.11
CA ARG A 28 -6.38 0.42 0.11
C ARG A 28 -7.29 -0.73 0.52
N GLU A 29 -7.90 -1.37 -0.47
CA GLU A 29 -8.85 -2.45 -0.25
C GLU A 29 -8.18 -3.63 0.45
N ILE A 30 -6.94 -3.95 0.07
CA ILE A 30 -6.27 -5.11 0.63
C ILE A 30 -6.05 -4.93 2.14
N LEU A 31 -5.85 -3.69 2.58
CA LEU A 31 -5.71 -3.40 4.01
C LEU A 31 -6.97 -3.79 4.77
N ALA A 32 -8.12 -3.67 4.11
CA ALA A 32 -9.41 -3.93 4.74
C ALA A 32 -9.69 -5.43 4.89
N LYS A 33 -9.17 -6.22 3.96
CA LYS A 33 -9.47 -7.66 3.91
C LYS A 33 -8.25 -8.53 4.27
N PHE A 34 -7.05 -7.97 4.17
CA PHE A 34 -5.82 -8.73 4.47
C PHE A 34 -5.00 -8.07 5.57
N GLY A 35 -4.96 -6.73 5.54
CA GLY A 35 -4.11 -5.99 6.46
C GLY A 35 -4.56 -6.11 7.90
N GLN A 36 -3.62 -6.42 8.80
CA GLN A 36 -3.94 -6.53 10.22
C GLN A 36 -4.06 -5.14 10.83
N LEU A 37 -5.14 -4.46 10.48
CA LEU A 37 -5.45 -3.16 11.04
C LEU A 37 -6.61 -3.30 12.04
N PRO A 38 -6.41 -2.87 13.30
CA PRO A 38 -7.42 -3.00 14.35
C PRO A 38 -8.52 -1.95 14.21
N THR A 39 -8.43 -1.17 13.14
CA THR A 39 -9.31 -0.07 12.88
C THR A 39 -9.83 -0.18 11.45
N PRO A 40 -11.13 0.11 11.22
CA PRO A 40 -11.73 0.01 9.88
C PRO A 40 -11.07 0.95 8.87
N VAL A 41 -10.52 0.40 7.80
CA VAL A 41 -9.84 1.18 6.77
C VAL A 41 -10.79 2.21 6.14
N ASP A 42 -12.07 1.99 6.35
CA ASP A 42 -13.10 2.91 5.84
C ASP A 42 -13.02 4.28 6.53
N THR A 43 -12.60 4.30 7.80
CA THR A 43 -12.57 5.54 8.57
C THR A 43 -11.35 6.40 8.19
N ILE A 44 -10.32 5.76 7.64
CA ILE A 44 -9.16 6.49 7.13
C ILE A 44 -9.35 6.76 5.64
N ALA A 45 -8.34 7.33 4.99
CA ALA A 45 -8.46 7.76 3.60
C ALA A 45 -7.09 7.86 2.95
N ASP A 46 -7.06 8.38 1.73
CA ASP A 46 -5.83 8.45 0.94
C ASP A 46 -4.81 9.41 1.58
N GLU A 47 -5.29 10.55 2.08
CA GLU A 47 -4.40 11.55 2.68
C GLU A 47 -4.34 11.42 4.20
N ALA A 48 -5.17 10.55 4.76
CA ALA A 48 -5.17 10.32 6.20
C ALA A 48 -4.00 9.42 6.58
N ASP A 49 -3.33 9.77 7.67
CA ASP A 49 -2.17 9.02 8.13
C ASP A 49 -2.57 7.59 8.48
N LEU A 50 -2.26 6.67 7.57
CA LEU A 50 -2.68 5.27 7.71
C LEU A 50 -2.22 4.67 9.04
N TYR A 51 -0.96 4.93 9.37
CA TYR A 51 -0.36 4.40 10.60
C TYR A 51 -1.07 4.92 11.85
N ALA A 52 -1.72 6.08 11.73
CA ALA A 52 -2.43 6.69 12.86
C ALA A 52 -3.62 5.83 13.27
N ALA A 53 -4.17 5.07 12.32
CA ALA A 53 -5.27 4.14 12.60
C ALA A 53 -4.75 2.93 13.35
N GLY A 54 -3.44 2.77 13.37
CA GLY A 54 -2.79 1.68 14.06
C GLY A 54 -2.24 0.65 13.09
N LEU A 55 -1.76 1.13 11.95
CA LEU A 55 -1.22 0.25 10.91
C LEU A 55 0.15 -0.26 11.36
N SER A 56 0.25 -1.58 11.57
CA SER A 56 1.46 -2.19 12.08
C SER A 56 2.34 -2.72 10.95
N SER A 57 3.63 -2.93 11.26
CA SER A 57 4.59 -3.46 10.29
C SER A 57 4.07 -4.76 9.67
N PHE A 58 3.54 -5.64 10.52
CA PHE A 58 2.95 -6.90 10.07
C PHE A 58 1.85 -6.63 9.05
N ALA A 59 0.94 -5.72 9.38
CA ALA A 59 -0.17 -5.38 8.50
C ALA A 59 0.34 -4.80 7.19
N SER A 60 1.49 -4.12 7.26
CA SER A 60 2.07 -3.49 6.09
C SER A 60 2.66 -4.53 5.14
N VAL A 61 3.56 -5.37 5.66
CA VAL A 61 4.22 -6.39 4.86
C VAL A 61 3.19 -7.37 4.30
N GLN A 62 2.16 -7.63 5.09
CA GLN A 62 1.12 -8.59 4.73
C GLN A 62 0.32 -8.10 3.51
N LEU A 63 0.17 -6.79 3.40
CA LEU A 63 -0.63 -6.20 2.32
C LEU A 63 0.14 -6.31 0.99
N MET A 64 1.46 -6.44 1.07
CA MET A 64 2.30 -6.47 -0.12
C MET A 64 2.10 -7.77 -0.90
N LEU A 65 2.19 -8.89 -0.19
CA LEU A 65 2.13 -10.21 -0.81
C LEU A 65 0.87 -10.39 -1.66
N GLY A 66 -0.27 -10.01 -1.10
CA GLY A 66 -1.53 -10.14 -1.82
C GLY A 66 -1.66 -9.14 -2.95
N ILE A 67 -1.07 -7.96 -2.74
CA ILE A 67 -1.14 -6.88 -3.72
C ILE A 67 -0.29 -7.19 -4.96
N GLU A 68 0.78 -7.95 -4.76
CA GLU A 68 1.67 -8.34 -5.87
C GLU A 68 0.86 -9.00 -6.99
N GLU A 69 0.14 -10.05 -6.63
CA GLU A 69 -0.65 -10.80 -7.58
C GLU A 69 -1.87 -9.98 -8.03
N ALA A 70 -2.34 -9.09 -7.16
CA ALA A 70 -3.53 -8.31 -7.42
C ALA A 70 -3.46 -7.56 -8.75
N PHE A 71 -2.37 -6.82 -9.01
CA PHE A 71 -2.27 -6.07 -10.27
C PHE A 71 -0.97 -6.35 -11.05
N ASP A 72 0.15 -6.59 -10.35
CA ASP A 72 1.43 -6.79 -11.05
C ASP A 72 2.56 -7.11 -10.07
N ILE A 73 2.91 -6.14 -9.23
CA ILE A 73 4.01 -6.30 -8.27
C ILE A 73 3.65 -5.71 -6.91
N GLU A 74 4.50 -5.97 -5.93
CA GLU A 74 4.38 -5.35 -4.61
C GLU A 74 5.39 -4.21 -4.50
N PHE A 75 5.24 -3.39 -3.46
CA PHE A 75 6.04 -2.19 -3.29
C PHE A 75 7.52 -2.53 -3.06
N PRO A 76 8.42 -2.06 -3.94
CA PRO A 76 9.85 -2.37 -3.88
C PRO A 76 10.52 -1.82 -2.62
N ASP A 77 11.52 -2.53 -2.14
CA ASP A 77 12.29 -2.14 -0.95
C ASP A 77 12.78 -0.70 -1.06
N ASN A 78 12.98 -0.26 -2.31
CA ASN A 78 13.46 1.10 -2.59
C ASN A 78 12.54 2.15 -1.96
N LEU A 79 11.22 1.95 -2.09
CA LEU A 79 10.24 2.90 -1.56
C LEU A 79 9.54 2.33 -0.33
N LEU A 80 9.81 1.07 -0.01
CA LEU A 80 9.23 0.43 1.16
C LEU A 80 9.74 1.14 2.41
N ASN A 81 9.04 2.20 2.78
CA ASN A 81 9.47 3.09 3.86
C ASN A 81 8.26 3.85 4.40
N ARG A 82 8.33 4.21 5.69
CA ARG A 82 7.26 4.94 6.36
C ARG A 82 6.79 6.14 5.54
N LYS A 83 7.70 6.73 4.78
CA LYS A 83 7.41 7.91 3.96
C LYS A 83 6.30 7.61 2.96
N SER A 84 6.39 6.48 2.28
CA SER A 84 5.43 6.11 1.25
C SER A 84 4.18 5.49 1.87
N PHE A 85 4.37 4.71 2.93
CA PHE A 85 3.26 4.04 3.62
C PHE A 85 2.55 5.00 4.58
N ALA A 86 3.00 6.26 4.62
CA ALA A 86 2.37 7.28 5.45
C ALA A 86 0.97 7.62 4.93
N SER A 87 0.87 7.81 3.63
CA SER A 87 -0.38 8.17 2.99
C SER A 87 -0.50 7.51 1.62
N ILE A 88 -1.72 7.16 1.22
CA ILE A 88 -1.96 6.37 0.02
C ILE A 88 -1.58 7.12 -1.26
N LYS A 89 -2.06 8.35 -1.42
CA LYS A 89 -1.86 9.08 -2.67
C LYS A 89 -0.38 9.16 -3.06
N ALA A 90 0.50 9.13 -2.07
CA ALA A 90 1.93 9.19 -2.31
C ALA A 90 2.45 7.86 -2.85
N ILE A 91 2.06 6.77 -2.19
CA ILE A 91 2.56 5.44 -2.55
C ILE A 91 1.94 4.95 -3.88
N GLU A 92 0.66 5.26 -4.09
CA GLU A 92 -0.05 4.83 -5.30
C GLU A 92 0.48 5.58 -6.53
N ASP A 93 0.89 6.82 -6.30
CA ASP A 93 1.47 7.65 -7.37
C ASP A 93 2.80 7.06 -7.82
N THR A 94 3.57 6.55 -6.88
CA THR A 94 4.89 6.02 -7.14
C THR A 94 4.82 4.66 -7.84
N VAL A 95 3.88 3.81 -7.42
CA VAL A 95 3.75 2.48 -8.00
C VAL A 95 3.34 2.56 -9.48
N LYS A 96 2.61 3.62 -9.84
CA LYS A 96 2.22 3.87 -11.22
C LYS A 96 3.47 3.98 -12.11
N LEU A 97 4.50 4.63 -11.58
CA LEU A 97 5.76 4.84 -12.30
C LEU A 97 6.42 3.50 -12.61
N ILE A 98 6.22 2.53 -11.71
CA ILE A 98 6.79 1.19 -11.90
C ILE A 98 6.19 0.54 -13.15
N LEU A 99 4.90 0.78 -13.37
CA LEU A 99 4.20 0.25 -14.54
C LEU A 99 4.55 1.06 -15.78
N ASP A 100 4.87 2.34 -15.59
CA ASP A 100 5.34 3.19 -16.68
C ASP A 100 6.64 2.61 -17.25
N GLY A 101 7.57 2.32 -16.35
CA GLY A 101 8.84 1.73 -16.75
C GLY A 101 8.91 0.26 -16.41
N LYS A 102 7.98 -0.52 -16.98
CA LYS A 102 7.93 -1.97 -16.77
C LYS A 102 9.29 -2.62 -17.03
N GLU A 103 9.73 -2.53 -18.28
CA GLU A 103 11.01 -3.11 -18.68
C GLU A 103 12.08 -2.02 -18.81
N ALA A 104 11.67 -0.77 -18.70
CA ALA A 104 12.59 0.36 -18.79
C ALA A 104 13.36 0.51 -17.48
N ALA A 105 14.44 -0.25 -17.35
CA ALA A 105 15.29 -0.23 -16.17
C ALA A 105 16.65 -0.84 -16.50
N MET A 23 -5.41 0.38 -8.99
CA MET A 23 -4.17 0.35 -8.18
C MET A 23 -4.31 1.23 -6.94
N ASN A 24 -4.40 2.55 -7.13
CA ASN A 24 -4.41 3.51 -6.01
C ASN A 24 -5.43 3.12 -4.93
N ALA A 25 -6.69 2.93 -5.35
CA ALA A 25 -7.75 2.54 -4.42
C ALA A 25 -7.54 1.11 -3.96
N THR A 26 -7.18 0.26 -4.91
CA THR A 26 -6.93 -1.16 -4.65
C THR A 26 -5.94 -1.36 -3.50
N ILE A 27 -4.90 -0.53 -3.50
CA ILE A 27 -3.82 -0.61 -2.52
C ILE A 27 -4.32 -0.39 -1.11
N ARG A 28 -5.01 0.73 -0.88
CA ARG A 28 -5.54 1.04 0.45
C ARG A 28 -6.75 0.16 0.76
N GLU A 29 -7.39 -0.35 -0.29
CA GLU A 29 -8.57 -1.21 -0.15
C GLU A 29 -8.18 -2.57 0.41
N ILE A 30 -7.01 -3.09 0.01
CA ILE A 30 -6.58 -4.42 0.43
C ILE A 30 -6.49 -4.50 1.96
N LEU A 31 -6.15 -3.38 2.60
CA LEU A 31 -6.02 -3.33 4.06
C LEU A 31 -7.31 -3.79 4.74
N ALA A 32 -8.43 -3.64 4.05
CA ALA A 32 -9.73 -4.02 4.60
C ALA A 32 -9.90 -5.54 4.68
N LYS A 33 -9.31 -6.26 3.73
CA LYS A 33 -9.50 -7.70 3.61
C LYS A 33 -8.22 -8.51 3.93
N PHE A 34 -7.07 -7.83 3.97
CA PHE A 34 -5.78 -8.50 4.28
C PHE A 34 -5.09 -7.83 5.46
N GLY A 35 -5.21 -6.52 5.56
CA GLY A 35 -4.55 -5.80 6.64
C GLY A 35 -5.18 -6.11 7.98
N GLN A 36 -4.39 -6.64 8.91
CA GLN A 36 -4.87 -6.97 10.24
C GLN A 36 -4.96 -5.71 11.10
N LEU A 37 -5.65 -4.70 10.59
CA LEU A 37 -5.88 -3.46 11.31
C LEU A 37 -6.98 -3.68 12.35
N PRO A 38 -6.73 -3.39 13.64
CA PRO A 38 -7.72 -3.54 14.70
C PRO A 38 -8.81 -2.49 14.57
N THR A 39 -8.49 -1.47 13.81
CA THR A 39 -9.33 -0.31 13.63
C THR A 39 -10.05 -0.38 12.27
N PRO A 40 -11.31 0.06 12.18
CA PRO A 40 -12.08 0.02 10.94
C PRO A 40 -11.44 0.89 9.84
N VAL A 41 -11.21 0.28 8.67
CA VAL A 41 -10.64 1.00 7.53
C VAL A 41 -11.56 2.16 7.11
N ASP A 42 -12.81 2.09 7.55
CA ASP A 42 -13.80 3.13 7.29
C ASP A 42 -13.32 4.52 7.78
N THR A 43 -12.48 4.53 8.82
CA THR A 43 -12.02 5.79 9.41
C THR A 43 -10.81 6.35 8.66
N ILE A 44 -10.01 5.48 8.05
CA ILE A 44 -8.80 5.91 7.34
C ILE A 44 -9.09 6.16 5.86
N ALA A 45 -8.08 6.58 5.13
CA ALA A 45 -8.24 6.96 3.72
C ALA A 45 -6.87 7.12 3.07
N ASP A 46 -6.88 7.40 1.76
CA ASP A 46 -5.65 7.58 0.98
C ASP A 46 -4.81 8.72 1.54
N GLU A 47 -5.50 9.72 2.10
CA GLU A 47 -4.86 10.93 2.63
C GLU A 47 -4.80 10.91 4.15
N ALA A 48 -5.02 9.75 4.75
CA ALA A 48 -5.01 9.61 6.20
C ALA A 48 -3.83 8.77 6.66
N ASP A 49 -3.25 9.14 7.81
CA ASP A 49 -2.11 8.43 8.37
C ASP A 49 -2.54 7.03 8.82
N LEU A 50 -2.30 6.05 7.95
CA LEU A 50 -2.70 4.65 8.21
C LEU A 50 -2.15 4.15 9.54
N TYR A 51 -0.87 4.38 9.77
CA TYR A 51 -0.18 3.91 10.98
C TYR A 51 -0.76 4.53 12.24
N ALA A 52 -1.35 5.73 12.10
CA ALA A 52 -1.92 6.44 13.24
C ALA A 52 -3.15 5.71 13.78
N ALA A 53 -3.85 5.00 12.89
CA ALA A 53 -5.05 4.25 13.27
C ALA A 53 -4.67 2.97 14.02
N GLY A 54 -3.41 2.56 13.88
CA GLY A 54 -2.91 1.38 14.57
C GLY A 54 -2.45 0.30 13.61
N LEU A 55 -1.92 0.70 12.47
CA LEU A 55 -1.45 -0.25 11.46
C LEU A 55 -0.19 -0.96 11.94
N SER A 56 -0.22 -2.28 11.88
CA SER A 56 0.89 -3.10 12.33
C SER A 56 1.80 -3.45 11.15
N SER A 57 3.10 -3.61 11.44
CA SER A 57 4.10 -3.89 10.41
C SER A 57 3.73 -5.12 9.60
N PHE A 58 3.38 -6.20 10.28
CA PHE A 58 3.05 -7.46 9.63
C PHE A 58 1.80 -7.32 8.78
N ALA A 59 0.81 -6.59 9.31
CA ALA A 59 -0.41 -6.27 8.55
C ALA A 59 -0.06 -5.53 7.26
N SER A 60 1.00 -4.74 7.31
CA SER A 60 1.47 -3.99 6.15
C SER A 60 2.18 -4.92 5.17
N VAL A 61 2.93 -5.88 5.70
CA VAL A 61 3.62 -6.87 4.87
C VAL A 61 2.62 -7.70 4.09
N GLN A 62 1.61 -8.20 4.80
CA GLN A 62 0.57 -9.02 4.17
C GLN A 62 -0.13 -8.25 3.06
N LEU A 63 -0.24 -6.93 3.22
CA LEU A 63 -0.92 -6.08 2.23
C LEU A 63 -0.17 -6.11 0.89
N MET A 64 1.16 -6.00 0.94
CA MET A 64 1.96 -5.92 -0.29
C MET A 64 2.00 -7.27 -1.00
N LEU A 65 2.04 -8.35 -0.23
CA LEU A 65 2.02 -9.71 -0.81
C LEU A 65 0.74 -9.93 -1.60
N GLY A 66 -0.39 -9.57 -1.01
CA GLY A 66 -1.66 -9.70 -1.69
C GLY A 66 -1.78 -8.74 -2.86
N ILE A 67 -1.32 -7.51 -2.65
CA ILE A 67 -1.35 -6.48 -3.68
C ILE A 67 -0.48 -6.86 -4.88
N GLU A 68 0.58 -7.64 -4.62
CA GLU A 68 1.47 -8.11 -5.70
C GLU A 68 0.66 -8.85 -6.76
N GLU A 69 -0.05 -9.89 -6.32
CA GLU A 69 -0.87 -10.69 -7.22
C GLU A 69 -2.09 -9.91 -7.68
N ALA A 70 -2.55 -9.00 -6.82
CA ALA A 70 -3.75 -8.20 -7.10
C ALA A 70 -3.68 -7.50 -8.46
N PHE A 71 -2.57 -6.81 -8.77
CA PHE A 71 -2.48 -6.10 -10.04
C PHE A 71 -1.21 -6.45 -10.85
N ASP A 72 -0.09 -6.72 -10.17
CA ASP A 72 1.18 -6.98 -10.87
C ASP A 72 2.33 -7.27 -9.90
N ILE A 73 2.77 -6.24 -9.16
CA ILE A 73 3.91 -6.38 -8.23
C ILE A 73 3.65 -5.65 -6.92
N GLU A 74 4.58 -5.79 -5.98
CA GLU A 74 4.50 -5.09 -4.68
C GLU A 74 5.55 -3.98 -4.60
N PHE A 75 5.42 -3.15 -3.58
CA PHE A 75 6.26 -1.96 -3.41
C PHE A 75 7.73 -2.32 -3.16
N PRO A 76 8.63 -1.88 -4.06
CA PRO A 76 10.06 -2.15 -3.94
C PRO A 76 10.69 -1.43 -2.74
N ASP A 77 11.73 -2.05 -2.16
CA ASP A 77 12.37 -1.53 -0.96
C ASP A 77 12.83 -0.08 -1.12
N ASN A 78 13.07 0.33 -2.37
CA ASN A 78 13.49 1.70 -2.68
C ASN A 78 12.50 2.71 -2.11
N LEU A 79 11.21 2.47 -2.32
CA LEU A 79 10.17 3.38 -1.85
C LEU A 79 9.49 2.83 -0.59
N LEU A 80 9.74 1.55 -0.30
CA LEU A 80 9.15 0.89 0.86
C LEU A 80 9.67 1.54 2.13
N ASN A 81 8.93 2.53 2.61
CA ASN A 81 9.32 3.28 3.80
C ASN A 81 8.10 4.01 4.36
N ARG A 82 8.15 4.33 5.66
CA ARG A 82 7.06 5.01 6.36
C ARG A 82 6.59 6.24 5.58
N LYS A 83 7.54 6.91 4.93
CA LYS A 83 7.27 8.12 4.14
C LYS A 83 6.16 7.87 3.12
N SER A 84 6.38 6.88 2.27
CA SER A 84 5.51 6.63 1.13
C SER A 84 4.16 6.08 1.59
N PHE A 85 4.19 5.14 2.53
CA PHE A 85 2.97 4.52 3.04
C PHE A 85 2.14 5.49 3.88
N ALA A 86 2.70 6.66 4.18
CA ALA A 86 1.99 7.68 4.94
C ALA A 86 1.03 8.47 4.04
N SER A 87 1.13 8.25 2.73
CA SER A 87 0.28 8.93 1.76
C SER A 87 0.04 8.05 0.53
N ILE A 88 -1.09 7.33 0.53
CA ILE A 88 -1.42 6.40 -0.54
C ILE A 88 -1.50 7.12 -1.90
N LYS A 89 -2.14 8.28 -1.91
CA LYS A 89 -2.31 9.04 -3.15
C LYS A 89 -0.96 9.42 -3.75
N ALA A 90 0.07 9.54 -2.91
CA ALA A 90 1.40 9.88 -3.37
C ALA A 90 2.13 8.64 -3.89
N ILE A 91 2.14 7.58 -3.07
CA ILE A 91 2.89 6.37 -3.39
C ILE A 91 2.38 5.70 -4.66
N GLU A 92 1.08 5.84 -4.94
CA GLU A 92 0.48 5.22 -6.12
C GLU A 92 1.20 5.66 -7.40
N ASP A 93 1.65 6.90 -7.43
CA ASP A 93 2.34 7.44 -8.59
C ASP A 93 3.71 6.78 -8.74
N THR A 94 4.37 6.54 -7.61
CA THR A 94 5.71 5.97 -7.60
C THR A 94 5.68 4.51 -8.07
N VAL A 95 4.64 3.78 -7.69
CA VAL A 95 4.50 2.38 -8.11
C VAL A 95 4.05 2.31 -9.58
N LYS A 96 3.31 3.33 -10.02
CA LYS A 96 2.90 3.44 -11.42
C LYS A 96 4.13 3.51 -12.34
N LEU A 97 5.20 4.12 -11.84
CA LEU A 97 6.45 4.21 -12.57
C LEU A 97 6.98 2.82 -12.94
N ILE A 98 6.71 1.85 -12.07
CA ILE A 98 7.14 0.46 -12.30
C ILE A 98 6.43 -0.11 -13.52
N LEU A 99 5.16 0.24 -13.68
CA LEU A 99 4.37 -0.21 -14.81
C LEU A 99 4.83 0.47 -16.09
N ASP A 100 5.36 1.69 -15.94
CA ASP A 100 5.84 2.48 -17.07
C ASP A 100 7.01 1.80 -17.76
N GLY A 101 7.91 1.22 -16.98
CA GLY A 101 9.06 0.51 -17.54
C GLY A 101 8.78 -0.98 -17.68
N LYS A 102 8.27 -1.57 -16.60
CA LYS A 102 7.97 -2.99 -16.51
C LYS A 102 9.22 -3.84 -16.75
N GLU A 103 9.57 -3.96 -18.00
CA GLU A 103 10.64 -4.85 -18.44
C GLU A 103 11.26 -4.36 -19.76
N ALA A 104 10.97 -3.11 -20.10
CA ALA A 104 11.53 -2.52 -21.31
C ALA A 104 12.97 -2.10 -21.07
N ALA A 105 13.90 -3.00 -21.41
CA ALA A 105 15.32 -2.73 -21.27
C ALA A 105 15.89 -2.13 -22.55
N MET A 23 -5.53 0.06 -8.93
CA MET A 23 -4.31 0.12 -8.10
C MET A 23 -4.55 0.94 -6.82
N ASN A 24 -4.76 2.25 -6.97
CA ASN A 24 -4.90 3.15 -5.82
C ASN A 24 -5.96 2.65 -4.84
N ALA A 25 -7.14 2.29 -5.36
CA ALA A 25 -8.23 1.79 -4.52
C ALA A 25 -7.94 0.35 -4.09
N THR A 26 -7.38 -0.41 -5.02
CA THR A 26 -7.01 -1.81 -4.79
C THR A 26 -6.15 -1.93 -3.53
N ILE A 27 -5.11 -1.09 -3.48
CA ILE A 27 -4.14 -1.10 -2.39
C ILE A 27 -4.82 -0.85 -1.04
N ARG A 28 -5.56 0.25 -0.93
CA ARG A 28 -6.21 0.58 0.34
C ARG A 28 -7.30 -0.43 0.67
N GLU A 29 -7.83 -1.10 -0.36
CA GLU A 29 -8.90 -2.08 -0.17
C GLU A 29 -8.36 -3.36 0.46
N ILE A 30 -7.14 -3.77 0.07
CA ILE A 30 -6.56 -5.00 0.61
C ILE A 30 -6.40 -4.88 2.13
N LEU A 31 -6.14 -3.66 2.60
CA LEU A 31 -5.98 -3.40 4.04
C LEU A 31 -7.26 -3.78 4.80
N ALA A 32 -8.39 -3.72 4.11
CA ALA A 32 -9.68 -4.02 4.72
C ALA A 32 -9.90 -5.53 4.88
N LYS A 33 -9.31 -6.31 3.97
CA LYS A 33 -9.55 -7.75 3.93
C LYS A 33 -8.31 -8.56 4.35
N PHE A 34 -7.17 -8.29 3.72
CA PHE A 34 -5.93 -9.02 4.03
C PHE A 34 -5.05 -8.24 5.00
N GLY A 35 -5.27 -6.93 5.06
CA GLY A 35 -4.48 -6.10 5.95
C GLY A 35 -4.86 -6.29 7.39
N GLN A 36 -3.88 -6.57 8.24
CA GLN A 36 -4.13 -6.79 9.66
C GLN A 36 -4.18 -5.45 10.40
N LEU A 37 -5.03 -4.57 9.92
CA LEU A 37 -5.25 -3.26 10.54
C LEU A 37 -6.36 -3.40 11.58
N PRO A 38 -6.10 -3.03 12.85
CA PRO A 38 -7.06 -3.23 13.95
C PRO A 38 -8.21 -2.23 13.87
N THR A 39 -8.09 -1.31 12.94
CA THR A 39 -9.04 -0.25 12.76
C THR A 39 -9.53 -0.25 11.30
N PRO A 40 -10.85 -0.10 11.06
CA PRO A 40 -11.42 -0.16 9.71
C PRO A 40 -10.87 0.94 8.81
N VAL A 41 -10.43 0.56 7.61
CA VAL A 41 -9.87 1.51 6.64
C VAL A 41 -10.89 2.60 6.30
N ASP A 42 -12.16 2.25 6.47
CA ASP A 42 -13.28 3.16 6.21
C ASP A 42 -13.13 4.48 6.97
N THR A 43 -12.46 4.46 8.12
CA THR A 43 -12.32 5.66 8.95
C THR A 43 -11.15 6.52 8.47
N ILE A 44 -10.13 5.91 7.88
CA ILE A 44 -8.95 6.63 7.42
C ILE A 44 -9.05 6.96 5.94
N ALA A 45 -8.06 7.67 5.41
CA ALA A 45 -8.09 8.10 4.01
C ALA A 45 -6.67 8.40 3.51
N ASP A 46 -6.57 8.71 2.22
CA ASP A 46 -5.28 8.99 1.58
C ASP A 46 -4.66 10.26 2.15
N GLU A 47 -5.51 11.21 2.53
CA GLU A 47 -5.06 12.47 3.13
C GLU A 47 -4.88 12.33 4.64
N ALA A 48 -4.98 11.09 5.13
CA ALA A 48 -4.81 10.81 6.56
C ALA A 48 -3.58 9.94 6.78
N ASP A 49 -3.16 9.84 8.04
CA ASP A 49 -2.02 9.01 8.41
C ASP A 49 -2.49 7.58 8.70
N LEU A 50 -2.21 6.67 7.77
CA LEU A 50 -2.66 5.28 7.90
C LEU A 50 -2.19 4.65 9.21
N TYR A 51 -0.96 4.95 9.61
CA TYR A 51 -0.37 4.37 10.81
C TYR A 51 -1.12 4.83 12.07
N ALA A 52 -1.83 5.94 11.97
CA ALA A 52 -2.61 6.46 13.10
C ALA A 52 -3.73 5.48 13.48
N ALA A 53 -4.17 4.70 12.49
CA ALA A 53 -5.19 3.67 12.71
C ALA A 53 -4.57 2.44 13.36
N GLY A 54 -3.24 2.37 13.34
CA GLY A 54 -2.53 1.26 13.94
C GLY A 54 -1.92 0.34 12.89
N LEU A 55 -1.40 0.92 11.82
CA LEU A 55 -0.80 0.14 10.74
C LEU A 55 0.60 -0.30 11.14
N SER A 56 0.75 -1.59 11.46
CA SER A 56 2.01 -2.15 11.88
C SER A 56 2.70 -2.86 10.71
N SER A 57 4.00 -3.16 10.90
CA SER A 57 4.80 -3.82 9.87
C SER A 57 4.16 -5.14 9.44
N PHE A 58 3.59 -5.86 10.41
CA PHE A 58 2.94 -7.15 10.15
C PHE A 58 1.87 -7.00 9.07
N ALA A 59 1.05 -5.96 9.20
CA ALA A 59 -0.02 -5.70 8.26
C ALA A 59 0.52 -5.16 6.94
N SER A 60 1.53 -4.30 7.04
CA SER A 60 2.10 -3.63 5.88
C SER A 60 2.77 -4.64 4.94
N VAL A 61 3.70 -5.42 5.47
CA VAL A 61 4.44 -6.39 4.66
C VAL A 61 3.48 -7.41 4.04
N GLN A 62 2.50 -7.84 4.81
CA GLN A 62 1.55 -8.87 4.37
C GLN A 62 0.71 -8.35 3.20
N LEU A 63 0.28 -7.09 3.27
CA LEU A 63 -0.60 -6.54 2.25
C LEU A 63 0.07 -6.55 0.89
N MET A 64 1.40 -6.52 0.88
CA MET A 64 2.16 -6.51 -0.36
C MET A 64 2.01 -7.84 -1.09
N LEU A 65 2.01 -8.92 -0.32
CA LEU A 65 1.92 -10.27 -0.87
C LEU A 65 0.61 -10.46 -1.63
N GLY A 66 -0.48 -9.96 -1.06
CA GLY A 66 -1.79 -10.05 -1.69
C GLY A 66 -1.93 -9.06 -2.83
N ILE A 67 -1.40 -7.86 -2.64
CA ILE A 67 -1.45 -6.82 -3.65
C ILE A 67 -0.60 -7.18 -4.87
N GLU A 68 0.43 -7.98 -4.65
CA GLU A 68 1.29 -8.46 -5.73
C GLU A 68 0.44 -9.11 -6.84
N GLU A 69 -0.36 -10.10 -6.46
CA GLU A 69 -1.21 -10.80 -7.42
C GLU A 69 -2.32 -9.89 -7.93
N ALA A 70 -2.74 -8.95 -7.08
CA ALA A 70 -3.88 -8.08 -7.37
C ALA A 70 -3.75 -7.39 -8.73
N PHE A 71 -2.61 -6.76 -9.01
CA PHE A 71 -2.43 -6.09 -10.29
C PHE A 71 -1.17 -6.49 -11.05
N ASP A 72 -0.06 -6.78 -10.33
CA ASP A 72 1.20 -7.12 -11.01
C ASP A 72 2.32 -7.43 -10.01
N ILE A 73 2.75 -6.43 -9.24
CA ILE A 73 3.88 -6.59 -8.31
C ILE A 73 3.57 -5.97 -6.95
N GLU A 74 4.49 -6.17 -6.01
CA GLU A 74 4.37 -5.61 -4.67
C GLU A 74 5.34 -4.45 -4.47
N PHE A 75 5.16 -3.73 -3.36
CA PHE A 75 5.94 -2.53 -3.06
C PHE A 75 7.42 -2.86 -2.82
N PRO A 76 8.32 -2.22 -3.60
CA PRO A 76 9.77 -2.44 -3.49
C PRO A 76 10.38 -1.74 -2.28
N ASP A 77 11.53 -2.26 -1.83
CA ASP A 77 12.21 -1.77 -0.63
C ASP A 77 12.40 -0.25 -0.67
N ASN A 78 12.68 0.27 -1.86
CA ASN A 78 12.97 1.71 -2.05
C ASN A 78 11.93 2.60 -1.34
N LEU A 79 10.66 2.24 -1.50
CA LEU A 79 9.58 3.03 -0.89
C LEU A 79 9.02 2.33 0.34
N LEU A 80 9.38 1.06 0.51
CA LEU A 80 8.91 0.24 1.62
C LEU A 80 9.47 0.75 2.95
N ASN A 81 10.59 1.47 2.87
CA ASN A 81 11.24 2.02 4.07
C ASN A 81 10.92 3.51 4.22
N ARG A 82 10.08 4.03 3.33
CA ARG A 82 9.86 5.47 3.25
C ARG A 82 8.48 5.87 3.79
N LYS A 83 8.29 7.17 3.96
CA LYS A 83 7.03 7.74 4.46
C LYS A 83 5.88 7.49 3.47
N SER A 84 6.24 7.15 2.24
CA SER A 84 5.28 6.90 1.15
C SER A 84 4.04 6.14 1.63
N PHE A 85 4.23 5.11 2.46
CA PHE A 85 3.12 4.29 2.96
C PHE A 85 2.12 5.09 3.79
N ALA A 86 2.62 6.11 4.48
CA ALA A 86 1.77 6.96 5.33
C ALA A 86 0.86 7.85 4.48
N SER A 87 1.07 7.85 3.17
CA SER A 87 0.32 8.69 2.25
C SER A 87 -0.07 7.91 0.99
N ILE A 88 -1.31 7.45 0.95
CA ILE A 88 -1.80 6.62 -0.16
C ILE A 88 -1.61 7.31 -1.52
N LYS A 89 -2.00 8.59 -1.60
CA LYS A 89 -1.89 9.33 -2.86
C LYS A 89 -0.45 9.36 -3.38
N ALA A 90 0.52 9.32 -2.47
CA ALA A 90 1.93 9.39 -2.84
C ALA A 90 2.44 8.02 -3.29
N ILE A 91 2.08 6.99 -2.53
CA ILE A 91 2.54 5.64 -2.82
C ILE A 91 1.92 5.11 -4.12
N GLU A 92 0.65 5.47 -4.36
CA GLU A 92 -0.04 5.04 -5.58
C GLU A 92 0.59 5.72 -6.79
N ASP A 93 1.04 6.96 -6.58
CA ASP A 93 1.70 7.72 -7.64
C ASP A 93 2.99 7.04 -8.06
N THR A 94 3.78 6.64 -7.06
CA THR A 94 5.08 6.05 -7.29
C THR A 94 4.97 4.64 -7.88
N VAL A 95 3.99 3.86 -7.40
CA VAL A 95 3.83 2.49 -7.88
C VAL A 95 3.42 2.47 -9.35
N LYS A 96 2.71 3.52 -9.79
CA LYS A 96 2.37 3.66 -11.21
C LYS A 96 3.62 3.59 -12.07
N LEU A 97 4.66 4.29 -11.63
CA LEU A 97 5.93 4.35 -12.32
C LEU A 97 6.55 2.96 -12.45
N ILE A 98 6.29 2.10 -11.47
CA ILE A 98 6.78 0.71 -11.52
C ILE A 98 6.16 -0.02 -12.70
N LEU A 99 4.87 0.20 -12.90
CA LEU A 99 4.16 -0.41 -14.02
C LEU A 99 4.64 0.18 -15.36
N ASP A 100 5.10 1.42 -15.31
CA ASP A 100 5.62 2.10 -16.49
C ASP A 100 6.97 1.51 -16.90
N GLY A 101 7.65 0.89 -15.95
CA GLY A 101 8.95 0.28 -16.23
C GLY A 101 9.29 -0.78 -15.20
N LYS A 102 8.56 -1.89 -15.23
CA LYS A 102 8.75 -2.97 -14.25
C LYS A 102 10.20 -3.47 -14.25
N GLU A 103 10.73 -3.72 -15.45
CA GLU A 103 12.08 -4.24 -15.60
C GLU A 103 13.09 -3.11 -15.72
N ALA A 104 12.61 -1.95 -16.21
CA ALA A 104 13.47 -0.78 -16.38
C ALA A 104 13.71 -0.08 -15.03
N ALA A 105 14.62 -0.64 -14.25
CA ALA A 105 14.98 -0.09 -12.95
C ALA A 105 16.38 0.51 -12.99
N MET A 23 -3.94 3.16 -8.07
CA MET A 23 -3.89 1.98 -7.16
C MET A 23 -4.21 2.37 -5.72
N ASN A 24 -4.36 3.68 -5.46
CA ASN A 24 -4.49 4.19 -4.09
C ASN A 24 -5.57 3.45 -3.29
N ALA A 25 -6.79 3.43 -3.83
CA ALA A 25 -7.91 2.77 -3.15
C ALA A 25 -7.64 1.28 -2.99
N THR A 26 -7.10 0.69 -4.05
CA THR A 26 -6.72 -0.72 -4.07
C THR A 26 -5.74 -1.04 -2.94
N ILE A 27 -4.80 -0.13 -2.71
CA ILE A 27 -3.75 -0.32 -1.71
C ILE A 27 -4.33 -0.39 -0.30
N ARG A 28 -5.01 0.67 0.13
CA ARG A 28 -5.57 0.69 1.49
C ARG A 28 -6.68 -0.35 1.64
N GLU A 29 -7.28 -0.73 0.51
CA GLU A 29 -8.35 -1.73 0.51
C GLU A 29 -7.86 -3.08 1.05
N ILE A 30 -6.65 -3.48 0.63
CA ILE A 30 -6.12 -4.78 1.03
C ILE A 30 -5.96 -4.85 2.55
N LEU A 31 -5.68 -3.71 3.17
CA LEU A 31 -5.52 -3.64 4.62
C LEU A 31 -6.79 -4.09 5.35
N ALA A 32 -7.93 -3.98 4.67
CA ALA A 32 -9.19 -4.44 5.23
C ALA A 32 -9.28 -5.97 5.26
N LYS A 33 -8.61 -6.61 4.31
CA LYS A 33 -8.66 -8.08 4.17
C LYS A 33 -7.36 -8.74 4.67
N PHE A 34 -6.24 -8.49 4.01
CA PHE A 34 -4.96 -9.08 4.38
C PHE A 34 -4.35 -8.33 5.56
N GLY A 35 -4.53 -7.01 5.55
CA GLY A 35 -3.94 -6.19 6.58
C GLY A 35 -4.58 -6.44 7.93
N GLN A 36 -3.75 -6.60 8.95
CA GLN A 36 -4.22 -6.81 10.31
C GLN A 36 -4.55 -5.48 10.97
N LEU A 37 -5.38 -4.68 10.30
CA LEU A 37 -5.82 -3.40 10.83
C LEU A 37 -7.05 -3.62 11.70
N PRO A 38 -6.99 -3.27 13.00
CA PRO A 38 -8.10 -3.49 13.94
C PRO A 38 -9.22 -2.49 13.73
N THR A 39 -8.98 -1.57 12.82
CA THR A 39 -9.88 -0.48 12.54
C THR A 39 -10.34 -0.56 11.07
N PRO A 40 -11.63 -0.29 10.80
CA PRO A 40 -12.17 -0.35 9.44
C PRO A 40 -11.52 0.69 8.52
N VAL A 41 -10.99 0.24 7.39
CA VAL A 41 -10.28 1.12 6.46
C VAL A 41 -11.22 2.22 5.94
N ASP A 42 -12.52 1.98 6.04
CA ASP A 42 -13.54 2.93 5.61
C ASP A 42 -13.40 4.27 6.34
N THR A 43 -12.84 4.25 7.56
CA THR A 43 -12.72 5.47 8.36
C THR A 43 -11.47 6.27 7.97
N ILE A 44 -10.51 5.60 7.32
CA ILE A 44 -9.28 6.27 6.88
C ILE A 44 -9.30 6.47 5.37
N ALA A 45 -8.31 7.18 4.86
CA ALA A 45 -8.25 7.52 3.44
C ALA A 45 -6.81 7.52 2.94
N ASP A 46 -6.65 7.78 1.64
CA ASP A 46 -5.33 7.71 1.00
C ASP A 46 -4.40 8.81 1.52
N GLU A 47 -4.99 9.95 1.85
CA GLU A 47 -4.24 11.10 2.34
C GLU A 47 -4.25 11.17 3.87
N ALA A 48 -4.78 10.12 4.50
CA ALA A 48 -4.91 10.11 5.96
C ALA A 48 -3.78 9.28 6.59
N ASP A 49 -3.69 9.33 7.91
CA ASP A 49 -2.66 8.60 8.65
C ASP A 49 -3.14 7.17 8.93
N LEU A 50 -2.91 6.27 7.98
CA LEU A 50 -3.33 4.87 8.13
C LEU A 50 -2.74 4.25 9.39
N TYR A 51 -1.49 4.60 9.68
CA TYR A 51 -0.78 4.05 10.83
C TYR A 51 -1.37 4.55 12.15
N ALA A 52 -2.06 5.69 12.10
CA ALA A 52 -2.70 6.25 13.28
C ALA A 52 -3.99 5.48 13.61
N ALA A 53 -4.57 4.86 12.60
CA ALA A 53 -5.76 4.02 12.79
C ALA A 53 -5.40 2.76 13.55
N GLY A 54 -4.11 2.42 13.53
CA GLY A 54 -3.60 1.29 14.27
C GLY A 54 -2.98 0.24 13.38
N LEU A 55 -2.26 0.70 12.35
CA LEU A 55 -1.63 -0.19 11.39
C LEU A 55 -0.42 -0.88 12.02
N SER A 56 -0.40 -2.20 11.93
CA SER A 56 0.68 -3.01 12.49
C SER A 56 1.71 -3.34 11.42
N SER A 57 2.94 -3.60 11.85
CA SER A 57 4.03 -3.98 10.95
C SER A 57 3.63 -5.17 10.08
N PHE A 58 3.18 -6.23 10.74
CA PHE A 58 2.72 -7.45 10.07
C PHE A 58 1.66 -7.12 9.02
N ALA A 59 0.82 -6.14 9.35
CA ALA A 59 -0.27 -5.73 8.48
C ALA A 59 0.27 -5.12 7.18
N SER A 60 1.26 -4.23 7.31
CA SER A 60 1.84 -3.56 6.16
C SER A 60 2.63 -4.54 5.30
N VAL A 61 3.14 -5.61 5.91
CA VAL A 61 3.87 -6.64 5.17
C VAL A 61 2.91 -7.47 4.33
N GLN A 62 1.82 -7.95 4.95
CA GLN A 62 0.82 -8.75 4.25
C GLN A 62 0.22 -7.94 3.11
N LEU A 63 0.15 -6.64 3.32
CA LEU A 63 -0.34 -5.69 2.32
C LEU A 63 0.41 -5.85 0.99
N MET A 64 1.70 -6.11 1.09
CA MET A 64 2.55 -6.18 -0.11
C MET A 64 2.19 -7.38 -0.98
N LEU A 65 2.22 -8.56 -0.37
CA LEU A 65 2.04 -9.82 -1.11
C LEU A 65 0.68 -9.86 -1.80
N GLY A 66 -0.37 -9.52 -1.07
CA GLY A 66 -1.71 -9.54 -1.63
C GLY A 66 -1.89 -8.48 -2.71
N ILE A 67 -1.24 -7.33 -2.53
CA ILE A 67 -1.31 -6.25 -3.51
C ILE A 67 -0.58 -6.62 -4.80
N GLU A 68 0.45 -7.44 -4.68
CA GLU A 68 1.18 -7.94 -5.84
C GLU A 68 0.22 -8.65 -6.79
N GLU A 69 -0.49 -9.63 -6.25
CA GLU A 69 -1.46 -10.39 -7.03
C GLU A 69 -2.69 -9.52 -7.36
N ALA A 70 -2.97 -8.54 -6.50
CA ALA A 70 -4.14 -7.69 -6.67
C ALA A 70 -4.14 -6.98 -8.02
N PHE A 71 -3.03 -6.33 -8.41
CA PHE A 71 -2.98 -5.65 -9.72
C PHE A 71 -1.75 -6.02 -10.56
N ASP A 72 -0.59 -6.28 -9.94
CA ASP A 72 0.62 -6.62 -10.71
C ASP A 72 1.83 -6.95 -9.82
N ILE A 73 2.37 -5.94 -9.13
CA ILE A 73 3.55 -6.14 -8.28
C ILE A 73 3.37 -5.47 -6.92
N GLU A 74 4.28 -5.79 -6.01
CA GLU A 74 4.31 -5.19 -4.69
C GLU A 74 5.37 -4.08 -4.63
N PHE A 75 5.33 -3.30 -3.56
CA PHE A 75 6.20 -2.14 -3.42
C PHE A 75 7.68 -2.54 -3.42
N PRO A 76 8.49 -1.94 -4.32
CA PRO A 76 9.93 -2.20 -4.40
C PRO A 76 10.70 -1.58 -3.24
N ASP A 77 11.88 -2.13 -2.95
CA ASP A 77 12.71 -1.70 -1.81
C ASP A 77 12.93 -0.19 -1.82
N ASN A 78 13.08 0.36 -3.02
CA ASN A 78 13.33 1.79 -3.21
C ASN A 78 12.40 2.67 -2.37
N LEU A 79 11.13 2.30 -2.29
CA LEU A 79 10.13 3.14 -1.63
C LEU A 79 9.52 2.48 -0.39
N LEU A 80 10.12 1.37 0.05
CA LEU A 80 9.62 0.66 1.23
C LEU A 80 9.80 1.49 2.50
N ASN A 81 10.43 2.66 2.38
CA ASN A 81 10.52 3.60 3.50
C ASN A 81 9.11 3.97 3.96
N ARG A 82 8.93 4.10 5.28
CA ARG A 82 7.60 4.29 5.87
C ARG A 82 7.02 5.66 5.47
N LYS A 83 7.88 6.55 4.97
CA LYS A 83 7.46 7.87 4.50
C LYS A 83 6.42 7.76 3.39
N SER A 84 6.68 6.88 2.43
CA SER A 84 5.80 6.71 1.28
C SER A 84 4.49 6.05 1.69
N PHE A 85 4.57 5.08 2.60
CA PHE A 85 3.37 4.43 3.15
C PHE A 85 2.52 5.42 3.94
N ALA A 86 3.13 6.54 4.34
CA ALA A 86 2.43 7.57 5.12
C ALA A 86 1.59 8.47 4.22
N SER A 87 1.61 8.18 2.91
CA SER A 87 0.80 8.93 1.96
C SER A 87 0.49 8.04 0.73
N ILE A 88 -0.64 7.35 0.79
CA ILE A 88 -1.00 6.35 -0.21
C ILE A 88 -1.08 6.96 -1.61
N LYS A 89 -1.72 8.13 -1.73
CA LYS A 89 -1.91 8.77 -3.03
C LYS A 89 -0.56 9.03 -3.73
N ALA A 90 0.49 9.20 -2.94
CA ALA A 90 1.82 9.48 -3.48
C ALA A 90 2.50 8.18 -3.91
N ILE A 91 2.54 7.21 -3.01
CA ILE A 91 3.21 5.93 -3.28
C ILE A 91 2.55 5.19 -4.43
N GLU A 92 1.23 5.36 -4.56
CA GLU A 92 0.46 4.73 -5.63
C GLU A 92 0.83 5.35 -6.98
N ASP A 93 1.24 6.60 -6.95
CA ASP A 93 1.68 7.27 -8.17
C ASP A 93 3.04 6.73 -8.61
N THR A 94 3.85 6.36 -7.63
CA THR A 94 5.19 5.85 -7.88
C THR A 94 5.13 4.44 -8.49
N VAL A 95 4.15 3.64 -8.07
CA VAL A 95 4.02 2.28 -8.58
C VAL A 95 3.72 2.29 -10.09
N LYS A 96 3.07 3.36 -10.56
CA LYS A 96 2.81 3.53 -12.00
C LYS A 96 4.11 3.37 -12.79
N LEU A 97 5.13 4.07 -12.32
CA LEU A 97 6.45 4.08 -12.97
C LEU A 97 6.98 2.67 -13.18
N ILE A 98 6.61 1.75 -12.29
CA ILE A 98 7.03 0.35 -12.41
C ILE A 98 6.36 -0.30 -13.62
N LEU A 99 5.10 0.05 -13.85
CA LEU A 99 4.33 -0.48 -14.98
C LEU A 99 4.75 0.19 -16.27
N ASP A 100 5.14 1.46 -16.17
CA ASP A 100 5.65 2.22 -17.31
C ASP A 100 7.02 1.69 -17.71
N GLY A 101 7.80 1.33 -16.70
CA GLY A 101 9.13 0.80 -16.93
C GLY A 101 9.18 -0.71 -16.77
N LYS A 102 8.11 -1.38 -17.21
CA LYS A 102 8.00 -2.84 -17.12
C LYS A 102 9.31 -3.53 -17.52
N GLU A 103 9.68 -3.37 -18.78
CA GLU A 103 10.89 -4.00 -19.32
C GLU A 103 11.86 -2.91 -19.79
N ALA A 104 11.75 -1.74 -19.17
CA ALA A 104 12.63 -0.62 -19.50
C ALA A 104 13.92 -0.66 -18.68
N ALA A 105 14.15 -1.80 -18.03
CA ALA A 105 15.35 -2.02 -17.24
C ALA A 105 16.53 -2.35 -18.15
N MET A 23 -5.73 0.07 -9.17
CA MET A 23 -4.44 0.13 -8.46
C MET A 23 -4.55 0.88 -7.14
N ASN A 24 -4.69 2.20 -7.18
CA ASN A 24 -4.70 3.01 -5.95
C ASN A 24 -5.83 2.57 -5.01
N ALA A 25 -7.00 2.31 -5.58
CA ALA A 25 -8.14 1.82 -4.82
C ALA A 25 -7.90 0.38 -4.39
N THR A 26 -7.34 -0.40 -5.31
CA THR A 26 -6.98 -1.80 -5.06
C THR A 26 -6.07 -1.92 -3.83
N ILE A 27 -5.08 -1.03 -3.76
CA ILE A 27 -4.07 -1.03 -2.71
C ILE A 27 -4.70 -0.71 -1.36
N ARG A 28 -5.50 0.36 -1.30
CA ARG A 28 -6.16 0.74 -0.05
C ARG A 28 -7.22 -0.30 0.33
N GLU A 29 -7.78 -0.96 -0.69
CA GLU A 29 -8.82 -1.95 -0.50
C GLU A 29 -8.28 -3.17 0.25
N ILE A 30 -7.09 -3.62 -0.12
CA ILE A 30 -6.51 -4.82 0.45
C ILE A 30 -6.31 -4.68 1.97
N LEU A 31 -6.03 -3.45 2.41
CA LEU A 31 -5.84 -3.18 3.85
C LEU A 31 -7.08 -3.55 4.65
N ALA A 32 -8.25 -3.42 4.04
CA ALA A 32 -9.51 -3.70 4.72
C ALA A 32 -9.69 -5.20 4.96
N LYS A 33 -9.15 -6.01 4.07
CA LYS A 33 -9.36 -7.46 4.10
C LYS A 33 -8.11 -8.22 4.57
N PHE A 34 -6.98 -8.02 3.88
CA PHE A 34 -5.72 -8.68 4.26
C PHE A 34 -4.99 -7.90 5.36
N GLY A 35 -5.08 -6.58 5.28
CA GLY A 35 -4.37 -5.72 6.21
C GLY A 35 -4.75 -6.00 7.66
N GLN A 36 -3.75 -6.26 8.49
CA GLN A 36 -3.98 -6.61 9.89
C GLN A 36 -4.12 -5.34 10.74
N LEU A 37 -4.84 -4.36 10.20
CA LEU A 37 -5.06 -3.10 10.88
C LEU A 37 -6.06 -3.31 12.03
N PRO A 38 -5.74 -2.83 13.25
CA PRO A 38 -6.59 -3.05 14.43
C PRO A 38 -7.84 -2.17 14.36
N THR A 39 -7.77 -1.16 13.52
CA THR A 39 -8.83 -0.21 13.33
C THR A 39 -9.44 -0.40 11.94
N PRO A 40 -10.77 -0.27 11.80
CA PRO A 40 -11.44 -0.41 10.51
C PRO A 40 -10.97 0.64 9.50
N VAL A 41 -10.48 0.18 8.35
CA VAL A 41 -10.00 1.08 7.30
C VAL A 41 -11.09 2.05 6.86
N ASP A 42 -12.33 1.64 7.12
CA ASP A 42 -13.52 2.43 6.80
C ASP A 42 -13.43 3.86 7.35
N THR A 43 -12.81 4.01 8.52
CA THR A 43 -12.75 5.31 9.19
C THR A 43 -11.61 6.18 8.64
N ILE A 44 -10.61 5.55 8.04
CA ILE A 44 -9.46 6.28 7.50
C ILE A 44 -9.54 6.36 5.98
N ALA A 45 -8.51 6.96 5.38
CA ALA A 45 -8.44 7.12 3.94
C ALA A 45 -7.01 7.46 3.53
N ASP A 46 -6.77 7.57 2.23
CA ASP A 46 -5.45 7.90 1.70
C ASP A 46 -5.03 9.29 2.18
N GLU A 47 -6.00 10.19 2.27
CA GLU A 47 -5.77 11.57 2.70
C GLU A 47 -5.69 11.68 4.22
N ALA A 48 -5.84 10.55 4.92
CA ALA A 48 -5.85 10.54 6.38
C ALA A 48 -4.56 9.93 6.94
N ASP A 49 -4.21 10.32 8.15
CA ASP A 49 -3.02 9.81 8.83
C ASP A 49 -3.25 8.36 9.28
N LEU A 50 -2.72 7.42 8.50
CA LEU A 50 -2.92 5.99 8.71
C LEU A 50 -2.38 5.53 10.06
N TYR A 51 -1.41 6.26 10.59
CA TYR A 51 -0.78 5.91 11.86
C TYR A 51 -1.84 5.86 12.96
N ALA A 52 -2.83 6.74 12.83
CA ALA A 52 -3.91 6.86 13.79
C ALA A 52 -4.70 5.56 13.90
N ALA A 53 -4.74 4.81 12.79
CA ALA A 53 -5.46 3.54 12.73
C ALA A 53 -4.58 2.40 13.24
N GLY A 54 -3.31 2.70 13.45
CA GLY A 54 -2.37 1.72 13.98
C GLY A 54 -1.66 0.94 12.89
N LEU A 55 -1.23 1.65 11.85
CA LEU A 55 -0.48 1.04 10.75
C LEU A 55 0.79 0.38 11.27
N SER A 56 0.79 -0.95 11.30
CA SER A 56 1.91 -1.73 11.82
C SER A 56 2.72 -2.34 10.67
N SER A 57 3.98 -2.68 10.96
CA SER A 57 4.91 -3.16 9.95
C SER A 57 4.37 -4.39 9.22
N PHE A 58 4.01 -5.43 9.98
CA PHE A 58 3.49 -6.66 9.41
C PHE A 58 2.27 -6.37 8.52
N ALA A 59 1.41 -5.49 9.00
CA ALA A 59 0.20 -5.13 8.28
C ALA A 59 0.55 -4.46 6.95
N SER A 60 1.58 -3.61 6.96
CA SER A 60 1.97 -2.87 5.77
C SER A 60 2.73 -3.75 4.78
N VAL A 61 3.48 -4.73 5.27
CA VAL A 61 4.27 -5.60 4.39
C VAL A 61 3.42 -6.74 3.83
N GLN A 62 2.47 -7.22 4.64
CA GLN A 62 1.62 -8.34 4.25
C GLN A 62 0.71 -7.95 3.08
N LEU A 63 0.21 -6.71 3.12
CA LEU A 63 -0.71 -6.22 2.09
C LEU A 63 -0.07 -6.34 0.71
N MET A 64 1.26 -6.27 0.66
CA MET A 64 2.00 -6.30 -0.60
C MET A 64 1.89 -7.68 -1.24
N LEU A 65 1.92 -8.72 -0.42
CA LEU A 65 1.89 -10.10 -0.89
C LEU A 65 0.61 -10.36 -1.69
N GLY A 66 -0.51 -9.90 -1.15
CA GLY A 66 -1.79 -10.06 -1.83
C GLY A 66 -1.96 -9.08 -2.97
N ILE A 67 -1.34 -7.91 -2.83
CA ILE A 67 -1.43 -6.84 -3.83
C ILE A 67 -0.64 -7.20 -5.09
N GLU A 68 0.41 -8.01 -4.93
CA GLU A 68 1.23 -8.43 -6.06
C GLU A 68 0.37 -9.10 -7.13
N GLU A 69 -0.37 -10.12 -6.73
CA GLU A 69 -1.22 -10.89 -7.63
C GLU A 69 -2.40 -10.03 -8.12
N ALA A 70 -2.81 -9.07 -7.26
CA ALA A 70 -3.98 -8.24 -7.53
C ALA A 70 -3.91 -7.53 -8.88
N PHE A 71 -2.78 -6.87 -9.18
CA PHE A 71 -2.66 -6.14 -10.45
C PHE A 71 -1.40 -6.50 -11.25
N ASP A 72 -0.29 -6.81 -10.57
CA ASP A 72 0.97 -7.10 -11.27
C ASP A 72 2.11 -7.45 -10.31
N ILE A 73 2.59 -6.45 -9.56
CA ILE A 73 3.73 -6.62 -8.66
C ILE A 73 3.46 -5.98 -7.31
N GLU A 74 4.34 -6.24 -6.35
CA GLU A 74 4.30 -5.60 -5.04
C GLU A 74 5.41 -4.57 -4.91
N PHE A 75 5.32 -3.74 -3.88
CA PHE A 75 6.20 -2.59 -3.73
C PHE A 75 7.65 -3.03 -3.50
N PRO A 76 8.61 -2.41 -4.21
CA PRO A 76 10.03 -2.75 -4.12
C PRO A 76 10.68 -2.16 -2.87
N ASP A 77 11.76 -2.80 -2.42
CA ASP A 77 12.41 -2.47 -1.14
C ASP A 77 12.84 -1.01 -1.07
N ASN A 78 13.24 -0.45 -2.20
CA ASN A 78 13.76 0.92 -2.26
C ASN A 78 12.75 1.94 -1.74
N LEU A 79 11.47 1.58 -1.66
CA LEU A 79 10.45 2.49 -1.13
C LEU A 79 9.74 1.89 0.09
N LEU A 80 10.14 0.68 0.49
CA LEU A 80 9.55 0.05 1.66
C LEU A 80 10.08 0.68 2.94
N ASN A 81 9.30 0.58 4.02
CA ASN A 81 9.69 1.14 5.32
C ASN A 81 9.79 2.67 5.26
N ARG A 82 9.28 3.25 4.18
CA ARG A 82 9.43 4.68 3.93
C ARG A 82 8.07 5.39 3.98
N LYS A 83 8.09 6.72 3.90
CA LYS A 83 6.88 7.56 3.99
C LYS A 83 5.83 7.18 2.93
N SER A 84 6.19 6.32 1.99
CA SER A 84 5.27 5.84 0.98
C SER A 84 3.98 5.28 1.60
N PHE A 85 4.15 4.32 2.51
CA PHE A 85 3.02 3.69 3.19
C PHE A 85 2.33 4.66 4.14
N ALA A 86 3.05 5.72 4.52
CA ALA A 86 2.51 6.72 5.43
C ALA A 86 1.42 7.55 4.75
N SER A 87 1.40 7.51 3.43
CA SER A 87 0.41 8.24 2.65
C SER A 87 0.11 7.50 1.35
N ILE A 88 -1.06 6.87 1.28
CA ILE A 88 -1.43 6.03 0.13
C ILE A 88 -1.32 6.81 -1.18
N LYS A 89 -1.80 8.05 -1.19
CA LYS A 89 -1.73 8.88 -2.40
C LYS A 89 -0.28 9.08 -2.87
N ALA A 90 0.66 9.02 -1.94
CA ALA A 90 2.07 9.17 -2.27
C ALA A 90 2.62 7.91 -2.92
N ILE A 91 2.30 6.76 -2.33
CA ILE A 91 2.83 5.48 -2.81
C ILE A 91 2.15 5.06 -4.11
N GLU A 92 0.87 5.41 -4.28
CA GLU A 92 0.13 5.04 -5.50
C GLU A 92 0.73 5.74 -6.71
N ASP A 93 1.29 6.91 -6.48
CA ASP A 93 1.99 7.65 -7.52
C ASP A 93 3.29 6.93 -7.90
N THR A 94 3.95 6.37 -6.90
CA THR A 94 5.22 5.70 -7.08
C THR A 94 5.05 4.31 -7.73
N VAL A 95 3.93 3.64 -7.44
CA VAL A 95 3.68 2.33 -8.03
C VAL A 95 3.42 2.45 -9.54
N LYS A 96 2.86 3.60 -9.94
CA LYS A 96 2.56 3.86 -11.35
C LYS A 96 3.81 3.81 -12.21
N LEU A 97 4.87 4.49 -11.76
CA LEU A 97 6.14 4.51 -12.50
C LEU A 97 6.70 3.08 -12.63
N ILE A 98 6.39 2.23 -11.65
CA ILE A 98 6.77 0.82 -11.72
C ILE A 98 6.09 0.16 -12.93
N LEU A 99 4.78 0.34 -13.02
CA LEU A 99 4.00 -0.20 -14.14
C LEU A 99 4.53 0.29 -15.47
N ASP A 100 5.16 1.46 -15.47
CA ASP A 100 5.73 2.06 -16.67
C ASP A 100 6.93 1.25 -17.19
N GLY A 101 7.54 0.46 -16.32
CA GLY A 101 8.67 -0.35 -16.71
C GLY A 101 9.09 -1.32 -15.61
N LYS A 102 8.15 -2.16 -15.19
CA LYS A 102 8.36 -3.08 -14.06
C LYS A 102 9.71 -3.79 -14.14
N GLU A 103 9.83 -4.67 -15.13
CA GLU A 103 11.04 -5.46 -15.31
C GLU A 103 11.91 -4.88 -16.43
N ALA A 104 11.33 -3.96 -17.20
CA ALA A 104 12.05 -3.31 -18.30
C ALA A 104 13.15 -2.40 -17.76
N ALA A 105 12.84 -1.68 -16.68
CA ALA A 105 13.77 -0.74 -16.07
C ALA A 105 14.71 -1.46 -15.11
N MET A 23 -5.51 0.35 -9.33
CA MET A 23 -4.34 0.28 -8.42
C MET A 23 -4.59 1.07 -7.14
N ASN A 24 -4.77 2.39 -7.24
CA ASN A 24 -4.90 3.24 -6.03
C ASN A 24 -6.01 2.72 -5.10
N ALA A 25 -7.18 2.44 -5.66
CA ALA A 25 -8.31 1.92 -4.89
C ALA A 25 -8.05 0.48 -4.50
N THR A 26 -7.49 -0.27 -5.43
CA THR A 26 -7.12 -1.66 -5.21
C THR A 26 -6.27 -1.81 -3.95
N ILE A 27 -5.31 -0.91 -3.82
CA ILE A 27 -4.36 -0.92 -2.70
C ILE A 27 -5.05 -0.57 -1.39
N ARG A 28 -5.67 0.61 -1.32
CA ARG A 28 -6.31 1.06 -0.08
C ARG A 28 -7.37 0.06 0.37
N GLU A 29 -7.98 -0.62 -0.61
CA GLU A 29 -9.03 -1.59 -0.37
C GLU A 29 -8.48 -2.85 0.29
N ILE A 30 -7.31 -3.30 -0.15
CA ILE A 30 -6.75 -4.56 0.34
C ILE A 30 -6.52 -4.51 1.84
N LEU A 31 -6.20 -3.32 2.35
CA LEU A 31 -5.99 -3.12 3.79
C LEU A 31 -7.16 -3.65 4.61
N ALA A 32 -8.35 -3.63 4.02
CA ALA A 32 -9.56 -4.07 4.70
C ALA A 32 -9.60 -5.60 4.84
N LYS A 33 -9.15 -6.30 3.80
CA LYS A 33 -9.32 -7.76 3.72
C LYS A 33 -8.01 -8.52 3.97
N PHE A 34 -6.87 -7.83 3.91
CA PHE A 34 -5.57 -8.45 4.15
C PHE A 34 -4.78 -7.66 5.20
N GLY A 35 -4.92 -6.35 5.16
CA GLY A 35 -4.22 -5.49 6.11
C GLY A 35 -4.62 -5.80 7.54
N GLN A 36 -3.68 -6.35 8.31
CA GLN A 36 -3.93 -6.68 9.72
C GLN A 36 -3.86 -5.40 10.56
N LEU A 37 -4.84 -4.54 10.35
CA LEU A 37 -4.94 -3.27 11.06
C LEU A 37 -5.87 -3.44 12.27
N PRO A 38 -5.46 -2.99 13.47
CA PRO A 38 -6.26 -3.13 14.69
C PRO A 38 -7.44 -2.16 14.68
N THR A 39 -7.35 -1.19 13.80
CA THR A 39 -8.33 -0.14 13.65
C THR A 39 -9.10 -0.33 12.34
N PRO A 40 -10.43 -0.06 12.32
CA PRO A 40 -11.24 -0.24 11.12
C PRO A 40 -10.73 0.60 9.95
N VAL A 41 -10.55 -0.04 8.80
CA VAL A 41 -10.03 0.62 7.60
C VAL A 41 -11.05 1.60 7.02
N ASP A 42 -12.26 1.59 7.58
CA ASP A 42 -13.31 2.49 7.15
C ASP A 42 -13.17 3.81 7.90
N THR A 43 -12.47 3.71 9.02
CA THR A 43 -12.16 4.85 9.86
C THR A 43 -11.05 5.70 9.26
N ILE A 44 -10.21 5.08 8.44
CA ILE A 44 -9.14 5.80 7.74
C ILE A 44 -9.56 6.09 6.29
N ALA A 45 -8.68 6.74 5.54
CA ALA A 45 -8.99 7.13 4.17
C ALA A 45 -7.70 7.31 3.37
N ASP A 46 -7.84 7.51 2.06
CA ASP A 46 -6.71 7.60 1.14
C ASP A 46 -5.72 8.69 1.58
N GLU A 47 -6.27 9.84 1.96
CA GLU A 47 -5.47 11.01 2.32
C GLU A 47 -5.26 11.11 3.83
N ALA A 48 -5.68 10.08 4.56
CA ALA A 48 -5.57 10.07 6.02
C ALA A 48 -4.22 9.53 6.47
N ASP A 49 -3.98 9.60 7.77
CA ASP A 49 -2.74 9.11 8.35
C ASP A 49 -2.85 7.62 8.69
N LEU A 50 -2.44 6.79 7.75
CA LEU A 50 -2.58 5.33 7.86
C LEU A 50 -1.80 4.81 9.06
N TYR A 51 -0.54 5.23 9.15
CA TYR A 51 0.36 4.80 10.22
C TYR A 51 -0.23 5.10 11.60
N ALA A 52 -0.92 6.22 11.73
CA ALA A 52 -1.47 6.66 13.01
C ALA A 52 -2.59 5.73 13.48
N ALA A 53 -3.28 5.12 12.53
CA ALA A 53 -4.36 4.17 12.85
C ALA A 53 -3.78 2.91 13.48
N GLY A 54 -2.49 2.69 13.26
CA GLY A 54 -1.80 1.56 13.84
C GLY A 54 -1.26 0.61 12.80
N LEU A 55 -0.98 1.14 11.60
CA LEU A 55 -0.43 0.33 10.52
C LEU A 55 0.92 -0.23 10.93
N SER A 56 0.94 -1.53 11.23
CA SER A 56 2.15 -2.20 11.68
C SER A 56 2.86 -2.86 10.50
N SER A 57 4.12 -3.22 10.71
CA SER A 57 4.94 -3.83 9.66
C SER A 57 4.27 -5.09 9.12
N PHE A 58 3.68 -5.88 10.02
CA PHE A 58 2.99 -7.11 9.63
C PHE A 58 1.84 -6.81 8.67
N ALA A 59 0.99 -5.86 9.07
CA ALA A 59 -0.13 -5.45 8.23
C ALA A 59 0.34 -4.92 6.89
N SER A 60 1.45 -4.20 6.91
CA SER A 60 2.02 -3.59 5.71
C SER A 60 2.49 -4.67 4.73
N VAL A 61 3.36 -5.56 5.20
CA VAL A 61 3.91 -6.62 4.36
C VAL A 61 2.80 -7.58 3.91
N GLN A 62 1.78 -7.72 4.74
CA GLN A 62 0.66 -8.61 4.46
C GLN A 62 -0.13 -8.12 3.24
N LEU A 63 -0.36 -6.81 3.18
CA LEU A 63 -1.13 -6.23 2.08
C LEU A 63 -0.35 -6.38 0.77
N MET A 64 0.99 -6.42 0.88
CA MET A 64 1.86 -6.56 -0.28
C MET A 64 1.63 -7.90 -0.96
N LEU A 65 1.52 -8.94 -0.14
CA LEU A 65 1.36 -10.31 -0.65
C LEU A 65 0.15 -10.41 -1.58
N GLY A 66 -0.97 -9.86 -1.14
CA GLY A 66 -2.19 -9.91 -1.93
C GLY A 66 -2.16 -8.91 -3.07
N ILE A 67 -1.64 -7.71 -2.81
CA ILE A 67 -1.58 -6.65 -3.80
C ILE A 67 -0.69 -7.04 -4.99
N GLU A 68 0.32 -7.88 -4.71
CA GLU A 68 1.21 -8.37 -5.76
C GLU A 68 0.41 -9.03 -6.87
N GLU A 69 -0.38 -10.03 -6.50
CA GLU A 69 -1.19 -10.76 -7.46
C GLU A 69 -2.36 -9.90 -7.94
N ALA A 70 -2.81 -8.99 -7.08
CA ALA A 70 -3.99 -8.17 -7.35
C ALA A 70 -3.91 -7.45 -8.70
N PHE A 71 -2.80 -6.75 -8.98
CA PHE A 71 -2.69 -6.01 -10.25
C PHE A 71 -1.41 -6.32 -11.04
N ASP A 72 -0.30 -6.59 -10.35
CA ASP A 72 0.98 -6.85 -11.05
C ASP A 72 2.09 -7.19 -10.06
N ILE A 73 2.52 -6.20 -9.28
CA ILE A 73 3.59 -6.38 -8.30
C ILE A 73 3.24 -5.68 -6.98
N GLU A 74 4.11 -5.83 -5.99
CA GLU A 74 3.93 -5.19 -4.68
C GLU A 74 4.97 -4.09 -4.48
N PHE A 75 4.75 -3.28 -3.45
CA PHE A 75 5.63 -2.15 -3.15
C PHE A 75 7.05 -2.63 -2.84
N PRO A 76 8.06 -2.13 -3.60
CA PRO A 76 9.45 -2.56 -3.45
C PRO A 76 10.11 -2.05 -2.17
N ASP A 77 11.17 -2.75 -1.77
CA ASP A 77 11.91 -2.43 -0.54
C ASP A 77 12.44 -1.00 -0.55
N ASN A 78 12.57 -0.43 -1.75
CA ASN A 78 13.09 0.93 -1.90
C ASN A 78 12.18 1.96 -1.21
N LEU A 79 10.87 1.76 -1.32
CA LEU A 79 9.90 2.69 -0.73
C LEU A 79 9.20 2.05 0.47
N LEU A 80 9.39 0.75 0.64
CA LEU A 80 8.74 -0.01 1.71
C LEU A 80 9.05 0.63 3.07
N ASN A 81 10.27 1.11 3.22
CA ASN A 81 10.72 1.70 4.48
C ASN A 81 10.74 3.23 4.38
N ARG A 82 9.83 3.78 3.59
CA ARG A 82 9.81 5.23 3.34
C ARG A 82 8.47 5.86 3.76
N LYS A 83 8.48 7.19 3.85
CA LYS A 83 7.31 8.00 4.23
C LYS A 83 6.15 7.86 3.24
N SER A 84 6.37 7.18 2.12
CA SER A 84 5.34 6.99 1.11
C SER A 84 4.02 6.53 1.72
N PHE A 85 4.10 5.77 2.81
CA PHE A 85 2.91 5.22 3.49
C PHE A 85 2.15 6.28 4.28
N ALA A 86 2.62 7.54 4.22
CA ALA A 86 1.96 8.64 4.90
C ALA A 86 0.80 9.17 4.09
N SER A 87 0.79 8.84 2.80
CA SER A 87 -0.28 9.26 1.89
C SER A 87 -0.44 8.23 0.76
N ILE A 88 -1.61 7.60 0.68
CA ILE A 88 -1.85 6.55 -0.31
C ILE A 88 -1.73 7.09 -1.74
N LYS A 89 -2.40 8.21 -2.02
CA LYS A 89 -2.30 8.83 -3.34
C LYS A 89 -0.84 9.09 -3.73
N ALA A 90 0.02 9.29 -2.73
CA ALA A 90 1.43 9.57 -2.97
C ALA A 90 2.20 8.28 -3.29
N ILE A 91 1.96 7.23 -2.50
CA ILE A 91 2.68 5.98 -2.66
C ILE A 91 2.25 5.23 -3.92
N GLU A 92 0.95 5.30 -4.24
CA GLU A 92 0.42 4.59 -5.41
C GLU A 92 1.01 5.18 -6.69
N ASP A 93 1.32 6.46 -6.66
CA ASP A 93 1.93 7.12 -7.81
C ASP A 93 3.35 6.61 -8.04
N THR A 94 4.00 6.22 -6.95
CA THR A 94 5.36 5.70 -7.00
C THR A 94 5.39 4.27 -7.55
N VAL A 95 4.40 3.46 -7.15
CA VAL A 95 4.32 2.08 -7.66
C VAL A 95 3.96 2.09 -9.15
N LYS A 96 3.21 3.11 -9.57
CA LYS A 96 2.91 3.30 -11.00
C LYS A 96 4.20 3.43 -11.81
N LEU A 97 5.21 4.04 -11.20
CA LEU A 97 6.51 4.23 -11.86
C LEU A 97 7.14 2.89 -12.23
N ILE A 98 6.81 1.86 -11.45
CA ILE A 98 7.30 0.50 -11.71
C ILE A 98 6.69 -0.03 -13.01
N LEU A 99 5.45 0.38 -13.29
CA LEU A 99 4.76 0.01 -14.52
C LEU A 99 5.29 0.83 -15.69
N ASP A 100 5.74 2.05 -15.39
CA ASP A 100 6.41 2.89 -16.40
C ASP A 100 7.72 2.23 -16.83
N GLY A 101 8.49 1.80 -15.84
CA GLY A 101 9.76 1.14 -16.09
C GLY A 101 9.64 -0.37 -15.90
N LYS A 102 8.85 -1.00 -16.76
CA LYS A 102 8.66 -2.44 -16.70
C LYS A 102 9.96 -3.18 -17.01
N GLU A 103 10.44 -3.02 -18.23
CA GLU A 103 11.66 -3.67 -18.68
C GLU A 103 12.87 -3.04 -17.99
N ALA A 104 12.77 -1.75 -17.68
CA ALA A 104 13.85 -1.04 -16.99
C ALA A 104 13.73 -1.21 -15.48
N ALA A 105 14.22 -2.35 -14.99
CA ALA A 105 14.13 -2.68 -13.56
C ALA A 105 15.51 -3.05 -13.02
N MET A 23 -5.74 0.39 -8.91
CA MET A 23 -4.47 0.40 -8.14
C MET A 23 -4.58 1.25 -6.88
N ASN A 24 -4.71 2.57 -7.05
CA ASN A 24 -4.73 3.50 -5.90
C ASN A 24 -5.77 3.10 -4.86
N ALA A 25 -6.99 2.79 -5.33
CA ALA A 25 -8.06 2.36 -4.43
C ALA A 25 -7.85 0.92 -4.00
N THR A 26 -7.34 0.12 -4.93
CA THR A 26 -7.02 -1.29 -4.69
C THR A 26 -6.09 -1.43 -3.48
N ILE A 27 -5.09 -0.55 -3.43
CA ILE A 27 -4.06 -0.57 -2.40
C ILE A 27 -4.65 -0.31 -1.01
N ARG A 28 -5.52 0.69 -0.89
CA ARG A 28 -6.15 0.98 0.40
C ARG A 28 -7.20 -0.09 0.71
N GLU A 29 -7.79 -0.64 -0.35
CA GLU A 29 -8.83 -1.66 -0.24
C GLU A 29 -8.29 -2.93 0.41
N ILE A 30 -7.09 -3.32 0.03
CA ILE A 30 -6.53 -4.59 0.49
C ILE A 30 -6.38 -4.62 2.01
N LEU A 31 -6.14 -3.44 2.62
CA LEU A 31 -6.01 -3.35 4.08
C LEU A 31 -7.25 -3.91 4.79
N ALA A 32 -8.39 -3.88 4.09
CA ALA A 32 -9.64 -4.39 4.65
C ALA A 32 -9.69 -5.92 4.60
N LYS A 33 -9.12 -6.52 3.56
CA LYS A 33 -9.23 -7.96 3.31
C LYS A 33 -7.96 -8.73 3.70
N PHE A 34 -6.83 -8.05 3.80
CA PHE A 34 -5.56 -8.68 4.17
C PHE A 34 -4.88 -7.95 5.32
N GLY A 35 -5.00 -6.62 5.32
CA GLY A 35 -4.34 -5.82 6.33
C GLY A 35 -4.86 -6.10 7.73
N GLN A 36 -3.97 -6.53 8.62
CA GLN A 36 -4.35 -6.84 9.99
C GLN A 36 -4.48 -5.56 10.83
N LEU A 37 -5.43 -4.72 10.46
CA LEU A 37 -5.71 -3.47 11.16
C LEU A 37 -6.84 -3.71 12.17
N PRO A 38 -6.66 -3.30 13.45
CA PRO A 38 -7.68 -3.49 14.49
C PRO A 38 -8.81 -2.48 14.40
N THR A 39 -8.74 -1.64 13.37
CA THR A 39 -9.67 -0.55 13.17
C THR A 39 -10.20 -0.59 11.73
N PRO A 40 -11.49 -0.27 11.51
CA PRO A 40 -12.10 -0.29 10.17
C PRO A 40 -11.38 0.64 9.21
N VAL A 41 -10.87 0.08 8.10
CA VAL A 41 -10.13 0.83 7.09
C VAL A 41 -11.01 1.93 6.49
N ASP A 42 -12.32 1.79 6.68
CA ASP A 42 -13.29 2.78 6.21
C ASP A 42 -12.98 4.18 6.74
N THR A 43 -12.41 4.26 7.94
CA THR A 43 -12.15 5.54 8.58
C THR A 43 -10.86 6.19 8.06
N ILE A 44 -9.93 5.37 7.59
CA ILE A 44 -8.65 5.86 7.08
C ILE A 44 -8.65 5.93 5.55
N ALA A 45 -7.63 6.56 4.99
CA ALA A 45 -7.56 6.80 3.56
C ALA A 45 -6.18 7.32 3.18
N ASP A 46 -6.02 7.70 1.92
CA ASP A 46 -4.74 8.23 1.42
C ASP A 46 -4.36 9.52 2.15
N GLU A 47 -5.36 10.33 2.47
CA GLU A 47 -5.16 11.60 3.14
C GLU A 47 -5.19 11.45 4.67
N ALA A 48 -5.37 10.23 5.14
CA ALA A 48 -5.47 9.97 6.57
C ALA A 48 -4.32 9.08 7.05
N ASP A 49 -3.80 9.38 8.23
CA ASP A 49 -2.65 8.67 8.78
C ASP A 49 -3.02 7.22 9.08
N LEU A 50 -2.62 6.32 8.18
CA LEU A 50 -2.93 4.89 8.32
C LEU A 50 -2.49 4.35 9.68
N TYR A 51 -1.26 4.68 10.06
CA TYR A 51 -0.68 4.20 11.32
C TYR A 51 -1.44 4.73 12.54
N ALA A 52 -2.17 5.83 12.36
CA ALA A 52 -2.96 6.40 13.46
C ALA A 52 -4.11 5.47 13.84
N ALA A 53 -4.51 4.62 12.90
CA ALA A 53 -5.56 3.63 13.14
C ALA A 53 -4.98 2.38 13.82
N GLY A 54 -3.65 2.36 13.94
CA GLY A 54 -2.98 1.26 14.61
C GLY A 54 -2.40 0.26 13.61
N LEU A 55 -1.88 0.77 12.51
CA LEU A 55 -1.30 -0.06 11.47
C LEU A 55 0.07 -0.59 11.91
N SER A 56 0.20 -1.91 11.94
CA SER A 56 1.47 -2.55 12.29
C SER A 56 2.24 -2.90 11.03
N SER A 57 3.56 -2.96 11.13
CA SER A 57 4.42 -3.34 10.02
C SER A 57 4.04 -4.73 9.52
N PHE A 58 3.48 -5.54 10.41
CA PHE A 58 2.98 -6.87 10.06
C PHE A 58 1.81 -6.75 9.10
N ALA A 59 0.87 -5.88 9.43
CA ALA A 59 -0.29 -5.63 8.58
C ALA A 59 0.14 -4.93 7.28
N SER A 60 1.21 -4.14 7.38
CA SER A 60 1.74 -3.38 6.26
C SER A 60 2.36 -4.33 5.22
N VAL A 61 3.28 -5.19 5.67
CA VAL A 61 3.98 -6.10 4.76
C VAL A 61 2.99 -7.05 4.08
N GLN A 62 1.96 -7.47 4.82
CA GLN A 62 0.96 -8.39 4.29
C GLN A 62 0.17 -7.75 3.16
N LEU A 63 -0.11 -6.46 3.28
CA LEU A 63 -0.89 -5.74 2.27
C LEU A 63 -0.15 -5.77 0.93
N MET A 64 1.19 -5.79 1.00
CA MET A 64 2.01 -5.79 -0.21
C MET A 64 1.95 -7.16 -0.87
N LEU A 65 2.04 -8.18 -0.01
CA LEU A 65 2.04 -9.57 -0.43
C LEU A 65 0.83 -9.87 -1.32
N GLY A 66 -0.35 -9.47 -0.84
CA GLY A 66 -1.57 -9.69 -1.61
C GLY A 66 -1.69 -8.73 -2.78
N ILE A 67 -1.23 -7.50 -2.59
CA ILE A 67 -1.30 -6.47 -3.61
C ILE A 67 -0.44 -6.85 -4.83
N GLU A 68 0.60 -7.62 -4.58
CA GLU A 68 1.48 -8.09 -5.66
C GLU A 68 0.68 -8.84 -6.71
N GLU A 69 -0.03 -9.89 -6.27
CA GLU A 69 -0.84 -10.70 -7.17
C GLU A 69 -2.06 -9.92 -7.63
N ALA A 70 -2.53 -9.01 -6.78
CA ALA A 70 -3.72 -8.22 -7.05
C ALA A 70 -3.65 -7.55 -8.43
N PHE A 71 -2.54 -6.86 -8.74
CA PHE A 71 -2.43 -6.20 -10.04
C PHE A 71 -1.13 -6.55 -10.80
N ASP A 72 0.00 -6.75 -10.10
CA ASP A 72 1.27 -7.01 -10.80
C ASP A 72 2.43 -7.24 -9.81
N ILE A 73 2.80 -6.21 -9.04
CA ILE A 73 3.96 -6.29 -8.13
C ILE A 73 3.64 -5.65 -6.78
N GLU A 74 4.56 -5.82 -5.84
CA GLU A 74 4.48 -5.16 -4.53
C GLU A 74 5.54 -4.06 -4.43
N PHE A 75 5.42 -3.25 -3.39
CA PHE A 75 6.27 -2.07 -3.23
C PHE A 75 7.74 -2.44 -3.02
N PRO A 76 8.61 -2.04 -3.97
CA PRO A 76 10.04 -2.42 -3.96
C PRO A 76 10.82 -1.76 -2.82
N ASP A 77 11.92 -2.41 -2.43
CA ASP A 77 12.76 -1.94 -1.32
C ASP A 77 13.19 -0.49 -1.51
N ASN A 78 13.40 -0.10 -2.77
CA ASN A 78 13.82 1.25 -3.12
C ASN A 78 12.92 2.30 -2.49
N LEU A 79 11.62 2.02 -2.41
CA LEU A 79 10.66 2.96 -1.83
C LEU A 79 9.98 2.36 -0.60
N LEU A 80 10.34 1.12 -0.28
CA LEU A 80 9.76 0.42 0.87
C LEU A 80 10.13 1.16 2.16
N ASN A 81 9.28 2.11 2.55
CA ASN A 81 9.52 2.94 3.72
C ASN A 81 8.19 3.49 4.21
N ARG A 82 8.06 3.64 5.53
CA ARG A 82 6.84 4.16 6.17
C ARG A 82 6.41 5.45 5.49
N LYS A 83 7.39 6.25 5.08
CA LYS A 83 7.15 7.53 4.41
C LYS A 83 6.22 7.36 3.22
N SER A 84 6.47 6.32 2.42
CA SER A 84 5.69 6.08 1.21
C SER A 84 4.27 5.64 1.55
N PHE A 85 4.15 4.69 2.48
CA PHE A 85 2.85 4.17 2.90
C PHE A 85 2.05 5.24 3.63
N ALA A 86 2.75 6.17 4.29
CA ALA A 86 2.11 7.26 5.02
C ALA A 86 1.38 8.20 4.05
N SER A 87 1.78 8.15 2.78
CA SER A 87 1.16 8.98 1.75
C SER A 87 0.74 8.12 0.56
N ILE A 88 -0.40 7.44 0.71
CA ILE A 88 -0.92 6.59 -0.36
C ILE A 88 -1.06 7.37 -1.66
N LYS A 89 -1.58 8.59 -1.55
CA LYS A 89 -1.77 9.48 -2.70
C LYS A 89 -0.47 9.65 -3.49
N ALA A 90 0.67 9.62 -2.81
CA ALA A 90 1.96 9.76 -3.46
C ALA A 90 2.43 8.41 -4.03
N ILE A 91 2.41 7.40 -3.17
CA ILE A 91 2.94 6.07 -3.52
C ILE A 91 2.17 5.47 -4.70
N GLU A 92 0.88 5.80 -4.80
CA GLU A 92 0.03 5.23 -5.86
C GLU A 92 0.51 5.67 -7.23
N ASP A 93 1.11 6.84 -7.33
CA ASP A 93 1.67 7.32 -8.59
C ASP A 93 3.04 6.70 -8.82
N THR A 94 3.80 6.54 -7.74
CA THR A 94 5.12 5.93 -7.81
C THR A 94 5.01 4.49 -8.32
N VAL A 95 3.99 3.77 -7.86
CA VAL A 95 3.79 2.39 -8.29
C VAL A 95 3.34 2.37 -9.76
N LYS A 96 2.64 3.42 -10.20
CA LYS A 96 2.30 3.58 -11.62
C LYS A 96 3.58 3.64 -12.45
N LEU A 97 4.55 4.40 -11.96
CA LEU A 97 5.86 4.49 -12.60
C LEU A 97 6.51 3.12 -12.70
N ILE A 98 6.25 2.29 -11.69
CA ILE A 98 6.73 0.91 -11.68
C ILE A 98 6.07 0.13 -12.82
N LEU A 99 4.75 0.21 -12.92
CA LEU A 99 4.02 -0.51 -13.97
C LEU A 99 4.52 -0.11 -15.36
N ASP A 100 4.99 1.12 -15.50
CA ASP A 100 5.54 1.60 -16.77
C ASP A 100 6.89 0.96 -17.05
N GLY A 101 7.63 0.66 -15.99
CA GLY A 101 8.94 0.04 -16.11
C GLY A 101 9.29 -0.75 -14.87
N LYS A 102 8.61 -1.88 -14.69
CA LYS A 102 8.82 -2.74 -13.52
C LYS A 102 10.27 -3.20 -13.45
N GLU A 103 10.80 -3.56 -14.61
CA GLU A 103 12.17 -4.03 -14.75
C GLU A 103 13.16 -2.86 -14.73
N ALA A 104 13.09 -2.04 -13.69
CA ALA A 104 13.96 -0.88 -13.55
C ALA A 104 15.12 -1.19 -12.60
N ALA A 105 15.40 -2.47 -12.42
CA ALA A 105 16.48 -2.92 -11.55
C ALA A 105 17.80 -2.94 -12.30
N MET A 23 -5.92 0.21 -8.58
CA MET A 23 -4.61 0.44 -7.91
C MET A 23 -4.77 1.29 -6.65
N ASN A 24 -4.95 2.60 -6.81
CA ASN A 24 -4.94 3.53 -5.67
C ASN A 24 -5.96 3.12 -4.60
N ALA A 25 -7.14 2.70 -5.03
CA ALA A 25 -8.17 2.20 -4.10
C ALA A 25 -7.86 0.77 -3.70
N THR A 26 -7.38 -0.01 -4.66
CA THR A 26 -7.03 -1.41 -4.46
C THR A 26 -6.06 -1.58 -3.29
N ILE A 27 -5.06 -0.72 -3.25
CA ILE A 27 -3.99 -0.79 -2.27
C ILE A 27 -4.51 -0.62 -0.85
N ARG A 28 -5.40 0.35 -0.64
CA ARG A 28 -6.01 0.54 0.68
C ARG A 28 -7.07 -0.54 0.94
N GLU A 29 -7.66 -1.04 -0.14
CA GLU A 29 -8.73 -2.04 -0.05
C GLU A 29 -8.22 -3.34 0.56
N ILE A 30 -6.98 -3.72 0.24
CA ILE A 30 -6.42 -4.97 0.72
C ILE A 30 -6.27 -4.98 2.24
N LEU A 31 -5.98 -3.81 2.82
CA LEU A 31 -5.79 -3.69 4.27
C LEU A 31 -7.02 -4.14 5.03
N ALA A 32 -8.19 -4.04 4.40
CA ALA A 32 -9.45 -4.41 5.02
C ALA A 32 -9.55 -5.93 5.20
N LYS A 33 -8.89 -6.67 4.30
CA LYS A 33 -8.99 -8.13 4.31
C LYS A 33 -7.67 -8.81 4.72
N PHE A 34 -6.58 -8.47 4.05
CA PHE A 34 -5.27 -9.07 4.37
C PHE A 34 -4.53 -8.29 5.46
N GLY A 35 -4.85 -7.00 5.57
CA GLY A 35 -4.16 -6.15 6.51
C GLY A 35 -4.60 -6.37 7.95
N GLN A 36 -3.64 -6.67 8.82
CA GLN A 36 -3.93 -6.85 10.24
C GLN A 36 -3.99 -5.49 10.95
N LEU A 37 -4.98 -4.70 10.56
CA LEU A 37 -5.20 -3.38 11.14
C LEU A 37 -6.27 -3.47 12.24
N PRO A 38 -6.02 -2.91 13.43
CA PRO A 38 -6.96 -2.98 14.56
C PRO A 38 -8.12 -2.00 14.39
N THR A 39 -7.97 -1.12 13.42
CA THR A 39 -8.92 -0.06 13.16
C THR A 39 -9.55 -0.27 11.78
N PRO A 40 -10.86 0.03 11.63
CA PRO A 40 -11.54 -0.10 10.33
C PRO A 40 -10.89 0.78 9.25
N VAL A 41 -10.48 0.15 8.16
CA VAL A 41 -9.83 0.87 7.05
C VAL A 41 -10.82 1.82 6.38
N ASP A 42 -12.10 1.63 6.68
CA ASP A 42 -13.17 2.45 6.12
C ASP A 42 -13.07 3.90 6.59
N THR A 43 -12.54 4.11 7.80
CA THR A 43 -12.50 5.46 8.38
C THR A 43 -11.32 6.27 7.85
N ILE A 44 -10.22 5.60 7.55
CA ILE A 44 -9.02 6.26 7.03
C ILE A 44 -9.14 6.48 5.52
N ALA A 45 -8.16 7.16 4.94
CA ALA A 45 -8.16 7.48 3.52
C ALA A 45 -6.78 7.97 3.09
N ASP A 46 -6.62 8.22 1.79
CA ASP A 46 -5.33 8.66 1.23
C ASP A 46 -4.95 10.06 1.73
N GLU A 47 -5.95 10.88 2.03
CA GLU A 47 -5.73 12.22 2.59
C GLU A 47 -5.72 12.17 4.12
N ALA A 48 -5.74 10.97 4.67
CA ALA A 48 -5.69 10.77 6.12
C ALA A 48 -4.42 9.99 6.48
N ASP A 49 -4.03 10.04 7.75
CA ASP A 49 -2.85 9.33 8.22
C ASP A 49 -3.16 7.84 8.36
N LEU A 50 -2.83 7.08 7.31
CA LEU A 50 -3.10 5.63 7.28
C LEU A 50 -2.50 4.94 8.50
N TYR A 51 -1.22 5.23 8.74
CA TYR A 51 -0.47 4.58 9.81
C TYR A 51 -1.08 4.87 11.19
N ALA A 52 -1.78 5.99 11.30
CA ALA A 52 -2.39 6.41 12.56
C ALA A 52 -3.48 5.43 13.01
N ALA A 53 -4.04 4.70 12.05
CA ALA A 53 -5.05 3.68 12.34
C ALA A 53 -4.41 2.50 13.07
N GLY A 54 -3.08 2.46 13.05
CA GLY A 54 -2.35 1.42 13.75
C GLY A 54 -1.70 0.43 12.81
N LEU A 55 -1.30 0.91 11.62
CA LEU A 55 -0.61 0.06 10.66
C LEU A 55 0.68 -0.49 11.26
N SER A 56 0.67 -1.76 11.60
CA SER A 56 1.83 -2.42 12.16
C SER A 56 2.61 -3.13 11.06
N SER A 57 3.81 -3.58 11.39
CA SER A 57 4.69 -4.20 10.41
C SER A 57 4.03 -5.42 9.75
N PHE A 58 3.37 -6.25 10.57
CA PHE A 58 2.70 -7.45 10.07
C PHE A 58 1.65 -7.09 9.02
N ALA A 59 0.77 -6.14 9.35
CA ALA A 59 -0.27 -5.70 8.43
C ALA A 59 0.32 -5.22 7.12
N SER A 60 1.45 -4.53 7.22
CA SER A 60 2.09 -3.93 6.05
C SER A 60 2.73 -5.00 5.15
N VAL A 61 3.55 -5.87 5.75
CA VAL A 61 4.29 -6.87 4.98
C VAL A 61 3.32 -7.88 4.34
N GLN A 62 2.19 -8.13 4.99
CA GLN A 62 1.19 -9.05 4.48
C GLN A 62 0.47 -8.44 3.28
N LEU A 63 0.15 -7.15 3.38
CA LEU A 63 -0.58 -6.46 2.31
C LEU A 63 0.23 -6.49 1.01
N MET A 64 1.56 -6.58 1.16
CA MET A 64 2.47 -6.65 0.00
C MET A 64 2.13 -7.87 -0.86
N LEU A 65 2.14 -9.05 -0.24
CA LEU A 65 1.97 -10.31 -0.96
C LEU A 65 0.62 -10.37 -1.69
N GLY A 66 -0.41 -9.80 -1.05
CA GLY A 66 -1.74 -9.81 -1.65
C GLY A 66 -1.88 -8.77 -2.74
N ILE A 67 -1.24 -7.63 -2.55
CA ILE A 67 -1.31 -6.53 -3.51
C ILE A 67 -0.54 -6.88 -4.79
N GLU A 68 0.48 -7.72 -4.65
CA GLU A 68 1.24 -8.20 -5.80
C GLU A 68 0.30 -8.86 -6.80
N GLU A 69 -0.48 -9.83 -6.33
CA GLU A 69 -1.43 -10.51 -7.20
C GLU A 69 -2.60 -9.59 -7.57
N ALA A 70 -2.92 -8.67 -6.66
CA ALA A 70 -4.09 -7.80 -6.81
C ALA A 70 -4.08 -7.03 -8.12
N PHE A 71 -2.97 -6.36 -8.45
CA PHE A 71 -2.92 -5.59 -9.71
C PHE A 71 -1.70 -5.93 -10.57
N ASP A 72 -0.57 -6.24 -9.94
CA ASP A 72 0.65 -6.56 -10.70
C ASP A 72 1.83 -6.90 -9.78
N ILE A 73 2.30 -5.91 -9.02
CA ILE A 73 3.45 -6.10 -8.12
C ILE A 73 3.20 -5.41 -6.78
N GLU A 74 4.11 -5.64 -5.83
CA GLU A 74 4.07 -5.00 -4.53
C GLU A 74 5.12 -3.91 -4.45
N PHE A 75 5.05 -3.08 -3.42
CA PHE A 75 5.95 -1.94 -3.26
C PHE A 75 7.38 -2.42 -2.93
N PRO A 76 8.36 -1.98 -3.76
CA PRO A 76 9.76 -2.42 -3.63
C PRO A 76 10.44 -1.83 -2.39
N ASP A 77 11.50 -2.50 -1.91
CA ASP A 77 12.20 -2.10 -0.70
C ASP A 77 12.68 -0.65 -0.79
N ASN A 78 12.96 -0.21 -2.02
CA ASN A 78 13.48 1.12 -2.29
C ASN A 78 12.56 2.22 -1.74
N LEU A 79 11.26 1.97 -1.73
CA LEU A 79 10.29 2.95 -1.25
C LEU A 79 9.48 2.41 -0.07
N LEU A 80 9.76 1.16 0.31
CA LEU A 80 9.04 0.52 1.41
C LEU A 80 9.40 1.21 2.72
N ASN A 81 8.67 2.27 3.03
CA ASN A 81 8.88 3.05 4.24
C ASN A 81 7.58 3.71 4.69
N ARG A 82 7.51 4.04 5.98
CA ARG A 82 6.29 4.62 6.57
C ARG A 82 5.91 5.92 5.85
N LYS A 83 6.92 6.60 5.31
CA LYS A 83 6.70 7.87 4.59
C LYS A 83 5.70 7.66 3.45
N SER A 84 6.01 6.69 2.61
CA SER A 84 5.22 6.37 1.44
C SER A 84 3.81 5.88 1.84
N PHE A 85 3.77 4.93 2.78
CA PHE A 85 2.49 4.37 3.25
C PHE A 85 1.65 5.42 3.97
N ALA A 86 2.28 6.50 4.41
CA ALA A 86 1.58 7.59 5.07
C ALA A 86 0.70 8.35 4.07
N SER A 87 1.05 8.26 2.79
CA SER A 87 0.33 8.97 1.75
C SER A 87 0.06 8.05 0.56
N ILE A 88 -1.11 7.40 0.59
CA ILE A 88 -1.49 6.44 -0.45
C ILE A 88 -1.41 7.06 -1.85
N LYS A 89 -1.93 8.28 -1.99
CA LYS A 89 -1.95 8.96 -3.28
C LYS A 89 -0.53 9.15 -3.84
N ALA A 90 0.45 9.28 -2.95
CA ALA A 90 1.83 9.48 -3.37
C ALA A 90 2.49 8.17 -3.75
N ILE A 91 2.28 7.15 -2.91
CA ILE A 91 2.92 5.85 -3.10
C ILE A 91 2.35 5.14 -4.34
N GLU A 92 1.06 5.33 -4.61
CA GLU A 92 0.44 4.73 -5.79
C GLU A 92 0.91 5.42 -7.05
N ASP A 93 1.15 6.74 -6.96
CA ASP A 93 1.73 7.50 -8.06
C ASP A 93 3.11 6.95 -8.41
N THR A 94 3.81 6.49 -7.37
CA THR A 94 5.15 5.95 -7.53
C THR A 94 5.12 4.58 -8.22
N VAL A 95 4.17 3.73 -7.82
CA VAL A 95 4.07 2.39 -8.41
C VAL A 95 3.67 2.47 -9.88
N LYS A 96 2.93 3.54 -10.25
CA LYS A 96 2.62 3.81 -11.65
C LYS A 96 3.90 3.90 -12.48
N LEU A 97 4.93 4.51 -11.89
CA LEU A 97 6.23 4.63 -12.53
C LEU A 97 6.88 3.26 -12.69
N ILE A 98 6.70 2.41 -11.68
CA ILE A 98 7.20 1.03 -11.74
C ILE A 98 6.59 0.31 -12.94
N LEU A 99 5.27 0.42 -13.05
CA LEU A 99 4.54 -0.21 -14.16
C LEU A 99 5.02 0.30 -15.51
N ASP A 100 5.48 1.55 -15.53
CA ASP A 100 6.00 2.17 -16.75
C ASP A 100 7.32 1.51 -17.17
N GLY A 101 8.19 1.29 -16.20
CA GLY A 101 9.51 0.75 -16.48
C GLY A 101 9.65 -0.72 -16.14
N LYS A 102 8.67 -1.52 -16.56
CA LYS A 102 8.69 -2.97 -16.32
C LYS A 102 9.35 -3.71 -17.49
N GLU A 103 8.73 -3.61 -18.65
CA GLU A 103 9.09 -4.41 -19.81
C GLU A 103 10.47 -4.03 -20.35
N ALA A 104 10.97 -2.89 -19.91
CA ALA A 104 12.30 -2.40 -20.33
C ALA A 104 13.28 -2.41 -19.16
N ALA A 105 12.93 -3.11 -18.08
CA ALA A 105 13.78 -3.19 -16.89
C ALA A 105 14.69 -4.40 -16.93
N MET A 23 -5.56 0.56 -9.20
CA MET A 23 -4.47 0.23 -8.25
C MET A 23 -4.67 0.90 -6.89
N ASN A 24 -4.79 2.22 -6.87
CA ASN A 24 -4.85 2.97 -5.61
C ASN A 24 -6.00 2.47 -4.73
N ALA A 25 -7.17 2.25 -5.33
CA ALA A 25 -8.31 1.72 -4.60
C ALA A 25 -8.04 0.29 -4.15
N THR A 26 -7.51 -0.50 -5.07
CA THR A 26 -7.09 -1.87 -4.79
C THR A 26 -6.13 -1.92 -3.57
N ILE A 27 -5.23 -0.95 -3.50
CA ILE A 27 -4.23 -0.89 -2.44
C ILE A 27 -4.87 -0.52 -1.11
N ARG A 28 -5.65 0.54 -1.09
CA ARG A 28 -6.32 0.98 0.13
C ARG A 28 -7.33 -0.08 0.59
N GLU A 29 -7.83 -0.86 -0.37
CA GLU A 29 -8.82 -1.90 -0.09
C GLU A 29 -8.18 -3.13 0.55
N ILE A 30 -6.99 -3.52 0.10
CA ILE A 30 -6.38 -4.75 0.57
C ILE A 30 -6.20 -4.73 2.09
N LEU A 31 -5.95 -3.55 2.66
CA LEU A 31 -5.78 -3.40 4.10
C LEU A 31 -7.01 -3.89 4.85
N ALA A 32 -8.17 -3.82 4.21
CA ALA A 32 -9.43 -4.24 4.80
C ALA A 32 -9.57 -5.76 4.78
N LYS A 33 -9.11 -6.39 3.70
CA LYS A 33 -9.37 -7.82 3.48
C LYS A 33 -8.14 -8.71 3.75
N PHE A 34 -6.96 -8.09 3.85
CA PHE A 34 -5.73 -8.82 4.16
C PHE A 34 -5.00 -8.18 5.34
N GLY A 35 -5.04 -6.86 5.39
CA GLY A 35 -4.30 -6.12 6.40
C GLY A 35 -4.83 -6.35 7.81
N GLN A 36 -3.96 -6.78 8.71
CA GLN A 36 -4.32 -6.95 10.12
C GLN A 36 -4.30 -5.61 10.83
N LEU A 37 -5.26 -4.77 10.50
CA LEU A 37 -5.38 -3.45 11.08
C LEU A 37 -6.39 -3.50 12.23
N PRO A 38 -6.03 -2.98 13.42
CA PRO A 38 -6.90 -3.03 14.61
C PRO A 38 -8.01 -1.98 14.53
N THR A 39 -8.07 -1.29 13.41
CA THR A 39 -8.98 -0.20 13.19
C THR A 39 -9.57 -0.30 11.78
N PRO A 40 -10.87 0.00 11.61
CA PRO A 40 -11.53 -0.05 10.29
C PRO A 40 -10.93 0.96 9.31
N VAL A 41 -10.52 0.48 8.13
CA VAL A 41 -9.91 1.32 7.11
C VAL A 41 -10.83 2.48 6.73
N ASP A 42 -12.14 2.29 6.92
CA ASP A 42 -13.13 3.31 6.60
C ASP A 42 -12.87 4.63 7.33
N THR A 43 -12.12 4.56 8.43
CA THR A 43 -11.81 5.75 9.23
C THR A 43 -10.64 6.53 8.62
N ILE A 44 -9.78 5.83 7.87
CA ILE A 44 -8.63 6.45 7.22
C ILE A 44 -8.93 6.65 5.74
N ALA A 45 -7.97 7.22 5.01
CA ALA A 45 -8.19 7.55 3.60
C ALA A 45 -6.85 7.74 2.88
N ASP A 46 -6.92 7.96 1.58
CA ASP A 46 -5.74 8.19 0.75
C ASP A 46 -5.03 9.46 1.22
N GLU A 47 -5.83 10.44 1.61
CA GLU A 47 -5.33 11.74 2.06
C GLU A 47 -4.82 11.67 3.50
N ALA A 48 -5.17 10.60 4.20
CA ALA A 48 -4.89 10.48 5.63
C ALA A 48 -3.64 9.63 5.87
N ASP A 49 -3.19 9.63 7.11
CA ASP A 49 -2.03 8.84 7.51
C ASP A 49 -2.47 7.46 7.98
N LEU A 50 -2.16 6.45 7.19
CA LEU A 50 -2.63 5.08 7.45
C LEU A 50 -2.06 4.53 8.76
N TYR A 51 -0.80 4.85 9.03
CA TYR A 51 -0.14 4.34 10.23
C TYR A 51 -0.84 4.81 11.51
N ALA A 52 -1.54 5.94 11.41
CA ALA A 52 -2.26 6.51 12.56
C ALA A 52 -3.32 5.55 13.08
N ALA A 53 -3.86 4.71 12.19
CA ALA A 53 -4.88 3.73 12.55
C ALA A 53 -4.26 2.57 13.33
N GLY A 54 -2.93 2.49 13.30
CA GLY A 54 -2.22 1.42 13.98
C GLY A 54 -1.69 0.38 13.01
N LEU A 55 -1.13 0.86 11.90
CA LEU A 55 -0.58 -0.02 10.88
C LEU A 55 0.53 -0.89 11.49
N SER A 56 0.25 -2.17 11.64
CA SER A 56 1.18 -3.11 12.25
C SER A 56 2.02 -3.83 11.19
N SER A 57 3.22 -4.25 11.56
CA SER A 57 4.15 -4.89 10.65
C SER A 57 3.48 -6.03 9.88
N PHE A 58 2.77 -6.90 10.60
CA PHE A 58 2.07 -8.03 9.97
C PHE A 58 1.07 -7.54 8.93
N ALA A 59 0.41 -6.42 9.23
CA ALA A 59 -0.61 -5.86 8.36
C ALA A 59 0.01 -5.31 7.08
N SER A 60 1.11 -4.59 7.22
CA SER A 60 1.75 -3.93 6.10
C SER A 60 2.41 -4.96 5.17
N VAL A 61 3.00 -6.00 5.75
CA VAL A 61 3.64 -7.06 4.97
C VAL A 61 2.60 -7.84 4.16
N GLN A 62 1.52 -8.26 4.82
CA GLN A 62 0.47 -9.03 4.15
C GLN A 62 -0.14 -8.19 3.02
N LEU A 63 -0.18 -6.89 3.23
CA LEU A 63 -0.62 -5.94 2.22
C LEU A 63 0.20 -6.11 0.93
N MET A 64 1.50 -6.37 1.09
CA MET A 64 2.40 -6.51 -0.05
C MET A 64 2.08 -7.78 -0.85
N LEU A 65 2.00 -8.90 -0.14
CA LEU A 65 1.76 -10.20 -0.77
C LEU A 65 0.47 -10.19 -1.60
N GLY A 66 -0.61 -9.70 -1.00
CA GLY A 66 -1.90 -9.71 -1.67
C GLY A 66 -1.98 -8.72 -2.82
N ILE A 67 -1.27 -7.62 -2.68
CA ILE A 67 -1.27 -6.57 -3.71
C ILE A 67 -0.40 -6.97 -4.90
N GLU A 68 0.64 -7.76 -4.65
CA GLU A 68 1.49 -8.28 -5.72
C GLU A 68 0.66 -9.04 -6.75
N GLU A 69 -0.08 -10.03 -6.26
CA GLU A 69 -0.96 -10.85 -7.09
C GLU A 69 -2.12 -10.02 -7.63
N ALA A 70 -2.52 -9.00 -6.87
CA ALA A 70 -3.70 -8.21 -7.20
C ALA A 70 -3.61 -7.56 -8.58
N PHE A 71 -2.51 -6.86 -8.88
CA PHE A 71 -2.39 -6.19 -10.18
C PHE A 71 -1.11 -6.54 -10.94
N ASP A 72 0.00 -6.78 -10.24
CA ASP A 72 1.28 -7.09 -10.92
C ASP A 72 2.41 -7.36 -9.92
N ILE A 73 2.83 -6.32 -9.19
CA ILE A 73 3.95 -6.42 -8.25
C ILE A 73 3.62 -5.75 -6.92
N GLU A 74 4.46 -6.01 -5.91
CA GLU A 74 4.33 -5.39 -4.60
C GLU A 74 5.34 -4.26 -4.42
N PHE A 75 5.16 -3.48 -3.37
CA PHE A 75 5.97 -2.29 -3.12
C PHE A 75 7.44 -2.66 -2.88
N PRO A 76 8.37 -2.06 -3.67
CA PRO A 76 9.81 -2.33 -3.55
C PRO A 76 10.41 -1.67 -2.31
N ASP A 77 11.51 -2.23 -1.81
CA ASP A 77 12.14 -1.78 -0.57
C ASP A 77 12.53 -0.31 -0.65
N ASN A 78 12.77 0.19 -1.86
CA ASN A 78 13.11 1.59 -2.09
C ASN A 78 12.13 2.53 -1.39
N LEU A 79 10.84 2.29 -1.61
CA LEU A 79 9.81 3.16 -1.04
C LEU A 79 9.16 2.52 0.19
N LEU A 80 9.55 1.28 0.48
CA LEU A 80 8.99 0.53 1.61
C LEU A 80 9.30 1.24 2.93
N ASN A 81 10.55 1.67 3.08
CA ASN A 81 11.00 2.33 4.30
C ASN A 81 10.87 3.86 4.16
N ARG A 82 10.13 4.29 3.15
CA ARG A 82 10.02 5.70 2.80
C ARG A 82 8.74 6.31 3.37
N LYS A 83 8.65 7.64 3.32
CA LYS A 83 7.46 8.37 3.78
C LYS A 83 6.25 8.08 2.88
N SER A 84 6.49 7.39 1.77
CA SER A 84 5.45 7.07 0.81
C SER A 84 4.25 6.36 1.47
N PHE A 85 4.54 5.52 2.47
CA PHE A 85 3.49 4.75 3.15
C PHE A 85 2.67 5.60 4.12
N ALA A 86 3.06 6.86 4.29
CA ALA A 86 2.32 7.77 5.17
C ALA A 86 0.90 7.97 4.66
N SER A 87 0.79 8.25 3.37
CA SER A 87 -0.51 8.48 2.73
C SER A 87 -0.52 7.87 1.34
N ILE A 88 -1.62 7.20 1.00
CA ILE A 88 -1.75 6.48 -0.26
C ILE A 88 -1.44 7.38 -1.47
N LYS A 89 -2.03 8.57 -1.52
CA LYS A 89 -1.94 9.43 -2.71
C LYS A 89 -0.48 9.64 -3.14
N ALA A 90 0.45 9.55 -2.19
CA ALA A 90 1.86 9.74 -2.48
C ALA A 90 2.46 8.47 -3.10
N ILE A 91 2.23 7.34 -2.43
CA ILE A 91 2.84 6.07 -2.84
C ILE A 91 2.20 5.53 -4.12
N GLU A 92 0.91 5.77 -4.30
CA GLU A 92 0.18 5.23 -5.46
C GLU A 92 0.71 5.84 -6.76
N ASP A 93 1.16 7.09 -6.68
CA ASP A 93 1.78 7.76 -7.82
C ASP A 93 3.08 7.07 -8.19
N THR A 94 3.85 6.69 -7.16
CA THR A 94 5.16 6.09 -7.36
C THR A 94 5.04 4.66 -7.90
N VAL A 95 4.06 3.91 -7.39
CA VAL A 95 3.87 2.52 -7.82
C VAL A 95 3.43 2.46 -9.28
N LYS A 96 2.72 3.49 -9.74
CA LYS A 96 2.33 3.58 -11.15
C LYS A 96 3.58 3.73 -12.02
N LEU A 97 4.55 4.51 -11.54
CA LEU A 97 5.81 4.70 -12.25
C LEU A 97 6.53 3.37 -12.46
N ILE A 98 6.31 2.44 -11.53
CA ILE A 98 6.88 1.10 -11.63
C ILE A 98 6.35 0.40 -12.89
N LEU A 99 5.04 0.50 -13.10
CA LEU A 99 4.40 -0.10 -14.27
C LEU A 99 4.82 0.62 -15.55
N ASP A 100 5.12 1.91 -15.42
CA ASP A 100 5.60 2.71 -16.55
C ASP A 100 6.97 2.20 -17.02
N GLY A 101 7.78 1.75 -16.07
CA GLY A 101 9.11 1.23 -16.38
C GLY A 101 9.44 0.00 -15.56
N LYS A 102 8.77 -1.11 -15.87
CA LYS A 102 8.97 -2.37 -15.13
C LYS A 102 10.42 -2.84 -15.21
N GLU A 103 10.81 -3.28 -16.41
CA GLU A 103 12.15 -3.81 -16.65
C GLU A 103 13.09 -2.70 -17.12
N ALA A 104 12.88 -1.51 -16.59
CA ALA A 104 13.71 -0.35 -16.87
C ALA A 104 14.45 0.08 -15.61
N ALA A 105 14.93 -0.92 -14.87
CA ALA A 105 15.61 -0.68 -13.60
C ALA A 105 16.93 0.06 -13.81
N MET A 23 -5.60 0.87 -9.81
CA MET A 23 -4.49 0.41 -8.93
C MET A 23 -4.54 1.10 -7.57
N ASN A 24 -4.70 2.43 -7.58
CA ASN A 24 -4.65 3.23 -6.36
C ASN A 24 -5.72 2.81 -5.34
N ALA A 25 -6.95 2.64 -5.81
CA ALA A 25 -8.06 2.26 -4.95
C ALA A 25 -7.87 0.82 -4.48
N THR A 26 -7.31 0.00 -5.37
CA THR A 26 -6.98 -1.38 -5.05
C THR A 26 -6.01 -1.45 -3.86
N ILE A 27 -5.03 -0.55 -3.86
CA ILE A 27 -4.03 -0.50 -2.79
C ILE A 27 -4.68 -0.29 -1.43
N ARG A 28 -5.49 0.76 -1.31
CA ARG A 28 -6.16 1.07 -0.05
C ARG A 28 -7.22 0.02 0.28
N GLU A 29 -7.76 -0.61 -0.76
CA GLU A 29 -8.82 -1.59 -0.60
C GLU A 29 -8.31 -2.85 0.10
N ILE A 30 -7.08 -3.26 -0.22
CA ILE A 30 -6.53 -4.49 0.33
C ILE A 30 -6.42 -4.43 1.86
N LEU A 31 -6.17 -3.24 2.39
CA LEU A 31 -6.05 -3.04 3.85
C LEU A 31 -7.35 -3.43 4.57
N ALA A 32 -8.46 -3.33 3.86
CA ALA A 32 -9.76 -3.68 4.42
C ALA A 32 -9.90 -5.20 4.57
N LYS A 33 -9.24 -5.95 3.69
CA LYS A 33 -9.36 -7.42 3.68
C LYS A 33 -8.09 -8.10 4.23
N PHE A 34 -6.94 -7.90 3.57
CA PHE A 34 -5.69 -8.53 4.02
C PHE A 34 -5.07 -7.77 5.18
N GLY A 35 -5.18 -6.45 5.14
CA GLY A 35 -4.59 -5.62 6.18
C GLY A 35 -5.20 -5.89 7.55
N GLN A 36 -4.49 -6.63 8.38
CA GLN A 36 -4.97 -6.97 9.72
C GLN A 36 -4.80 -5.76 10.65
N LEU A 37 -5.65 -4.77 10.43
CA LEU A 37 -5.65 -3.56 11.22
C LEU A 37 -6.59 -3.73 12.41
N PRO A 38 -6.16 -3.33 13.63
CA PRO A 38 -6.99 -3.47 14.84
C PRO A 38 -8.10 -2.43 14.86
N THR A 39 -7.88 -1.39 14.10
CA THR A 39 -8.78 -0.26 14.02
C THR A 39 -9.48 -0.26 12.66
N PRO A 40 -10.79 0.05 12.62
CA PRO A 40 -11.57 0.05 11.37
C PRO A 40 -10.99 1.01 10.32
N VAL A 41 -10.69 0.48 9.14
CA VAL A 41 -10.12 1.27 8.04
C VAL A 41 -10.98 2.49 7.72
N ASP A 42 -12.26 2.40 8.04
CA ASP A 42 -13.21 3.49 7.79
C ASP A 42 -12.76 4.80 8.47
N THR A 43 -11.97 4.68 9.54
CA THR A 43 -11.52 5.84 10.29
C THR A 43 -10.35 6.53 9.60
N ILE A 44 -9.62 5.79 8.77
CA ILE A 44 -8.47 6.32 8.06
C ILE A 44 -8.79 6.50 6.57
N ALA A 45 -7.80 6.96 5.81
CA ALA A 45 -7.99 7.23 4.39
C ALA A 45 -6.64 7.25 3.68
N ASP A 46 -6.68 7.27 2.35
CA ASP A 46 -5.49 7.29 1.52
C ASP A 46 -4.67 8.58 1.72
N GLU A 47 -5.32 9.60 2.29
CA GLU A 47 -4.66 10.87 2.59
C GLU A 47 -4.34 11.00 4.09
N ALA A 48 -4.63 9.94 4.84
CA ALA A 48 -4.51 10.00 6.31
C ALA A 48 -3.37 9.13 6.81
N ASP A 49 -2.99 9.35 8.07
CA ASP A 49 -1.93 8.59 8.71
C ASP A 49 -2.40 7.16 8.97
N LEU A 50 -2.15 6.26 8.01
CA LEU A 50 -2.56 4.86 8.14
C LEU A 50 -2.01 4.22 9.42
N TYR A 51 -0.73 4.45 9.68
CA TYR A 51 -0.06 3.86 10.82
C TYR A 51 -0.64 4.35 12.15
N ALA A 52 -1.31 5.50 12.13
CA ALA A 52 -1.96 6.03 13.33
C ALA A 52 -3.03 5.05 13.83
N ALA A 53 -3.66 4.34 12.89
CA ALA A 53 -4.69 3.35 13.20
C ALA A 53 -4.06 2.05 13.72
N GLY A 54 -2.75 2.06 13.88
CA GLY A 54 -2.05 0.94 14.47
C GLY A 54 -1.57 -0.05 13.43
N LEU A 55 -1.37 0.43 12.20
CA LEU A 55 -0.88 -0.40 11.11
C LEU A 55 0.50 -0.96 11.47
N SER A 56 0.54 -2.24 11.79
CA SER A 56 1.78 -2.92 12.16
C SER A 56 2.29 -3.73 10.98
N SER A 57 3.59 -4.08 11.01
CA SER A 57 4.24 -4.81 9.94
C SER A 57 3.42 -6.02 9.49
N PHE A 58 2.86 -6.75 10.46
CA PHE A 58 2.07 -7.96 10.17
C PHE A 58 0.92 -7.65 9.22
N ALA A 59 0.30 -6.49 9.38
CA ALA A 59 -0.79 -6.08 8.52
C ALA A 59 -0.25 -5.54 7.18
N SER A 60 0.87 -4.83 7.27
CA SER A 60 1.49 -4.20 6.11
C SER A 60 2.02 -5.26 5.12
N VAL A 61 2.54 -6.36 5.64
CA VAL A 61 3.12 -7.40 4.79
C VAL A 61 2.03 -8.09 3.97
N GLN A 62 0.87 -8.31 4.59
CA GLN A 62 -0.25 -8.93 3.89
C GLN A 62 -0.72 -8.01 2.78
N LEU A 63 -0.65 -6.71 3.04
CA LEU A 63 -0.91 -5.69 2.04
C LEU A 63 -0.01 -5.91 0.82
N MET A 64 1.25 -6.26 1.08
CA MET A 64 2.23 -6.42 -0.01
C MET A 64 1.91 -7.65 -0.85
N LEU A 65 1.82 -8.80 -0.21
CA LEU A 65 1.60 -10.08 -0.90
C LEU A 65 0.32 -10.05 -1.73
N GLY A 66 -0.77 -9.59 -1.13
CA GLY A 66 -2.04 -9.58 -1.81
C GLY A 66 -2.06 -8.60 -2.97
N ILE A 67 -1.39 -7.47 -2.78
CA ILE A 67 -1.32 -6.44 -3.82
C ILE A 67 -0.42 -6.86 -4.97
N GLU A 68 0.64 -7.63 -4.65
CA GLU A 68 1.54 -8.15 -5.67
C GLU A 68 0.76 -8.99 -6.68
N GLU A 69 0.05 -9.98 -6.16
CA GLU A 69 -0.75 -10.87 -6.99
C GLU A 69 -1.95 -10.14 -7.58
N ALA A 70 -2.42 -9.10 -6.86
CA ALA A 70 -3.59 -8.35 -7.28
C ALA A 70 -3.43 -7.73 -8.67
N PHE A 71 -2.33 -7.00 -8.91
CA PHE A 71 -2.14 -6.36 -10.21
C PHE A 71 -0.80 -6.66 -10.88
N ASP A 72 0.28 -6.84 -10.11
CA ASP A 72 1.61 -7.08 -10.71
C ASP A 72 2.70 -7.31 -9.66
N ILE A 73 3.06 -6.26 -8.92
CA ILE A 73 4.16 -6.34 -7.94
C ILE A 73 3.79 -5.64 -6.62
N GLU A 74 4.68 -5.75 -5.64
CA GLU A 74 4.52 -5.08 -4.36
C GLU A 74 5.52 -3.94 -4.22
N PHE A 75 5.33 -3.11 -3.21
CA PHE A 75 6.11 -1.90 -3.03
C PHE A 75 7.60 -2.20 -2.78
N PRO A 76 8.50 -1.60 -3.59
CA PRO A 76 9.95 -1.82 -3.46
C PRO A 76 10.55 -1.15 -2.21
N ASP A 77 11.68 -1.68 -1.76
CA ASP A 77 12.37 -1.19 -0.57
C ASP A 77 12.62 0.31 -0.63
N ASN A 78 12.85 0.81 -1.85
CA ASN A 78 13.18 2.21 -2.09
C ASN A 78 12.13 3.16 -1.54
N LEU A 79 10.91 2.67 -1.31
CA LEU A 79 9.85 3.51 -0.77
C LEU A 79 9.19 2.90 0.48
N LEU A 80 9.61 1.70 0.86
CA LEU A 80 9.06 1.04 2.05
C LEU A 80 9.35 1.87 3.31
N ASN A 81 10.50 2.53 3.31
CA ASN A 81 10.91 3.37 4.45
C ASN A 81 10.56 4.84 4.21
N ARG A 82 9.83 5.11 3.13
CA ARG A 82 9.39 6.48 2.80
C ARG A 82 7.99 6.74 3.36
N LYS A 83 7.62 8.02 3.43
CA LYS A 83 6.31 8.45 3.90
C LYS A 83 5.20 8.05 2.91
N SER A 84 5.62 7.53 1.76
CA SER A 84 4.72 7.14 0.67
C SER A 84 3.45 6.41 1.17
N PHE A 85 3.61 5.57 2.20
CA PHE A 85 2.49 4.80 2.73
C PHE A 85 1.45 5.70 3.41
N ALA A 86 1.91 6.78 4.01
CA ALA A 86 1.01 7.73 4.67
C ALA A 86 0.22 8.53 3.65
N SER A 87 0.73 8.56 2.42
CA SER A 87 0.08 9.25 1.32
C SER A 87 -0.09 8.31 0.13
N ILE A 88 -1.15 7.49 0.19
CA ILE A 88 -1.38 6.48 -0.84
C ILE A 88 -1.48 7.12 -2.23
N LYS A 89 -2.07 8.31 -2.30
CA LYS A 89 -2.17 9.04 -3.56
C LYS A 89 -0.79 9.29 -4.17
N ALA A 90 0.23 9.40 -3.32
CA ALA A 90 1.60 9.62 -3.77
C ALA A 90 2.24 8.30 -4.20
N ILE A 91 2.08 7.27 -3.36
CA ILE A 91 2.70 5.98 -3.63
C ILE A 91 2.13 5.33 -4.88
N GLU A 92 0.86 5.57 -5.16
CA GLU A 92 0.20 5.00 -6.34
C GLU A 92 0.87 5.51 -7.61
N ASP A 93 1.19 6.80 -7.63
CA ASP A 93 1.85 7.41 -8.77
C ASP A 93 3.24 6.82 -8.92
N THR A 94 3.86 6.52 -7.79
CA THR A 94 5.21 5.98 -7.77
C THR A 94 5.23 4.53 -8.29
N VAL A 95 4.23 3.73 -7.90
CA VAL A 95 4.17 2.33 -8.35
C VAL A 95 3.79 2.28 -9.83
N LYS A 96 3.01 3.26 -10.28
CA LYS A 96 2.69 3.42 -11.69
C LYS A 96 3.96 3.63 -12.51
N LEU A 97 4.94 4.33 -11.91
CA LEU A 97 6.24 4.54 -12.53
C LEU A 97 6.98 3.22 -12.67
N ILE A 98 6.77 2.31 -11.71
CA ILE A 98 7.37 0.98 -11.76
C ILE A 98 6.86 0.23 -13.00
N LEU A 99 5.53 0.18 -13.14
CA LEU A 99 4.89 -0.45 -14.29
C LEU A 99 5.35 0.19 -15.60
N ASP A 100 5.66 1.48 -15.52
CA ASP A 100 6.10 2.24 -16.69
C ASP A 100 7.49 1.80 -17.16
N GLY A 101 8.30 1.31 -16.23
CA GLY A 101 9.66 0.91 -16.56
C GLY A 101 10.13 -0.27 -15.74
N LYS A 102 9.52 -1.43 -15.99
CA LYS A 102 9.92 -2.67 -15.30
C LYS A 102 11.13 -3.29 -15.96
N GLU A 103 11.07 -3.33 -17.30
CA GLU A 103 12.09 -3.97 -18.13
C GLU A 103 11.97 -5.50 -18.02
N ALA A 104 10.79 -5.94 -17.62
CA ALA A 104 10.51 -7.37 -17.50
C ALA A 104 10.27 -7.96 -18.89
N ALA A 105 11.36 -8.25 -19.58
CA ALA A 105 11.31 -8.76 -20.94
C ALA A 105 11.59 -10.26 -20.95
N MET A 23 -5.75 0.70 -9.74
CA MET A 23 -4.56 0.26 -8.96
C MET A 23 -4.37 1.15 -7.72
N ASN A 24 -4.63 2.46 -7.87
CA ASN A 24 -4.42 3.42 -6.80
C ASN A 24 -5.28 3.10 -5.58
N ALA A 25 -6.56 2.82 -5.82
CA ALA A 25 -7.51 2.52 -4.75
C ALA A 25 -7.30 1.10 -4.25
N THR A 26 -6.88 0.23 -5.17
CA THR A 26 -6.59 -1.17 -4.87
C THR A 26 -5.63 -1.29 -3.68
N ILE A 27 -4.66 -0.38 -3.65
CA ILE A 27 -3.63 -0.35 -2.61
C ILE A 27 -4.24 -0.29 -1.21
N ARG A 28 -5.02 0.76 -0.92
CA ARG A 28 -5.62 0.91 0.40
C ARG A 28 -6.79 -0.06 0.58
N GLU A 29 -7.37 -0.50 -0.53
CA GLU A 29 -8.49 -1.44 -0.52
C GLU A 29 -8.08 -2.75 0.16
N ILE A 30 -6.87 -3.23 -0.13
CA ILE A 30 -6.43 -4.52 0.39
C ILE A 30 -6.39 -4.52 1.92
N LEU A 31 -6.09 -3.36 2.51
CA LEU A 31 -6.03 -3.21 3.96
C LEU A 31 -7.33 -3.67 4.61
N ALA A 32 -8.43 -3.60 3.87
CA ALA A 32 -9.74 -4.01 4.37
C ALA A 32 -9.86 -5.55 4.42
N LYS A 33 -9.15 -6.23 3.51
CA LYS A 33 -9.29 -7.69 3.36
C LYS A 33 -8.06 -8.43 3.91
N PHE A 34 -6.87 -8.06 3.48
CA PHE A 34 -5.63 -8.69 3.96
C PHE A 34 -4.94 -7.86 5.04
N GLY A 35 -5.36 -6.61 5.17
CA GLY A 35 -4.76 -5.72 6.15
C GLY A 35 -5.06 -6.14 7.57
N GLN A 36 -4.01 -6.48 8.30
CA GLN A 36 -4.14 -6.91 9.71
C GLN A 36 -4.25 -5.69 10.62
N LEU A 37 -5.10 -4.74 10.24
CA LEU A 37 -5.29 -3.50 10.99
C LEU A 37 -6.34 -3.73 12.08
N PRO A 38 -6.05 -3.38 13.35
CA PRO A 38 -6.99 -3.58 14.46
C PRO A 38 -8.13 -2.57 14.39
N THR A 39 -7.91 -1.53 13.63
CA THR A 39 -8.82 -0.41 13.51
C THR A 39 -9.49 -0.43 12.13
N PRO A 40 -10.79 -0.08 12.04
CA PRO A 40 -11.53 -0.10 10.77
C PRO A 40 -10.90 0.81 9.70
N VAL A 41 -10.65 0.26 8.52
CA VAL A 41 -10.04 0.99 7.41
C VAL A 41 -10.89 2.19 6.99
N ASP A 42 -12.17 2.15 7.36
CA ASP A 42 -13.09 3.26 7.09
C ASP A 42 -12.59 4.57 7.72
N THR A 43 -11.87 4.46 8.83
CA THR A 43 -11.42 5.63 9.57
C THR A 43 -10.24 6.31 8.85
N ILE A 44 -9.49 5.54 8.07
CA ILE A 44 -8.34 6.06 7.34
C ILE A 44 -8.70 6.30 5.88
N ALA A 45 -7.81 6.95 5.13
CA ALA A 45 -8.09 7.36 3.76
C ALA A 45 -6.82 7.77 3.05
N ASP A 46 -6.95 8.26 1.82
CA ASP A 46 -5.81 8.64 0.99
C ASP A 46 -4.93 9.67 1.70
N GLU A 47 -5.56 10.66 2.33
CA GLU A 47 -4.84 11.75 2.99
C GLU A 47 -4.83 11.58 4.51
N ALA A 48 -5.39 10.48 4.99
CA ALA A 48 -5.45 10.22 6.43
C ALA A 48 -4.33 9.26 6.82
N ASP A 49 -3.46 9.72 7.71
CA ASP A 49 -2.27 8.96 8.14
C ASP A 49 -2.66 7.58 8.68
N LEU A 50 -2.46 6.56 7.83
CA LEU A 50 -2.88 5.18 8.12
C LEU A 50 -2.24 4.64 9.40
N TYR A 51 -0.96 4.95 9.60
CA TYR A 51 -0.21 4.41 10.73
C TYR A 51 -0.86 4.79 12.07
N ALA A 52 -1.56 5.92 12.09
CA ALA A 52 -2.22 6.40 13.30
C ALA A 52 -3.26 5.39 13.79
N ALA A 53 -3.88 4.67 12.85
CA ALA A 53 -4.89 3.68 13.17
C ALA A 53 -4.26 2.46 13.84
N GLY A 54 -2.94 2.36 13.73
CA GLY A 54 -2.23 1.23 14.30
C GLY A 54 -1.72 0.28 13.24
N LEU A 55 -1.13 0.84 12.18
CA LEU A 55 -0.60 0.05 11.08
C LEU A 55 0.62 -0.74 11.55
N SER A 56 0.48 -2.05 11.60
CA SER A 56 1.54 -2.94 12.04
C SER A 56 2.34 -3.46 10.84
N SER A 57 3.60 -3.79 11.09
CA SER A 57 4.48 -4.36 10.06
C SER A 57 3.89 -5.67 9.54
N PHE A 58 3.18 -6.38 10.41
CA PHE A 58 2.50 -7.61 10.04
C PHE A 58 1.36 -7.32 9.07
N ALA A 59 0.79 -6.13 9.18
CA ALA A 59 -0.29 -5.70 8.30
C ALA A 59 0.27 -5.26 6.96
N SER A 60 1.40 -4.55 6.99
CA SER A 60 2.02 -4.02 5.78
C SER A 60 2.59 -5.13 4.90
N VAL A 61 3.18 -6.15 5.52
CA VAL A 61 3.75 -7.26 4.77
C VAL A 61 2.64 -8.07 4.09
N GLN A 62 1.57 -8.37 4.83
CA GLN A 62 0.43 -9.08 4.27
C GLN A 62 -0.21 -8.23 3.16
N LEU A 63 -0.16 -6.91 3.35
CA LEU A 63 -0.66 -5.96 2.37
C LEU A 63 0.10 -6.10 1.05
N MET A 64 1.44 -6.07 1.10
CA MET A 64 2.24 -6.12 -0.11
C MET A 64 2.16 -7.50 -0.77
N LEU A 65 2.13 -8.55 0.04
CA LEU A 65 2.04 -9.92 -0.47
C LEU A 65 0.73 -10.12 -1.23
N GLY A 66 -0.37 -9.66 -0.65
CA GLY A 66 -1.67 -9.78 -1.30
C GLY A 66 -1.80 -8.83 -2.47
N ILE A 67 -1.19 -7.66 -2.36
CA ILE A 67 -1.20 -6.65 -3.41
C ILE A 67 -0.42 -7.14 -4.64
N GLU A 68 0.58 -7.99 -4.39
CA GLU A 68 1.39 -8.57 -5.46
C GLU A 68 0.50 -9.26 -6.49
N GLU A 69 -0.33 -10.19 -6.04
CA GLU A 69 -1.26 -10.89 -6.92
C GLU A 69 -2.40 -9.96 -7.36
N ALA A 70 -2.73 -9.01 -6.48
CA ALA A 70 -3.88 -8.14 -6.69
C ALA A 70 -3.85 -7.45 -8.05
N PHE A 71 -2.72 -6.83 -8.42
CA PHE A 71 -2.63 -6.19 -9.74
C PHE A 71 -1.40 -6.58 -10.54
N ASP A 72 -0.25 -6.84 -9.87
CA ASP A 72 0.98 -7.17 -10.62
C ASP A 72 2.15 -7.49 -9.67
N ILE A 73 2.61 -6.50 -8.91
CA ILE A 73 3.76 -6.68 -7.99
C ILE A 73 3.51 -6.01 -6.66
N GLU A 74 4.46 -6.18 -5.74
CA GLU A 74 4.43 -5.52 -4.44
C GLU A 74 5.44 -4.38 -4.39
N PHE A 75 5.32 -3.56 -3.35
CA PHE A 75 6.10 -2.34 -3.22
C PHE A 75 7.58 -2.63 -3.01
N PRO A 76 8.46 -1.98 -3.80
CA PRO A 76 9.91 -2.15 -3.69
C PRO A 76 10.52 -1.34 -2.54
N ASP A 77 11.70 -1.78 -2.09
CA ASP A 77 12.37 -1.20 -0.92
C ASP A 77 12.56 0.31 -1.07
N ASN A 78 12.79 0.77 -2.29
CA ASN A 78 13.08 2.19 -2.56
C ASN A 78 11.98 3.11 -2.04
N LEU A 79 10.75 2.60 -1.89
CA LEU A 79 9.64 3.45 -1.46
C LEU A 79 9.00 2.96 -0.16
N LEU A 80 9.47 1.83 0.36
CA LEU A 80 8.89 1.25 1.58
C LEU A 80 9.02 2.20 2.77
N ASN A 81 10.27 2.56 3.10
CA ASN A 81 10.54 3.47 4.22
C ASN A 81 10.34 4.92 3.78
N ARG A 82 9.09 5.29 3.53
CA ARG A 82 8.73 6.65 3.09
C ARG A 82 7.33 7.00 3.58
N LYS A 83 6.87 8.18 3.16
CA LYS A 83 5.51 8.64 3.46
C LYS A 83 4.47 7.83 2.68
N SER A 84 4.95 6.97 1.79
CA SER A 84 4.11 6.16 0.91
C SER A 84 2.87 5.60 1.62
N PHE A 85 3.09 4.76 2.64
CA PHE A 85 2.00 4.12 3.36
C PHE A 85 1.23 5.12 4.23
N ALA A 86 1.77 6.32 4.36
CA ALA A 86 1.12 7.38 5.13
C ALA A 86 0.28 8.28 4.23
N SER A 87 0.48 8.16 2.92
CA SER A 87 -0.25 8.96 1.94
C SER A 87 -0.49 8.15 0.66
N ILE A 88 -1.70 7.61 0.54
CA ILE A 88 -2.04 6.73 -0.58
C ILE A 88 -1.87 7.44 -1.92
N LYS A 89 -2.31 8.70 -1.99
CA LYS A 89 -2.20 9.48 -3.23
C LYS A 89 -0.73 9.59 -3.69
N ALA A 90 0.20 9.49 -2.74
CA ALA A 90 1.62 9.58 -3.06
C ALA A 90 2.13 8.22 -3.57
N ILE A 91 1.88 7.16 -2.81
CA ILE A 91 2.39 5.83 -3.13
C ILE A 91 1.83 5.32 -4.46
N GLU A 92 0.59 5.70 -4.76
CA GLU A 92 -0.08 5.25 -5.98
C GLU A 92 0.67 5.75 -7.21
N ASP A 93 1.33 6.90 -7.07
CA ASP A 93 2.08 7.49 -8.18
C ASP A 93 3.39 6.73 -8.41
N THR A 94 4.14 6.55 -7.33
CA THR A 94 5.46 5.93 -7.40
C THR A 94 5.39 4.50 -7.96
N VAL A 95 4.35 3.76 -7.59
CA VAL A 95 4.20 2.38 -8.03
C VAL A 95 3.97 2.31 -9.54
N LYS A 96 3.35 3.34 -10.11
CA LYS A 96 3.09 3.40 -11.55
C LYS A 96 4.39 3.39 -12.35
N LEU A 97 5.43 4.00 -11.76
CA LEU A 97 6.74 4.06 -12.39
C LEU A 97 7.29 2.65 -12.64
N ILE A 98 6.90 1.72 -11.77
CA ILE A 98 7.30 0.33 -11.91
C ILE A 98 6.66 -0.27 -13.16
N LEU A 99 5.33 -0.13 -13.25
CA LEU A 99 4.56 -0.66 -14.38
C LEU A 99 4.99 0.01 -15.69
N ASP A 100 5.44 1.25 -15.58
CA ASP A 100 5.90 2.02 -16.74
C ASP A 100 7.13 1.39 -17.37
N GLY A 101 7.92 0.68 -16.57
CA GLY A 101 9.13 0.07 -17.08
C GLY A 101 9.57 -1.13 -16.25
N LYS A 102 8.72 -2.16 -16.22
CA LYS A 102 9.07 -3.39 -15.49
C LYS A 102 10.25 -4.08 -16.14
N GLU A 103 10.01 -4.65 -17.32
CA GLU A 103 11.00 -5.45 -18.05
C GLU A 103 11.45 -6.64 -17.20
N ALA A 104 10.66 -6.95 -16.19
CA ALA A 104 10.92 -8.10 -15.32
C ALA A 104 10.33 -9.35 -15.94
N ALA A 105 11.18 -10.18 -16.52
CA ALA A 105 10.76 -11.41 -17.17
C ALA A 105 11.78 -12.52 -16.92
N MET A 23 -5.99 -0.04 -9.11
CA MET A 23 -4.67 -0.04 -8.44
C MET A 23 -4.65 0.93 -7.26
N ASN A 24 -4.88 2.22 -7.54
CA ASN A 24 -4.76 3.27 -6.52
C ASN A 24 -5.68 3.00 -5.33
N ALA A 25 -6.94 2.66 -5.61
CA ALA A 25 -7.89 2.33 -4.56
C ALA A 25 -7.64 0.91 -4.05
N THR A 26 -7.19 0.07 -4.96
CA THR A 26 -6.85 -1.32 -4.66
C THR A 26 -5.89 -1.40 -3.47
N ILE A 27 -4.93 -0.48 -3.44
CA ILE A 27 -3.95 -0.40 -2.37
C ILE A 27 -4.63 -0.34 -1.01
N ARG A 28 -5.45 0.69 -0.78
CA ARG A 28 -6.11 0.85 0.51
C ARG A 28 -7.19 -0.22 0.71
N GLU A 29 -7.70 -0.74 -0.39
CA GLU A 29 -8.74 -1.76 -0.38
C GLU A 29 -8.22 -3.04 0.26
N ILE A 30 -6.99 -3.43 -0.07
CA ILE A 30 -6.43 -4.69 0.41
C ILE A 30 -6.28 -4.65 1.94
N LEU A 31 -5.99 -3.47 2.50
CA LEU A 31 -5.80 -3.33 3.94
C LEU A 31 -7.03 -3.80 4.72
N ALA A 32 -8.20 -3.68 4.09
CA ALA A 32 -9.46 -4.06 4.75
C ALA A 32 -9.62 -5.58 4.81
N LYS A 33 -9.06 -6.28 3.83
CA LYS A 33 -9.28 -7.73 3.69
C LYS A 33 -8.01 -8.55 3.99
N PHE A 34 -6.85 -7.89 4.03
CA PHE A 34 -5.59 -8.58 4.34
C PHE A 34 -4.81 -7.86 5.45
N GLY A 35 -4.88 -6.53 5.45
CA GLY A 35 -4.13 -5.74 6.41
C GLY A 35 -4.57 -5.99 7.85
N GLN A 36 -3.62 -6.37 8.70
CA GLN A 36 -3.89 -6.61 10.12
C GLN A 36 -4.01 -5.29 10.88
N LEU A 37 -5.02 -4.51 10.52
CA LEU A 37 -5.30 -3.23 11.16
C LEU A 37 -6.34 -3.43 12.28
N PRO A 38 -6.07 -2.89 13.49
CA PRO A 38 -7.00 -3.02 14.62
C PRO A 38 -8.19 -2.11 14.47
N THR A 39 -8.06 -1.18 13.53
CA THR A 39 -9.08 -0.19 13.23
C THR A 39 -9.68 -0.49 11.86
N PRO A 40 -11.00 -0.31 11.69
CA PRO A 40 -11.66 -0.54 10.39
C PRO A 40 -11.15 0.44 9.33
N VAL A 41 -10.62 -0.10 8.23
CA VAL A 41 -10.07 0.72 7.14
C VAL A 41 -11.15 1.65 6.56
N ASP A 42 -12.41 1.31 6.81
CA ASP A 42 -13.55 2.13 6.38
C ASP A 42 -13.45 3.56 6.92
N THR A 43 -12.79 3.73 8.07
CA THR A 43 -12.72 5.04 8.72
C THR A 43 -11.53 5.87 8.20
N ILE A 44 -10.51 5.20 7.66
CA ILE A 44 -9.32 5.89 7.16
C ILE A 44 -9.42 6.11 5.65
N ALA A 45 -8.45 6.84 5.10
CA ALA A 45 -8.45 7.19 3.68
C ALA A 45 -7.01 7.48 3.21
N ASP A 46 -6.87 7.96 1.98
CA ASP A 46 -5.55 8.09 1.34
C ASP A 46 -4.72 9.21 1.96
N GLU A 47 -5.37 10.26 2.47
CA GLU A 47 -4.67 11.36 3.12
C GLU A 47 -4.67 11.22 4.63
N ALA A 48 -5.27 10.13 5.11
CA ALA A 48 -5.33 9.86 6.53
C ALA A 48 -4.05 9.15 6.97
N ASP A 49 -3.71 9.28 8.23
CA ASP A 49 -2.53 8.63 8.77
C ASP A 49 -2.84 7.18 9.14
N LEU A 50 -2.61 6.27 8.20
CA LEU A 50 -2.91 4.86 8.38
C LEU A 50 -2.24 4.31 9.64
N TYR A 51 -0.99 4.71 9.87
CA TYR A 51 -0.25 4.27 11.04
C TYR A 51 -0.91 4.74 12.33
N ALA A 52 -1.57 5.90 12.27
CA ALA A 52 -2.27 6.45 13.44
C ALA A 52 -3.50 5.62 13.75
N ALA A 53 -4.05 4.97 12.72
CA ALA A 53 -5.17 4.04 12.91
C ALA A 53 -4.66 2.76 13.58
N GLY A 54 -3.35 2.55 13.49
CA GLY A 54 -2.71 1.44 14.17
C GLY A 54 -2.05 0.46 13.22
N LEU A 55 -1.64 0.96 12.05
CA LEU A 55 -1.00 0.14 11.03
C LEU A 55 0.48 -0.06 11.36
N SER A 56 0.87 -1.30 11.64
CA SER A 56 2.26 -1.64 11.89
C SER A 56 2.84 -2.35 10.67
N SER A 57 4.15 -2.62 10.71
CA SER A 57 4.85 -3.20 9.57
C SER A 57 4.25 -4.55 9.15
N PHE A 58 3.65 -5.26 10.11
CA PHE A 58 3.05 -6.56 9.84
C PHE A 58 1.83 -6.42 8.91
N ALA A 59 1.02 -5.40 9.16
CA ALA A 59 -0.16 -5.15 8.34
C ALA A 59 0.24 -4.69 6.95
N SER A 60 1.35 -3.95 6.85
CA SER A 60 1.82 -3.43 5.58
C SER A 60 2.46 -4.53 4.73
N VAL A 61 3.33 -5.33 5.33
CA VAL A 61 4.01 -6.40 4.60
C VAL A 61 3.00 -7.43 4.08
N GLN A 62 1.93 -7.63 4.84
CA GLN A 62 0.87 -8.54 4.44
C GLN A 62 0.14 -7.99 3.21
N LEU A 63 -0.03 -6.67 3.16
CA LEU A 63 -0.75 -6.02 2.06
C LEU A 63 0.07 -6.14 0.76
N MET A 64 1.39 -6.27 0.90
CA MET A 64 2.27 -6.30 -0.26
C MET A 64 2.02 -7.56 -1.10
N LEU A 65 2.14 -8.72 -0.45
CA LEU A 65 2.04 -10.00 -1.15
C LEU A 65 0.66 -10.17 -1.80
N GLY A 66 -0.37 -9.60 -1.17
CA GLY A 66 -1.71 -9.66 -1.72
C GLY A 66 -1.86 -8.72 -2.89
N ILE A 67 -1.27 -7.54 -2.77
CA ILE A 67 -1.31 -6.53 -3.82
C ILE A 67 -0.46 -6.96 -5.02
N GLU A 68 0.56 -7.78 -4.74
CA GLU A 68 1.42 -8.32 -5.79
C GLU A 68 0.59 -9.08 -6.83
N GLU A 69 -0.17 -10.05 -6.34
CA GLU A 69 -1.02 -10.86 -7.20
C GLU A 69 -2.20 -10.04 -7.71
N ALA A 70 -2.62 -9.05 -6.91
CA ALA A 70 -3.81 -8.25 -7.20
C ALA A 70 -3.78 -7.63 -8.60
N PHE A 71 -2.68 -6.95 -8.96
CA PHE A 71 -2.61 -6.31 -10.28
C PHE A 71 -1.36 -6.66 -11.08
N ASP A 72 -0.22 -6.88 -10.39
CA ASP A 72 1.05 -7.17 -11.10
C ASP A 72 2.20 -7.40 -10.10
N ILE A 73 2.59 -6.33 -9.39
CA ILE A 73 3.69 -6.41 -8.43
C ILE A 73 3.34 -5.69 -7.12
N GLU A 74 4.26 -5.75 -6.17
CA GLU A 74 4.10 -5.11 -4.87
C GLU A 74 5.09 -3.97 -4.69
N PHE A 75 4.90 -3.19 -3.64
CA PHE A 75 5.77 -2.07 -3.33
C PHE A 75 7.19 -2.56 -3.04
N PRO A 76 8.16 -2.14 -3.87
CA PRO A 76 9.56 -2.58 -3.75
C PRO A 76 10.23 -2.03 -2.50
N ASP A 77 11.22 -2.77 -2.02
CA ASP A 77 11.95 -2.43 -0.80
C ASP A 77 12.55 -1.02 -0.88
N ASN A 78 12.79 -0.56 -2.10
CA ASN A 78 13.39 0.76 -2.33
C ASN A 78 12.52 1.89 -1.80
N LEU A 79 11.19 1.72 -1.89
CA LEU A 79 10.27 2.75 -1.40
C LEU A 79 9.55 2.29 -0.14
N LEU A 80 9.83 1.05 0.28
CA LEU A 80 9.21 0.47 1.46
C LEU A 80 9.63 1.28 2.69
N ASN A 81 8.84 2.30 3.00
CA ASN A 81 9.13 3.21 4.10
C ASN A 81 7.83 3.82 4.62
N ARG A 82 7.83 4.19 5.90
CA ARG A 82 6.65 4.77 6.55
C ARG A 82 6.06 5.89 5.69
N LYS A 83 6.93 6.71 5.10
CA LYS A 83 6.52 7.88 4.32
C LYS A 83 5.53 7.51 3.22
N SER A 84 5.86 6.48 2.46
CA SER A 84 5.04 6.07 1.31
C SER A 84 3.64 5.63 1.76
N PHE A 85 3.58 4.81 2.79
CA PHE A 85 2.32 4.30 3.30
C PHE A 85 1.57 5.37 4.10
N ALA A 86 2.30 6.41 4.51
CA ALA A 86 1.73 7.51 5.27
C ALA A 86 0.94 8.47 4.37
N SER A 87 1.11 8.30 3.06
CA SER A 87 0.41 9.12 2.07
C SER A 87 0.11 8.29 0.83
N ILE A 88 -1.07 7.67 0.81
CA ILE A 88 -1.44 6.76 -0.27
C ILE A 88 -1.40 7.46 -1.63
N LYS A 89 -1.91 8.70 -1.67
CA LYS A 89 -1.90 9.48 -2.91
C LYS A 89 -0.49 9.61 -3.50
N ALA A 90 0.53 9.56 -2.64
CA ALA A 90 1.91 9.66 -3.08
C ALA A 90 2.43 8.32 -3.59
N ILE A 91 2.13 7.26 -2.85
CA ILE A 91 2.64 5.92 -3.17
C ILE A 91 1.94 5.34 -4.41
N GLU A 92 0.66 5.69 -4.59
CA GLU A 92 -0.12 5.18 -5.72
C GLU A 92 0.49 5.63 -7.04
N ASP A 93 1.11 6.81 -7.04
CA ASP A 93 1.80 7.32 -8.21
C ASP A 93 3.14 6.60 -8.39
N THR A 94 3.84 6.42 -7.28
CA THR A 94 5.17 5.83 -7.31
C THR A 94 5.13 4.37 -7.78
N VAL A 95 4.04 3.66 -7.49
CA VAL A 95 3.90 2.28 -7.94
C VAL A 95 3.66 2.23 -9.45
N LYS A 96 3.03 3.28 -9.98
CA LYS A 96 2.79 3.40 -11.42
C LYS A 96 4.11 3.56 -12.17
N LEU A 97 5.10 4.14 -11.48
CA LEU A 97 6.45 4.27 -12.02
C LEU A 97 7.05 2.90 -12.30
N ILE A 98 6.64 1.91 -11.51
CA ILE A 98 7.08 0.54 -11.72
C ILE A 98 6.50 0.02 -13.04
N LEU A 99 5.21 0.26 -13.24
CA LEU A 99 4.53 -0.13 -14.48
C LEU A 99 5.15 0.60 -15.66
N ASP A 100 5.62 1.82 -15.40
CA ASP A 100 6.32 2.61 -16.41
C ASP A 100 7.68 2.00 -16.73
N GLY A 101 8.28 1.34 -15.74
CA GLY A 101 9.60 0.77 -15.90
C GLY A 101 9.58 -0.76 -15.99
N LYS A 102 8.49 -1.31 -16.49
CA LYS A 102 8.40 -2.76 -16.70
C LYS A 102 9.22 -3.16 -17.92
N GLU A 103 8.76 -2.71 -19.09
CA GLU A 103 9.45 -2.96 -20.36
C GLU A 103 9.63 -4.46 -20.60
N ALA A 104 8.58 -5.10 -21.11
CA ALA A 104 8.61 -6.52 -21.43
C ALA A 104 7.84 -6.77 -22.73
N ALA A 105 8.58 -6.85 -23.84
CA ALA A 105 7.98 -7.05 -25.15
C ALA A 105 8.74 -8.09 -25.95
#